data_2EKX
#
_entry.id   2EKX
#
_entity_poly.entity_id   1
_entity_poly.type   'polypeptide(L)'
_entity_poly.pdbx_seq_one_letter_code
;GSSGSSGLDDYDWFAGNISRSQSEQLLRQKGKEGAFMVRNSSQVGMYTVSLFSKAVNDKKGTVKHYHVHTNAENKLYLAE
NYCFDSIPKLIHYHQHNSAGMITRLRHPVS
;
_entity_poly.pdbx_strand_id   A
#
# COMPACT_ATOMS: atom_id res chain seq x y z
N GLY A 1 6.00 19.24 -12.69
CA GLY A 1 6.63 18.47 -11.65
C GLY A 1 7.88 17.75 -12.13
N SER A 2 7.68 16.62 -12.80
CA SER A 2 8.79 15.83 -13.32
C SER A 2 9.98 15.87 -12.35
N SER A 3 9.69 15.76 -11.06
CA SER A 3 10.73 15.78 -10.05
C SER A 3 10.91 14.40 -9.42
N GLY A 4 11.90 13.67 -9.92
CA GLY A 4 12.17 12.34 -9.41
C GLY A 4 12.10 11.27 -10.48
N SER A 5 12.96 10.28 -10.38
CA SER A 5 12.99 9.18 -11.36
C SER A 5 13.03 7.83 -10.66
N SER A 6 12.13 6.95 -11.07
CA SER A 6 12.04 5.62 -10.48
C SER A 6 12.30 5.67 -8.98
N GLY A 7 11.97 6.80 -8.37
CA GLY A 7 12.17 6.96 -6.94
C GLY A 7 10.88 6.76 -6.14
N LEU A 8 10.82 5.65 -5.42
CA LEU A 8 9.64 5.33 -4.61
C LEU A 8 9.60 6.19 -3.35
N ASP A 9 10.75 6.36 -2.73
CA ASP A 9 10.85 7.16 -1.50
C ASP A 9 10.13 8.50 -1.69
N ASP A 10 10.16 9.02 -2.90
CA ASP A 10 9.53 10.30 -3.20
C ASP A 10 8.15 10.38 -2.57
N TYR A 11 7.22 9.57 -3.07
CA TYR A 11 5.86 9.55 -2.57
C TYR A 11 5.85 9.51 -1.03
N ASP A 12 4.67 9.68 -0.46
CA ASP A 12 4.53 9.66 1.00
C ASP A 12 4.07 8.29 1.49
N TRP A 13 3.01 7.77 0.87
CA TRP A 13 2.48 6.47 1.24
C TRP A 13 3.60 5.43 1.35
N PHE A 14 4.52 5.46 0.40
CA PHE A 14 5.64 4.52 0.40
C PHE A 14 6.50 4.71 1.64
N ALA A 15 6.26 3.88 2.65
CA ALA A 15 7.02 3.95 3.89
C ALA A 15 8.38 3.29 3.74
N GLY A 16 8.44 2.21 2.96
CA GLY A 16 9.69 1.51 2.75
C GLY A 16 9.94 0.43 3.79
N ASN A 17 11.21 0.12 4.02
CA ASN A 17 11.58 -0.90 4.99
C ASN A 17 11.06 -0.54 6.38
N ILE A 18 9.99 -1.23 6.80
CA ILE A 18 9.40 -0.98 8.11
C ILE A 18 9.05 -2.29 8.81
N SER A 19 9.21 -2.31 10.12
CA SER A 19 8.91 -3.50 10.92
C SER A 19 7.40 -3.64 11.14
N ARG A 20 6.91 -4.86 11.02
CA ARG A 20 5.49 -5.13 11.22
C ARG A 20 4.95 -4.38 12.44
N SER A 21 5.80 -4.22 13.44
CA SER A 21 5.42 -3.52 14.67
C SER A 21 5.28 -2.01 14.42
N GLN A 22 6.15 -1.49 13.57
CA GLN A 22 6.13 -0.07 13.24
C GLN A 22 4.92 0.28 12.38
N SER A 23 4.85 -0.33 11.20
CA SER A 23 3.74 -0.08 10.28
C SER A 23 2.44 0.16 11.05
N GLU A 24 2.20 -0.66 12.06
CA GLU A 24 0.99 -0.53 12.88
C GLU A 24 1.01 0.76 13.68
N GLN A 25 2.01 0.90 14.55
CA GLN A 25 2.14 2.09 15.38
C GLN A 25 1.99 3.35 14.55
N LEU A 26 2.69 3.40 13.42
CA LEU A 26 2.63 4.55 12.52
C LEU A 26 1.25 4.70 11.91
N LEU A 27 0.59 3.58 11.64
CA LEU A 27 -0.74 3.58 11.06
C LEU A 27 -1.79 3.93 12.11
N ARG A 28 -1.48 3.67 13.37
CA ARG A 28 -2.40 3.95 14.46
C ARG A 28 -2.25 5.40 14.93
N GLN A 29 -1.02 5.77 15.30
CA GLN A 29 -0.75 7.12 15.77
C GLN A 29 -1.47 8.15 14.91
N LYS A 30 -1.42 7.95 13.59
CA LYS A 30 -2.08 8.86 12.65
C LYS A 30 -3.49 9.20 13.12
N GLY A 31 -4.21 8.19 13.59
CA GLY A 31 -5.57 8.39 14.06
C GLY A 31 -6.53 8.73 12.92
N LYS A 32 -6.31 8.11 11.77
CA LYS A 32 -7.16 8.34 10.61
C LYS A 32 -7.61 7.02 9.98
N GLU A 33 -8.82 6.58 10.34
CA GLU A 33 -9.35 5.34 9.81
C GLU A 33 -9.36 5.35 8.29
N GLY A 34 -8.60 4.43 7.69
CA GLY A 34 -8.54 4.36 6.24
C GLY A 34 -7.14 4.60 5.71
N ALA A 35 -6.26 5.12 6.56
CA ALA A 35 -4.89 5.39 6.17
C ALA A 35 -4.22 4.15 5.60
N PHE A 36 -3.44 4.33 4.54
CA PHE A 36 -2.74 3.22 3.90
C PHE A 36 -1.24 3.49 3.83
N MET A 37 -0.49 2.48 3.39
CA MET A 37 0.95 2.61 3.26
C MET A 37 1.54 1.46 2.44
N VAL A 38 2.77 1.64 1.98
CA VAL A 38 3.44 0.62 1.18
C VAL A 38 4.85 0.37 1.68
N ARG A 39 5.13 -0.87 2.06
CA ARG A 39 6.45 -1.25 2.57
C ARG A 39 7.08 -2.31 1.68
N ASN A 40 8.41 -2.39 1.71
CA ASN A 40 9.14 -3.36 0.91
C ASN A 40 8.83 -4.78 1.36
N SER A 41 8.85 -5.73 0.42
CA SER A 41 8.57 -7.13 0.71
C SER A 41 9.82 -7.85 1.19
N SER A 42 9.63 -8.93 1.93
CA SER A 42 10.75 -9.71 2.45
C SER A 42 11.82 -9.90 1.38
N GLN A 43 11.41 -10.39 0.22
CA GLN A 43 12.33 -10.62 -0.89
C GLN A 43 12.22 -9.50 -1.93
N VAL A 44 13.36 -9.04 -2.41
CA VAL A 44 13.39 -7.98 -3.42
C VAL A 44 12.49 -8.32 -4.60
N GLY A 45 11.46 -7.50 -4.80
CA GLY A 45 10.53 -7.73 -5.89
C GLY A 45 9.10 -7.41 -5.52
N MET A 46 8.48 -8.29 -4.74
CA MET A 46 7.10 -8.09 -4.32
C MET A 46 6.98 -6.88 -3.39
N TYR A 47 5.75 -6.42 -3.19
CA TYR A 47 5.51 -5.28 -2.32
C TYR A 47 4.31 -5.51 -1.41
N THR A 48 4.45 -5.14 -0.14
CA THR A 48 3.38 -5.32 0.83
C THR A 48 2.66 -4.00 1.10
N VAL A 49 1.41 -3.91 0.66
CA VAL A 49 0.62 -2.70 0.88
C VAL A 49 -0.31 -2.85 2.07
N SER A 50 0.11 -2.32 3.22
CA SER A 50 -0.68 -2.39 4.44
C SER A 50 -1.45 -1.09 4.66
N LEU A 51 -2.62 -1.21 5.28
CA LEU A 51 -3.46 -0.05 5.57
C LEU A 51 -4.41 -0.33 6.72
N PHE A 52 -4.64 0.69 7.55
CA PHE A 52 -5.52 0.55 8.70
C PHE A 52 -6.97 0.83 8.31
N SER A 53 -7.90 0.27 9.07
CA SER A 53 -9.32 0.46 8.81
C SER A 53 -10.17 -0.09 9.96
N LYS A 54 -11.43 0.31 9.98
CA LYS A 54 -12.35 -0.13 11.04
C LYS A 54 -13.67 -0.59 10.43
N ALA A 55 -14.46 -1.33 11.21
CA ALA A 55 -15.75 -1.82 10.76
C ALA A 55 -16.86 -1.38 11.71
N VAL A 56 -18.11 -1.67 11.32
CA VAL A 56 -19.26 -1.32 12.14
C VAL A 56 -19.17 -1.94 13.52
N ASN A 57 -19.19 -3.27 13.57
CA ASN A 57 -19.11 -3.99 14.83
C ASN A 57 -17.67 -4.42 15.12
N ASP A 58 -16.91 -3.53 15.74
CA ASP A 58 -15.52 -3.82 16.08
C ASP A 58 -14.99 -2.83 17.11
N LYS A 59 -14.36 -3.34 18.16
CA LYS A 59 -13.82 -2.50 19.22
C LYS A 59 -12.53 -1.83 18.76
N LYS A 60 -11.62 -2.61 18.20
CA LYS A 60 -10.34 -2.09 17.72
C LYS A 60 -10.11 -2.48 16.27
N GLY A 61 -9.83 -1.49 15.41
CA GLY A 61 -9.60 -1.76 14.01
C GLY A 61 -8.51 -2.79 13.79
N THR A 62 -8.50 -3.40 12.61
CA THR A 62 -7.50 -4.42 12.29
C THR A 62 -6.66 -3.99 11.10
N VAL A 63 -5.34 -4.16 11.21
CA VAL A 63 -4.43 -3.79 10.15
C VAL A 63 -4.36 -4.88 9.08
N LYS A 64 -4.63 -4.50 7.84
CA LYS A 64 -4.60 -5.45 6.72
C LYS A 64 -3.27 -5.36 5.98
N HIS A 65 -2.90 -6.46 5.34
CA HIS A 65 -1.65 -6.51 4.59
C HIS A 65 -1.84 -7.21 3.24
N TYR A 66 -1.71 -6.45 2.16
CA TYR A 66 -1.88 -7.00 0.82
C TYR A 66 -0.53 -7.25 0.15
N HIS A 67 -0.50 -8.20 -0.77
CA HIS A 67 0.73 -8.53 -1.48
C HIS A 67 0.58 -8.26 -2.98
N VAL A 68 1.68 -7.88 -3.62
CA VAL A 68 1.68 -7.59 -5.05
C VAL A 68 2.32 -8.72 -5.84
N HIS A 69 1.50 -9.55 -6.47
CA HIS A 69 1.99 -10.66 -7.27
C HIS A 69 2.48 -10.19 -8.63
N THR A 70 3.51 -10.85 -9.15
CA THR A 70 4.08 -10.48 -10.44
C THR A 70 3.62 -11.45 -11.53
N ASN A 71 3.22 -10.90 -12.67
CA ASN A 71 2.75 -11.72 -13.79
C ASN A 71 3.91 -12.10 -14.71
N ALA A 72 3.67 -13.07 -15.58
CA ALA A 72 4.69 -13.54 -16.51
C ALA A 72 5.34 -12.37 -17.24
N GLU A 73 4.53 -11.36 -17.57
CA GLU A 73 5.03 -10.18 -18.28
C GLU A 73 5.52 -9.12 -17.29
N ASN A 74 5.88 -9.56 -16.09
CA ASN A 74 6.36 -8.66 -15.06
C ASN A 74 5.29 -7.64 -14.68
N LYS A 75 4.03 -8.05 -14.81
CA LYS A 75 2.91 -7.17 -14.48
C LYS A 75 2.63 -7.19 -12.97
N LEU A 76 2.43 -6.01 -12.41
CA LEU A 76 2.15 -5.88 -10.98
C LEU A 76 0.67 -5.65 -10.73
N TYR A 77 0.14 -6.29 -9.70
CA TYR A 77 -1.27 -6.15 -9.35
C TYR A 77 -1.52 -6.52 -7.89
N LEU A 78 -2.47 -5.84 -7.26
CA LEU A 78 -2.80 -6.09 -5.86
C LEU A 78 -4.05 -6.96 -5.75
N ALA A 79 -4.90 -6.90 -6.78
CA ALA A 79 -6.14 -7.68 -6.79
C ALA A 79 -6.17 -8.64 -7.97
N GLU A 80 -6.57 -9.88 -7.72
CA GLU A 80 -6.64 -10.89 -8.77
C GLU A 80 -7.57 -10.44 -9.89
N ASN A 81 -7.21 -10.80 -11.12
CA ASN A 81 -8.00 -10.43 -12.28
C ASN A 81 -7.86 -8.94 -12.61
N TYR A 82 -6.69 -8.40 -12.28
CA TYR A 82 -6.42 -6.99 -12.54
C TYR A 82 -4.92 -6.75 -12.75
N CYS A 83 -4.60 -5.86 -13.68
CA CYS A 83 -3.21 -5.54 -13.98
C CYS A 83 -3.00 -4.03 -14.05
N PHE A 84 -1.87 -3.57 -13.52
CA PHE A 84 -1.55 -2.15 -13.52
C PHE A 84 -0.22 -1.89 -14.23
N ASP A 85 0.20 -0.62 -14.24
CA ASP A 85 1.45 -0.24 -14.89
C ASP A 85 2.63 -0.45 -13.94
N SER A 86 2.48 -0.02 -12.70
CA SER A 86 3.53 -0.16 -11.70
C SER A 86 3.00 0.09 -10.30
N ILE A 87 3.87 -0.02 -9.31
CA ILE A 87 3.49 0.19 -7.92
C ILE A 87 2.92 1.59 -7.71
N PRO A 88 3.74 2.61 -8.03
CA PRO A 88 3.34 4.02 -7.89
C PRO A 88 2.29 4.43 -8.90
N LYS A 89 2.23 3.70 -10.01
CA LYS A 89 1.26 3.99 -11.07
C LYS A 89 -0.09 3.36 -10.75
N LEU A 90 -0.10 2.48 -9.74
CA LEU A 90 -1.34 1.81 -9.33
C LEU A 90 -2.08 2.63 -8.28
N ILE A 91 -1.36 3.04 -7.23
CA ILE A 91 -1.96 3.82 -6.16
C ILE A 91 -2.80 4.96 -6.72
N HIS A 92 -2.29 5.62 -7.75
CA HIS A 92 -3.00 6.73 -8.39
C HIS A 92 -4.45 6.34 -8.67
N TYR A 93 -4.66 5.10 -9.07
CA TYR A 93 -6.01 4.61 -9.38
C TYR A 93 -6.80 4.35 -8.10
N HIS A 94 -6.32 3.41 -7.29
CA HIS A 94 -6.98 3.07 -6.04
C HIS A 94 -7.25 4.32 -5.21
N GLN A 95 -6.17 5.01 -4.84
CA GLN A 95 -6.28 6.22 -4.03
C GLN A 95 -7.53 7.01 -4.42
N HIS A 96 -7.60 7.42 -5.68
CA HIS A 96 -8.75 8.19 -6.17
C HIS A 96 -10.05 7.41 -5.98
N ASN A 97 -10.00 6.12 -6.32
CA ASN A 97 -11.17 5.27 -6.19
C ASN A 97 -10.78 3.79 -6.18
N SER A 98 -11.25 3.06 -5.18
CA SER A 98 -10.95 1.64 -5.06
C SER A 98 -11.18 0.92 -6.39
N ALA A 99 -10.81 -0.36 -6.43
CA ALA A 99 -10.98 -1.16 -7.64
C ALA A 99 -11.83 -2.41 -7.36
N GLY A 100 -11.38 -3.21 -6.41
CA GLY A 100 -12.10 -4.43 -6.07
C GLY A 100 -12.29 -4.58 -4.57
N MET A 101 -11.63 -5.59 -3.99
CA MET A 101 -11.73 -5.84 -2.56
C MET A 101 -10.69 -5.04 -1.79
N ILE A 102 -10.00 -4.14 -2.50
CA ILE A 102 -8.97 -3.31 -1.89
C ILE A 102 -9.58 -2.05 -1.28
N THR A 103 -9.56 -1.97 0.05
CA THR A 103 -10.11 -0.81 0.75
C THR A 103 -9.77 0.48 0.02
N ARG A 104 -10.65 1.47 0.15
CA ARG A 104 -10.44 2.76 -0.50
C ARG A 104 -9.46 3.62 0.28
N LEU A 105 -8.20 3.61 -0.12
CA LEU A 105 -7.17 4.38 0.55
C LEU A 105 -7.69 5.76 0.96
N ARG A 106 -7.62 6.06 2.24
CA ARG A 106 -8.09 7.35 2.76
C ARG A 106 -6.98 8.39 2.71
N HIS A 107 -5.78 7.98 3.09
CA HIS A 107 -4.63 8.88 3.09
C HIS A 107 -3.32 8.10 3.25
N PRO A 108 -2.24 8.63 2.64
CA PRO A 108 -0.92 7.99 2.70
C PRO A 108 -0.30 8.08 4.10
N VAL A 109 0.49 7.08 4.45
CA VAL A 109 1.15 7.04 5.75
C VAL A 109 2.58 6.53 5.62
N SER A 110 3.50 7.17 6.34
CA SER A 110 4.90 6.78 6.31
C SER A 110 5.27 5.99 7.55
N GLY A 1 27.95 13.63 -5.77
CA GLY A 1 28.18 13.53 -7.21
C GLY A 1 26.98 13.98 -8.02
N SER A 2 26.93 13.56 -9.28
CA SER A 2 25.84 13.94 -10.16
C SER A 2 25.32 12.72 -10.92
N SER A 3 24.36 12.03 -10.33
CA SER A 3 23.78 10.83 -10.96
C SER A 3 22.28 11.00 -11.13
N GLY A 4 21.65 10.00 -11.75
CA GLY A 4 20.21 10.04 -11.96
C GLY A 4 19.53 8.74 -11.61
N SER A 5 19.27 8.54 -10.32
CA SER A 5 18.62 7.32 -9.85
C SER A 5 17.14 7.58 -9.54
N SER A 6 16.31 6.58 -9.81
CA SER A 6 14.88 6.69 -9.56
C SER A 6 14.48 5.95 -8.29
N GLY A 7 14.08 6.71 -7.27
CA GLY A 7 13.68 6.11 -6.01
C GLY A 7 12.24 6.41 -5.66
N LEU A 8 11.67 5.61 -4.77
CA LEU A 8 10.28 5.80 -4.35
C LEU A 8 10.21 6.55 -3.03
N ASP A 9 11.13 7.50 -2.85
CA ASP A 9 11.18 8.31 -1.63
C ASP A 9 10.26 9.51 -1.75
N ASP A 10 10.29 10.17 -2.91
CA ASP A 10 9.46 11.34 -3.14
C ASP A 10 8.06 11.14 -2.58
N TYR A 11 7.43 10.02 -2.95
CA TYR A 11 6.09 9.71 -2.49
C TYR A 11 6.01 9.77 -0.96
N ASP A 12 4.79 9.96 -0.45
CA ASP A 12 4.59 10.02 0.99
C ASP A 12 4.19 8.67 1.56
N TRP A 13 3.17 8.06 0.95
CA TRP A 13 2.68 6.76 1.39
C TRP A 13 3.84 5.78 1.55
N PHE A 14 4.77 5.81 0.61
CA PHE A 14 5.92 4.92 0.64
C PHE A 14 6.74 5.13 1.91
N ALA A 15 6.55 4.26 2.89
CA ALA A 15 7.27 4.35 4.15
C ALA A 15 8.69 3.82 4.02
N GLY A 16 8.83 2.70 3.33
CA GLY A 16 10.15 2.11 3.14
C GLY A 16 10.40 0.94 4.06
N ASN A 17 11.64 0.82 4.55
CA ASN A 17 12.00 -0.27 5.45
C ASN A 17 11.43 -0.03 6.84
N ILE A 18 10.42 -0.84 7.21
CA ILE A 18 9.79 -0.72 8.51
C ILE A 18 9.76 -2.06 9.23
N SER A 19 9.21 -2.06 10.44
CA SER A 19 9.13 -3.29 11.23
C SER A 19 7.67 -3.67 11.48
N ARG A 20 7.42 -4.98 11.56
CA ARG A 20 6.06 -5.48 11.79
C ARG A 20 5.34 -4.63 12.83
N SER A 21 6.11 -3.99 13.70
CA SER A 21 5.53 -3.15 14.75
C SER A 21 5.20 -1.76 14.20
N GLN A 22 6.21 -1.08 13.66
CA GLN A 22 6.01 0.25 13.11
C GLN A 22 4.83 0.28 12.14
N SER A 23 4.84 -0.63 11.17
CA SER A 23 3.76 -0.71 10.19
C SER A 23 2.40 -0.53 10.86
N GLU A 24 2.24 -1.12 12.03
CA GLU A 24 0.98 -1.02 12.77
C GLU A 24 0.94 0.27 13.58
N GLN A 25 1.92 0.45 14.46
CA GLN A 25 1.99 1.63 15.30
C GLN A 25 1.68 2.90 14.49
N LEU A 26 2.50 3.16 13.49
CA LEU A 26 2.31 4.33 12.63
C LEU A 26 0.83 4.53 12.30
N LEU A 27 0.28 3.58 11.55
CA LEU A 27 -1.13 3.64 11.17
C LEU A 27 -2.01 3.96 12.37
N ARG A 28 -1.93 3.12 13.39
CA ARG A 28 -2.72 3.32 14.60
C ARG A 28 -2.71 4.78 15.03
N GLN A 29 -1.50 5.32 15.22
CA GLN A 29 -1.34 6.71 15.64
C GLN A 29 -2.24 7.63 14.82
N LYS A 30 -2.20 7.47 13.50
CA LYS A 30 -3.00 8.29 12.60
C LYS A 30 -4.48 8.23 12.99
N GLY A 31 -4.92 7.05 13.41
CA GLY A 31 -6.31 6.88 13.81
C GLY A 31 -7.28 7.42 12.78
N LYS A 32 -7.01 7.15 11.51
CA LYS A 32 -7.86 7.62 10.43
C LYS A 32 -8.26 6.46 9.51
N GLU A 33 -9.37 5.81 9.83
CA GLU A 33 -9.85 4.69 9.04
C GLU A 33 -9.67 4.96 7.55
N GLY A 34 -8.83 4.15 6.90
CA GLY A 34 -8.60 4.32 5.48
C GLY A 34 -7.12 4.51 5.17
N ALA A 35 -6.41 5.16 6.07
CA ALA A 35 -4.98 5.42 5.88
C ALA A 35 -4.30 4.22 5.22
N PHE A 36 -3.30 4.50 4.40
CA PHE A 36 -2.56 3.45 3.70
C PHE A 36 -1.07 3.76 3.66
N MET A 37 -0.26 2.74 3.43
CA MET A 37 1.18 2.91 3.37
C MET A 37 1.83 1.75 2.60
N VAL A 38 3.10 1.93 2.23
CA VAL A 38 3.83 0.90 1.49
C VAL A 38 5.24 0.73 2.05
N ARG A 39 5.80 -0.46 1.83
CA ARG A 39 7.14 -0.75 2.31
C ARG A 39 7.91 -1.60 1.30
N ASN A 40 9.18 -1.88 1.60
CA ASN A 40 10.02 -2.68 0.72
C ASN A 40 10.17 -4.10 1.25
N SER A 41 9.67 -5.07 0.48
CA SER A 41 9.74 -6.47 0.87
C SER A 41 11.19 -6.91 1.02
N SER A 42 11.44 -7.76 2.01
CA SER A 42 12.78 -8.27 2.26
C SER A 42 13.40 -8.84 0.99
N GLN A 43 12.55 -9.32 0.10
CA GLN A 43 13.02 -9.90 -1.16
C GLN A 43 12.83 -8.91 -2.32
N VAL A 44 13.94 -8.44 -2.86
CA VAL A 44 13.90 -7.48 -3.97
C VAL A 44 13.03 -8.00 -5.11
N GLY A 45 12.14 -7.14 -5.60
CA GLY A 45 11.26 -7.53 -6.68
C GLY A 45 9.79 -7.44 -6.30
N MET A 46 9.45 -7.97 -5.13
CA MET A 46 8.07 -7.93 -4.65
C MET A 46 7.85 -6.76 -3.70
N TYR A 47 6.60 -6.34 -3.56
CA TYR A 47 6.26 -5.23 -2.68
C TYR A 47 5.05 -5.59 -1.81
N THR A 48 4.97 -4.95 -0.64
CA THR A 48 3.87 -5.19 0.29
C THR A 48 3.21 -3.88 0.69
N VAL A 49 1.99 -3.67 0.21
CA VAL A 49 1.23 -2.46 0.53
C VAL A 49 0.32 -2.67 1.74
N SER A 50 0.68 -2.05 2.85
CA SER A 50 -0.11 -2.17 4.07
C SER A 50 -0.92 -0.91 4.34
N LEU A 51 -2.14 -1.09 4.83
CA LEU A 51 -3.01 0.04 5.13
C LEU A 51 -3.94 -0.29 6.30
N PHE A 52 -4.54 0.76 6.87
CA PHE A 52 -5.45 0.59 8.00
C PHE A 52 -6.90 0.68 7.55
N SER A 53 -7.63 -0.42 7.67
CA SER A 53 -9.03 -0.46 7.27
C SER A 53 -9.90 -1.04 8.38
N LYS A 54 -10.93 -0.30 8.77
CA LYS A 54 -11.84 -0.73 9.82
C LYS A 54 -13.29 -0.47 9.43
N ALA A 55 -14.07 -1.53 9.28
CA ALA A 55 -15.48 -1.42 8.91
C ALA A 55 -16.20 -0.45 9.84
N VAL A 56 -17.25 0.19 9.31
CA VAL A 56 -18.02 1.14 10.10
C VAL A 56 -18.25 0.64 11.51
N ASN A 57 -18.67 -0.62 11.63
CA ASN A 57 -18.93 -1.22 12.93
C ASN A 57 -17.93 -2.35 13.21
N ASP A 58 -16.82 -2.01 13.84
CA ASP A 58 -15.80 -2.99 14.17
C ASP A 58 -15.14 -2.66 15.51
N LYS A 59 -15.44 -3.45 16.53
CA LYS A 59 -14.89 -3.24 17.86
C LYS A 59 -13.44 -2.76 17.76
N LYS A 60 -12.54 -3.66 17.39
CA LYS A 60 -11.13 -3.33 17.26
C LYS A 60 -10.66 -3.47 15.81
N GLY A 61 -10.39 -2.34 15.16
CA GLY A 61 -9.94 -2.37 13.78
C GLY A 61 -8.63 -3.11 13.62
N THR A 62 -8.59 -4.02 12.64
CA THR A 62 -7.39 -4.81 12.37
C THR A 62 -6.70 -4.35 11.11
N VAL A 63 -5.37 -4.24 11.16
CA VAL A 63 -4.59 -3.80 10.01
C VAL A 63 -4.47 -4.91 8.98
N LYS A 64 -4.69 -4.57 7.71
CA LYS A 64 -4.61 -5.54 6.63
C LYS A 64 -3.26 -5.43 5.91
N HIS A 65 -2.90 -6.49 5.19
CA HIS A 65 -1.64 -6.52 4.45
C HIS A 65 -1.85 -7.09 3.05
N TYR A 66 -1.16 -6.50 2.08
CA TYR A 66 -1.27 -6.95 0.69
C TYR A 66 0.11 -7.15 0.08
N HIS A 67 0.26 -8.22 -0.69
CA HIS A 67 1.53 -8.53 -1.34
C HIS A 67 1.38 -8.51 -2.86
N VAL A 68 1.82 -7.43 -3.48
CA VAL A 68 1.74 -7.28 -4.93
C VAL A 68 2.19 -8.55 -5.64
N HIS A 69 1.31 -9.13 -6.43
CA HIS A 69 1.62 -10.36 -7.17
C HIS A 69 2.05 -10.03 -8.60
N THR A 70 2.80 -10.95 -9.21
CA THR A 70 3.29 -10.76 -10.57
C THR A 70 2.84 -11.90 -11.46
N ASN A 71 2.34 -11.56 -12.65
CA ASN A 71 1.87 -12.56 -13.60
C ASN A 71 2.97 -12.91 -14.60
N ALA A 72 2.62 -13.75 -15.58
CA ALA A 72 3.58 -14.16 -16.60
C ALA A 72 4.15 -12.95 -17.34
N GLU A 73 3.31 -11.94 -17.54
CA GLU A 73 3.73 -10.74 -18.24
C GLU A 73 4.35 -9.73 -17.27
N ASN A 74 5.02 -10.25 -16.25
CA ASN A 74 5.66 -9.41 -15.24
C ASN A 74 4.79 -8.20 -14.92
N LYS A 75 3.50 -8.44 -14.71
CA LYS A 75 2.56 -7.37 -14.40
C LYS A 75 2.29 -7.31 -12.89
N LEU A 76 2.53 -6.15 -12.29
CA LEU A 76 2.31 -5.97 -10.87
C LEU A 76 0.85 -5.63 -10.58
N TYR A 77 0.32 -6.19 -9.50
CA TYR A 77 -1.07 -5.93 -9.12
C TYR A 77 -1.37 -6.54 -7.75
N LEU A 78 -2.41 -6.01 -7.10
CA LEU A 78 -2.81 -6.50 -5.78
C LEU A 78 -3.93 -7.54 -5.90
N ALA A 79 -4.95 -7.21 -6.66
CA ALA A 79 -6.08 -8.11 -6.86
C ALA A 79 -5.87 -8.99 -8.09
N GLU A 80 -6.00 -10.30 -7.91
CA GLU A 80 -5.84 -11.24 -9.01
C GLU A 80 -6.55 -10.76 -10.27
N ASN A 81 -7.83 -10.43 -10.12
CA ASN A 81 -8.63 -9.95 -11.25
C ASN A 81 -8.37 -8.47 -11.50
N TYR A 82 -7.10 -8.11 -11.64
CA TYR A 82 -6.73 -6.72 -11.88
C TYR A 82 -5.32 -6.63 -12.46
N CYS A 83 -5.01 -5.49 -13.06
CA CYS A 83 -3.70 -5.27 -13.65
C CYS A 83 -3.33 -3.79 -13.66
N PHE A 84 -2.08 -3.50 -13.32
CA PHE A 84 -1.60 -2.11 -13.26
C PHE A 84 -0.28 -1.97 -14.00
N ASP A 85 0.29 -0.77 -13.95
CA ASP A 85 1.57 -0.49 -14.61
C ASP A 85 2.73 -0.73 -13.65
N SER A 86 2.66 -0.09 -12.48
CA SER A 86 3.71 -0.23 -11.48
C SER A 86 3.15 0.00 -10.08
N ILE A 87 4.04 -0.02 -9.08
CA ILE A 87 3.63 0.18 -7.70
C ILE A 87 2.97 1.54 -7.51
N PRO A 88 3.73 2.61 -7.84
CA PRO A 88 3.23 3.99 -7.71
C PRO A 88 2.14 4.31 -8.73
N LYS A 89 2.18 3.62 -9.86
CA LYS A 89 1.20 3.83 -10.92
C LYS A 89 -0.16 3.27 -10.52
N LEU A 90 -0.17 2.44 -9.48
CA LEU A 90 -1.41 1.83 -9.00
C LEU A 90 -2.05 2.70 -7.91
N ILE A 91 -1.24 3.11 -6.94
CA ILE A 91 -1.73 3.94 -5.84
C ILE A 91 -2.44 5.18 -6.38
N HIS A 92 -1.90 5.75 -7.45
CA HIS A 92 -2.47 6.95 -8.05
C HIS A 92 -3.92 6.70 -8.48
N TYR A 93 -4.18 5.48 -8.95
CA TYR A 93 -5.53 5.11 -9.40
C TYR A 93 -6.44 4.85 -8.22
N HIS A 94 -5.95 4.06 -7.26
CA HIS A 94 -6.73 3.72 -6.07
C HIS A 94 -7.26 4.99 -5.41
N GLN A 95 -6.39 5.96 -5.19
CA GLN A 95 -6.76 7.22 -4.56
C GLN A 95 -8.04 7.77 -5.18
N HIS A 96 -8.23 7.49 -6.47
CA HIS A 96 -9.41 7.97 -7.20
C HIS A 96 -10.60 7.04 -6.95
N ASN A 97 -10.41 5.76 -7.23
CA ASN A 97 -11.48 4.78 -7.04
C ASN A 97 -10.95 3.53 -6.32
N SER A 98 -11.82 2.89 -5.55
CA SER A 98 -11.44 1.69 -4.80
C SER A 98 -11.50 0.46 -5.70
N ALA A 99 -10.54 -0.44 -5.50
CA ALA A 99 -10.48 -1.66 -6.29
C ALA A 99 -11.55 -2.65 -5.84
N GLY A 100 -11.54 -3.84 -6.44
CA GLY A 100 -12.52 -4.86 -6.10
C GLY A 100 -12.88 -4.84 -4.63
N MET A 101 -11.87 -5.00 -3.78
CA MET A 101 -12.07 -5.01 -2.34
C MET A 101 -11.16 -4.01 -1.65
N ILE A 102 -10.00 -3.76 -2.25
CA ILE A 102 -9.04 -2.82 -1.69
C ILE A 102 -9.70 -1.48 -1.36
N THR A 103 -9.95 -1.25 -0.08
CA THR A 103 -10.58 -0.02 0.37
C THR A 103 -10.01 1.19 -0.36
N ARG A 104 -10.73 2.30 -0.31
CA ARG A 104 -10.29 3.52 -0.97
C ARG A 104 -9.25 4.26 -0.13
N LEU A 105 -7.98 4.11 -0.49
CA LEU A 105 -6.90 4.75 0.24
C LEU A 105 -7.31 6.15 0.69
N ARG A 106 -7.35 6.35 2.01
CA ARG A 106 -7.72 7.64 2.58
C ARG A 106 -6.55 8.60 2.55
N HIS A 107 -5.55 8.33 3.40
CA HIS A 107 -4.37 9.18 3.49
C HIS A 107 -3.11 8.33 3.63
N PRO A 108 -1.99 8.82 3.06
CA PRO A 108 -0.70 8.12 3.13
C PRO A 108 -0.11 8.13 4.53
N VAL A 109 0.72 7.13 4.82
CA VAL A 109 1.36 7.02 6.12
C VAL A 109 2.77 6.44 6.00
N SER A 110 3.68 6.94 6.82
CA SER A 110 5.06 6.47 6.80
C SER A 110 5.52 6.07 8.20
N GLY A 1 17.32 -1.98 -6.60
CA GLY A 1 17.76 -2.24 -7.96
C GLY A 1 16.61 -2.37 -8.92
N SER A 2 16.78 -1.83 -10.13
CA SER A 2 15.73 -1.89 -11.14
C SER A 2 14.45 -1.23 -10.65
N SER A 3 14.60 -0.11 -9.95
CA SER A 3 13.46 0.62 -9.41
C SER A 3 12.98 1.69 -10.39
N GLY A 4 11.85 2.30 -10.07
CA GLY A 4 11.31 3.35 -10.93
C GLY A 4 12.34 4.37 -11.32
N SER A 5 12.01 5.21 -12.30
CA SER A 5 12.92 6.24 -12.78
C SER A 5 13.66 6.89 -11.60
N SER A 6 12.90 7.43 -10.65
CA SER A 6 13.47 8.08 -9.49
C SER A 6 13.62 7.09 -8.33
N GLY A 7 12.61 6.25 -8.15
CA GLY A 7 12.65 5.27 -7.08
C GLY A 7 11.44 5.36 -6.18
N LEU A 8 11.22 4.31 -5.38
CA LEU A 8 10.09 4.27 -4.46
C LEU A 8 10.41 5.02 -3.17
N ASP A 9 11.59 5.61 -3.11
CA ASP A 9 12.02 6.37 -1.93
C ASP A 9 11.58 7.82 -2.03
N ASP A 10 11.10 8.22 -3.20
CA ASP A 10 10.64 9.58 -3.43
C ASP A 10 9.12 9.65 -3.42
N TYR A 11 8.51 9.05 -2.40
CA TYR A 11 7.06 9.05 -2.27
C TYR A 11 6.64 9.36 -0.84
N ASP A 12 5.32 9.37 -0.61
CA ASP A 12 4.79 9.65 0.72
C ASP A 12 4.18 8.40 1.33
N TRP A 13 3.51 7.60 0.52
CA TRP A 13 2.89 6.37 0.98
C TRP A 13 3.90 5.25 1.10
N PHE A 14 5.14 5.52 0.69
CA PHE A 14 6.21 4.54 0.75
C PHE A 14 6.98 4.66 2.06
N ALA A 15 6.94 3.60 2.86
CA ALA A 15 7.64 3.59 4.14
C ALA A 15 8.93 2.78 4.05
N GLY A 16 8.80 1.50 3.73
CA GLY A 16 9.97 0.64 3.63
C GLY A 16 10.78 0.59 4.91
N ASN A 17 11.67 -0.38 5.00
CA ASN A 17 12.52 -0.52 6.18
C ASN A 17 11.69 -0.39 7.46
N ILE A 18 10.43 -0.81 7.39
CA ILE A 18 9.55 -0.73 8.55
C ILE A 18 9.28 -2.12 9.12
N SER A 19 9.12 -2.20 10.43
CA SER A 19 8.85 -3.45 11.11
C SER A 19 7.37 -3.61 11.41
N ARG A 20 7.01 -4.72 12.07
CA ARG A 20 5.63 -4.99 12.42
C ARG A 20 5.11 -3.95 13.41
N SER A 21 6.02 -3.34 14.16
CA SER A 21 5.65 -2.34 15.15
C SER A 21 5.45 -0.98 14.50
N GLN A 22 6.39 -0.60 13.63
CA GLN A 22 6.32 0.68 12.94
C GLN A 22 5.16 0.70 11.95
N SER A 23 5.11 -0.31 11.08
CA SER A 23 4.06 -0.41 10.08
C SER A 23 2.68 -0.17 10.71
N GLU A 24 2.41 -0.90 11.80
CA GLU A 24 1.14 -0.77 12.50
C GLU A 24 1.08 0.53 13.29
N GLN A 25 1.98 0.67 14.25
CA GLN A 25 2.04 1.86 15.09
C GLN A 25 1.78 3.11 14.25
N LEU A 26 2.59 3.32 13.23
CA LEU A 26 2.46 4.47 12.35
C LEU A 26 1.03 4.60 11.83
N LEU A 27 0.45 3.46 11.46
CA LEU A 27 -0.92 3.44 10.94
C LEU A 27 -1.92 3.77 12.04
N ARG A 28 -1.50 3.61 13.29
CA ARG A 28 -2.36 3.89 14.43
C ARG A 28 -2.26 5.36 14.84
N GLN A 29 -1.06 5.80 15.17
CA GLN A 29 -0.83 7.18 15.57
C GLN A 29 -1.62 8.15 14.70
N LYS A 30 -1.86 7.75 13.45
CA LYS A 30 -2.60 8.58 12.51
C LYS A 30 -4.08 8.63 12.88
N GLY A 31 -4.62 7.49 13.28
CA GLY A 31 -6.03 7.43 13.67
C GLY A 31 -6.95 7.98 12.60
N LYS A 32 -6.72 7.54 11.35
CA LYS A 32 -7.54 7.99 10.23
C LYS A 32 -8.03 6.81 9.41
N GLU A 33 -9.15 6.22 9.83
CA GLU A 33 -9.72 5.08 9.13
C GLU A 33 -9.54 5.22 7.62
N GLY A 34 -8.64 4.42 7.06
CA GLY A 34 -8.38 4.48 5.63
C GLY A 34 -6.90 4.59 5.30
N ALA A 35 -6.15 5.19 6.21
CA ALA A 35 -4.70 5.35 6.01
C ALA A 35 -4.10 4.11 5.36
N PHE A 36 -2.98 4.31 4.66
CA PHE A 36 -2.31 3.21 3.98
C PHE A 36 -0.82 3.48 3.87
N MET A 37 -0.06 2.46 3.48
CA MET A 37 1.39 2.59 3.33
C MET A 37 1.95 1.46 2.47
N VAL A 38 3.25 1.53 2.17
CA VAL A 38 3.91 0.52 1.36
C VAL A 38 5.26 0.14 1.95
N ARG A 39 5.53 -1.16 2.00
CA ARG A 39 6.79 -1.66 2.54
C ARG A 39 7.30 -2.85 1.73
N ASN A 40 8.58 -3.17 1.90
CA ASN A 40 9.18 -4.28 1.19
C ASN A 40 8.95 -5.60 1.92
N SER A 41 9.21 -6.71 1.23
CA SER A 41 9.02 -8.03 1.82
C SER A 41 10.18 -8.38 2.75
N SER A 42 10.15 -9.59 3.29
CA SER A 42 11.19 -10.06 4.20
C SER A 42 12.27 -10.81 3.45
N GLN A 43 11.91 -11.96 2.89
CA GLN A 43 12.86 -12.78 2.14
C GLN A 43 12.52 -12.77 0.65
N VAL A 44 11.85 -11.72 0.20
CA VAL A 44 11.47 -11.60 -1.20
C VAL A 44 11.59 -10.15 -1.68
N GLY A 45 11.48 -9.96 -2.99
CA GLY A 45 11.57 -8.62 -3.55
C GLY A 45 10.22 -7.98 -3.73
N MET A 46 9.15 -8.71 -3.39
CA MET A 46 7.80 -8.19 -3.51
C MET A 46 7.58 -7.02 -2.57
N TYR A 47 6.36 -6.47 -2.59
CA TYR A 47 6.02 -5.34 -1.74
C TYR A 47 4.70 -5.58 -1.02
N THR A 48 4.67 -5.26 0.27
CA THR A 48 3.47 -5.45 1.09
C THR A 48 2.82 -4.11 1.41
N VAL A 49 1.54 -3.98 1.05
CA VAL A 49 0.80 -2.75 1.30
C VAL A 49 -0.13 -2.91 2.51
N SER A 50 0.34 -2.49 3.68
CA SER A 50 -0.44 -2.59 4.90
C SER A 50 -1.19 -1.29 5.17
N LEU A 51 -2.52 -1.37 5.17
CA LEU A 51 -3.35 -0.20 5.41
C LEU A 51 -4.29 -0.44 6.59
N PHE A 52 -4.66 0.65 7.27
CA PHE A 52 -5.55 0.56 8.42
C PHE A 52 -7.01 0.68 7.99
N SER A 53 -7.89 -0.02 8.68
CA SER A 53 -9.32 0.00 8.37
C SER A 53 -10.14 -0.53 9.54
N LYS A 54 -11.20 0.20 9.88
CA LYS A 54 -12.07 -0.20 10.98
C LYS A 54 -13.27 -0.99 10.47
N ALA A 55 -13.50 -2.16 11.07
CA ALA A 55 -14.61 -3.01 10.66
C ALA A 55 -15.85 -2.72 11.50
N VAL A 56 -17.01 -3.17 11.01
CA VAL A 56 -18.26 -2.94 11.72
C VAL A 56 -18.07 -3.02 13.23
N ASN A 57 -17.47 -4.11 13.70
CA ASN A 57 -17.22 -4.30 15.12
C ASN A 57 -15.75 -4.63 15.38
N ASP A 58 -15.05 -3.71 16.04
CA ASP A 58 -13.64 -3.90 16.35
C ASP A 58 -13.17 -2.88 17.38
N LYS A 59 -12.46 -3.36 18.40
CA LYS A 59 -11.95 -2.50 19.45
C LYS A 59 -11.47 -1.16 18.87
N LYS A 60 -10.47 -1.24 18.00
CA LYS A 60 -9.92 -0.04 17.37
C LYS A 60 -9.92 -0.17 15.85
N GLY A 61 -9.62 -1.38 15.36
CA GLY A 61 -9.59 -1.61 13.93
C GLY A 61 -8.67 -2.75 13.55
N THR A 62 -8.71 -3.14 12.28
CA THR A 62 -7.87 -4.22 11.80
C THR A 62 -6.98 -3.76 10.65
N VAL A 63 -5.77 -4.30 10.58
CA VAL A 63 -4.82 -3.95 9.53
C VAL A 63 -4.77 -5.01 8.45
N LYS A 64 -5.08 -4.61 7.23
CA LYS A 64 -5.07 -5.53 6.09
C LYS A 64 -3.78 -5.41 5.30
N HIS A 65 -3.24 -6.54 4.85
CA HIS A 65 -2.01 -6.55 4.09
C HIS A 65 -2.26 -7.04 2.65
N TYR A 66 -1.68 -6.34 1.68
CA TYR A 66 -1.84 -6.70 0.28
C TYR A 66 -0.50 -6.73 -0.43
N HIS A 67 0.00 -7.93 -0.69
CA HIS A 67 1.28 -8.10 -1.37
C HIS A 67 1.12 -7.87 -2.87
N VAL A 68 2.19 -7.34 -3.49
CA VAL A 68 2.17 -7.07 -4.92
C VAL A 68 2.78 -8.23 -5.71
N HIS A 69 1.91 -9.02 -6.33
CA HIS A 69 2.37 -10.17 -7.11
C HIS A 69 2.78 -9.73 -8.51
N THR A 70 3.32 -10.67 -9.29
CA THR A 70 3.77 -10.37 -10.64
C THR A 70 3.27 -11.44 -11.61
N ASN A 71 2.88 -11.01 -12.81
CA ASN A 71 2.39 -11.93 -13.84
C ASN A 71 3.47 -12.21 -14.87
N ALA A 72 3.11 -12.99 -15.89
CA ALA A 72 4.05 -13.33 -16.96
C ALA A 72 4.65 -12.08 -17.59
N GLU A 73 3.83 -11.05 -17.76
CA GLU A 73 4.27 -9.80 -18.35
C GLU A 73 4.88 -8.89 -17.30
N ASN A 74 5.64 -9.47 -16.38
CA ASN A 74 6.29 -8.71 -15.32
C ASN A 74 5.39 -7.58 -14.85
N LYS A 75 4.08 -7.81 -14.87
CA LYS A 75 3.11 -6.82 -14.44
C LYS A 75 2.95 -6.82 -12.93
N LEU A 76 2.10 -5.93 -12.42
CA LEU A 76 1.85 -5.84 -10.98
C LEU A 76 0.38 -5.57 -10.70
N TYR A 77 -0.14 -6.21 -9.66
CA TYR A 77 -1.54 -6.03 -9.27
C TYR A 77 -1.77 -6.47 -7.83
N LEU A 78 -2.63 -5.74 -7.13
CA LEU A 78 -2.94 -6.06 -5.74
C LEU A 78 -4.27 -6.81 -5.64
N ALA A 79 -5.13 -6.62 -6.63
CA ALA A 79 -6.43 -7.29 -6.65
C ALA A 79 -6.50 -8.30 -7.79
N GLU A 80 -6.98 -9.50 -7.47
CA GLU A 80 -7.10 -10.56 -8.47
C GLU A 80 -7.97 -10.10 -9.64
N ASN A 81 -7.55 -10.45 -10.85
CA ASN A 81 -8.28 -10.07 -12.05
C ASN A 81 -8.11 -8.59 -12.36
N TYR A 82 -6.89 -8.09 -12.16
CA TYR A 82 -6.59 -6.69 -12.42
C TYR A 82 -5.10 -6.49 -12.70
N CYS A 83 -4.79 -5.52 -13.54
CA CYS A 83 -3.41 -5.23 -13.89
C CYS A 83 -3.16 -3.72 -13.93
N PHE A 84 -1.91 -3.33 -13.72
CA PHE A 84 -1.54 -1.92 -13.72
C PHE A 84 -0.21 -1.70 -14.45
N ASP A 85 0.21 -0.45 -14.55
CA ASP A 85 1.46 -0.11 -15.22
C ASP A 85 2.64 -0.30 -14.29
N SER A 86 2.56 0.28 -13.10
CA SER A 86 3.63 0.17 -12.12
C SER A 86 3.09 0.28 -10.70
N ILE A 87 3.96 0.14 -9.71
CA ILE A 87 3.57 0.23 -8.32
C ILE A 87 2.98 1.59 -7.99
N PRO A 88 3.77 2.66 -8.22
CA PRO A 88 3.35 4.03 -7.98
C PRO A 88 2.27 4.50 -8.95
N LYS A 89 2.13 3.78 -10.05
CA LYS A 89 1.13 4.11 -11.06
C LYS A 89 -0.19 3.40 -10.79
N LEU A 90 -0.14 2.37 -9.94
CA LEU A 90 -1.33 1.62 -9.59
C LEU A 90 -2.06 2.26 -8.42
N ILE A 91 -1.31 2.88 -7.52
CA ILE A 91 -1.88 3.54 -6.35
C ILE A 91 -2.74 4.73 -6.77
N HIS A 92 -2.32 5.42 -7.82
CA HIS A 92 -3.06 6.58 -8.31
C HIS A 92 -4.52 6.23 -8.56
N TYR A 93 -4.79 4.93 -8.72
CA TYR A 93 -6.15 4.47 -8.98
C TYR A 93 -6.89 4.20 -7.67
N HIS A 94 -6.32 3.33 -6.85
CA HIS A 94 -6.92 2.99 -5.56
C HIS A 94 -7.18 4.25 -4.73
N GLN A 95 -6.37 5.28 -4.96
CA GLN A 95 -6.51 6.53 -4.23
C GLN A 95 -7.89 7.14 -4.46
N HIS A 96 -8.38 7.04 -5.68
CA HIS A 96 -9.68 7.59 -6.03
C HIS A 96 -10.75 6.49 -6.05
N ASN A 97 -10.48 5.44 -6.83
CA ASN A 97 -11.41 4.32 -6.93
C ASN A 97 -10.71 3.00 -6.63
N SER A 98 -11.34 2.18 -5.79
CA SER A 98 -10.78 0.89 -5.41
C SER A 98 -11.00 -0.14 -6.51
N ALA A 99 -10.34 -1.29 -6.38
CA ALA A 99 -10.47 -2.36 -7.36
C ALA A 99 -11.11 -3.60 -6.74
N GLY A 100 -12.06 -3.39 -5.85
CA GLY A 100 -12.73 -4.49 -5.19
C GLY A 100 -12.60 -4.44 -3.69
N MET A 101 -12.26 -5.58 -3.08
CA MET A 101 -12.10 -5.66 -1.64
C MET A 101 -11.18 -4.56 -1.13
N ILE A 102 -10.33 -4.05 -2.01
CA ILE A 102 -9.40 -2.99 -1.65
C ILE A 102 -10.15 -1.76 -1.11
N THR A 103 -9.70 -1.27 0.04
CA THR A 103 -10.32 -0.10 0.66
C THR A 103 -9.80 1.19 0.04
N ARG A 104 -10.72 2.09 -0.30
CA ARG A 104 -10.36 3.37 -0.90
C ARG A 104 -9.33 4.10 -0.03
N LEU A 105 -8.06 3.94 -0.38
CA LEU A 105 -6.98 4.58 0.36
C LEU A 105 -7.36 6.01 0.75
N ARG A 106 -7.49 6.25 2.05
CA ARG A 106 -7.85 7.56 2.55
C ARG A 106 -6.67 8.52 2.44
N HIS A 107 -5.60 8.24 3.18
CA HIS A 107 -4.41 9.08 3.17
C HIS A 107 -3.16 8.23 3.32
N PRO A 108 -2.05 8.69 2.69
CA PRO A 108 -0.77 7.98 2.75
C PRO A 108 -0.12 8.06 4.12
N VAL A 109 0.55 6.99 4.51
CA VAL A 109 1.22 6.93 5.81
C VAL A 109 2.70 6.59 5.65
N SER A 110 3.54 7.24 6.46
CA SER A 110 4.97 7.00 6.41
C SER A 110 5.64 7.46 7.71
N GLY A 1 16.24 19.00 -23.85
CA GLY A 1 15.33 18.30 -22.94
C GLY A 1 15.79 16.89 -22.64
N SER A 2 16.00 16.59 -21.37
CA SER A 2 16.44 15.26 -20.97
C SER A 2 15.72 14.82 -19.70
N SER A 3 15.75 13.51 -19.44
CA SER A 3 15.10 12.96 -18.25
C SER A 3 15.47 13.74 -17.00
N GLY A 4 14.60 13.71 -16.00
CA GLY A 4 14.86 14.41 -14.76
C GLY A 4 15.16 13.47 -13.60
N SER A 5 14.14 13.18 -12.81
CA SER A 5 14.31 12.29 -11.66
C SER A 5 13.03 11.50 -11.40
N SER A 6 13.18 10.31 -10.82
CA SER A 6 12.04 9.46 -10.51
C SER A 6 12.40 8.43 -9.45
N GLY A 7 11.62 8.39 -8.38
CA GLY A 7 11.87 7.45 -7.30
C GLY A 7 10.69 7.30 -6.37
N LEU A 8 10.70 6.24 -5.57
CA LEU A 8 9.61 5.99 -4.62
C LEU A 8 9.73 6.88 -3.40
N ASP A 9 10.95 7.12 -2.96
CA ASP A 9 11.20 7.97 -1.80
C ASP A 9 10.39 9.26 -1.89
N ASP A 10 10.47 9.93 -3.03
CA ASP A 10 9.74 11.18 -3.24
C ASP A 10 8.35 11.11 -2.62
N TYR A 11 7.54 10.18 -3.09
CA TYR A 11 6.18 10.00 -2.59
C TYR A 11 6.17 10.07 -1.06
N ASP A 12 4.96 10.17 -0.50
CA ASP A 12 4.80 10.25 0.95
C ASP A 12 4.40 8.88 1.52
N TRP A 13 3.27 8.37 1.06
CA TRP A 13 2.77 7.09 1.53
C TRP A 13 3.90 6.07 1.61
N PHE A 14 4.82 6.13 0.66
CA PHE A 14 5.96 5.21 0.63
C PHE A 14 6.77 5.30 1.91
N ALA A 15 6.54 4.33 2.80
CA ALA A 15 7.25 4.30 4.08
C ALA A 15 8.68 3.79 3.90
N GLY A 16 8.84 2.74 3.10
CA GLY A 16 10.15 2.17 2.86
C GLY A 16 10.42 0.95 3.71
N ASN A 17 11.46 1.01 4.53
CA ASN A 17 11.81 -0.10 5.40
C ASN A 17 11.20 0.06 6.78
N ILE A 18 10.21 -0.77 7.09
CA ILE A 18 9.55 -0.73 8.38
C ILE A 18 9.53 -2.10 9.04
N SER A 19 9.09 -2.14 10.31
CA SER A 19 9.02 -3.39 11.05
C SER A 19 7.57 -3.86 11.19
N ARG A 20 7.40 -5.04 11.76
CA ARG A 20 6.06 -5.61 11.96
C ARG A 20 5.30 -4.83 13.02
N SER A 21 6.03 -4.09 13.85
CA SER A 21 5.42 -3.30 14.91
C SER A 21 5.11 -1.88 14.43
N GLN A 22 6.01 -1.35 13.60
CA GLN A 22 5.83 0.00 13.07
C GLN A 22 4.70 0.05 12.06
N SER A 23 4.82 -0.77 11.00
CA SER A 23 3.81 -0.83 9.97
C SER A 23 2.41 -0.62 10.55
N GLU A 24 2.15 -1.26 11.68
CA GLU A 24 0.85 -1.15 12.34
C GLU A 24 0.80 0.09 13.23
N GLN A 25 1.76 0.19 14.16
CA GLN A 25 1.81 1.32 15.07
C GLN A 25 1.52 2.62 14.35
N LEU A 26 2.41 2.99 13.43
CA LEU A 26 2.25 4.23 12.66
C LEU A 26 0.80 4.39 12.20
N LEU A 27 0.33 3.46 11.39
CA LEU A 27 -1.04 3.49 10.87
C LEU A 27 -2.01 3.94 11.96
N ARG A 28 -1.94 3.27 13.12
CA ARG A 28 -2.81 3.60 14.24
C ARG A 28 -2.58 5.03 14.72
N GLN A 29 -1.32 5.38 14.92
CA GLN A 29 -0.96 6.73 15.38
C GLN A 29 -1.74 7.79 14.59
N LYS A 30 -1.71 7.68 13.27
CA LYS A 30 -2.41 8.62 12.40
C LYS A 30 -3.71 9.08 13.04
N GLY A 31 -4.65 8.14 13.23
CA GLY A 31 -5.93 8.46 13.82
C GLY A 31 -7.02 8.66 12.79
N LYS A 32 -6.81 8.09 11.61
CA LYS A 32 -7.79 8.21 10.52
C LYS A 32 -8.04 6.85 9.88
N GLU A 33 -9.31 6.47 9.78
CA GLU A 33 -9.68 5.19 9.18
C GLU A 33 -9.50 5.23 7.66
N GLY A 34 -8.50 4.50 7.18
CA GLY A 34 -8.23 4.46 5.75
C GLY A 34 -6.77 4.66 5.43
N ALA A 35 -6.03 5.23 6.38
CA ALA A 35 -4.60 5.47 6.19
C ALA A 35 -3.91 4.26 5.55
N PHE A 36 -3.04 4.52 4.58
CA PHE A 36 -2.32 3.47 3.88
C PHE A 36 -0.83 3.75 3.85
N MET A 37 -0.03 2.72 3.58
CA MET A 37 1.40 2.86 3.51
C MET A 37 2.04 1.70 2.75
N VAL A 38 3.21 1.94 2.17
CA VAL A 38 3.91 0.91 1.42
C VAL A 38 5.32 0.68 1.97
N ARG A 39 5.70 -0.59 2.07
CA ARG A 39 7.02 -0.94 2.59
C ARG A 39 7.75 -1.86 1.62
N ASN A 40 8.98 -2.22 1.96
CA ASN A 40 9.79 -3.09 1.12
C ASN A 40 10.14 -4.38 1.85
N SER A 41 9.88 -5.51 1.21
CA SER A 41 10.16 -6.82 1.79
C SER A 41 11.56 -6.84 2.41
N SER A 42 11.74 -7.69 3.42
CA SER A 42 13.02 -7.79 4.11
C SER A 42 14.12 -8.21 3.13
N GLN A 43 14.11 -9.48 2.73
CA GLN A 43 15.10 -10.00 1.80
C GLN A 43 14.44 -10.48 0.51
N VAL A 44 13.69 -9.59 -0.12
CA VAL A 44 13.00 -9.92 -1.37
C VAL A 44 12.78 -8.67 -2.22
N GLY A 45 12.77 -8.86 -3.53
CA GLY A 45 12.57 -7.73 -4.44
C GLY A 45 11.10 -7.46 -4.69
N MET A 46 10.26 -7.74 -3.70
CA MET A 46 8.83 -7.52 -3.83
C MET A 46 8.39 -6.29 -3.05
N TYR A 47 7.09 -6.03 -3.03
CA TYR A 47 6.54 -4.88 -2.32
C TYR A 47 5.36 -5.29 -1.45
N THR A 48 5.20 -4.63 -0.31
CA THR A 48 4.11 -4.92 0.60
C THR A 48 3.26 -3.68 0.87
N VAL A 49 2.00 -3.74 0.46
CA VAL A 49 1.08 -2.61 0.65
C VAL A 49 0.21 -2.82 1.89
N SER A 50 0.63 -2.23 3.00
CA SER A 50 -0.11 -2.35 4.26
C SER A 50 -0.91 -1.08 4.54
N LEU A 51 -2.17 -1.26 4.90
CA LEU A 51 -3.04 -0.12 5.20
C LEU A 51 -4.00 -0.45 6.35
N PHE A 52 -4.55 0.58 6.97
CA PHE A 52 -5.49 0.39 8.07
C PHE A 52 -6.92 0.53 7.60
N SER A 53 -7.83 -0.19 8.26
CA SER A 53 -9.25 -0.14 7.90
C SER A 53 -10.12 -0.61 9.07
N LYS A 54 -11.20 0.13 9.32
CA LYS A 54 -12.11 -0.21 10.40
C LYS A 54 -13.47 -0.62 9.85
N ALA A 55 -13.84 -1.88 10.08
CA ALA A 55 -15.12 -2.40 9.61
C ALA A 55 -16.23 -2.08 10.61
N VAL A 56 -17.47 -2.12 10.13
CA VAL A 56 -18.62 -1.83 10.97
C VAL A 56 -18.41 -2.33 12.39
N ASN A 57 -17.82 -3.51 12.51
CA ASN A 57 -17.55 -4.11 13.82
C ASN A 57 -16.22 -4.83 13.82
N ASP A 58 -15.31 -4.39 14.67
CA ASP A 58 -13.98 -5.00 14.78
C ASP A 58 -13.32 -4.64 16.10
N LYS A 59 -12.25 -5.36 16.44
CA LYS A 59 -11.53 -5.10 17.68
C LYS A 59 -10.50 -3.99 17.50
N LYS A 60 -10.86 -2.78 17.90
CA LYS A 60 -9.97 -1.63 17.77
C LYS A 60 -9.44 -1.51 16.36
N GLY A 61 -10.26 -1.89 15.38
CA GLY A 61 -9.85 -1.81 13.99
C GLY A 61 -9.12 -3.05 13.53
N THR A 62 -8.83 -3.12 12.23
CA THR A 62 -8.13 -4.27 11.67
C THR A 62 -7.18 -3.84 10.55
N VAL A 63 -5.90 -4.18 10.69
CA VAL A 63 -4.90 -3.82 9.70
C VAL A 63 -4.79 -4.90 8.62
N LYS A 64 -4.98 -4.51 7.37
CA LYS A 64 -4.90 -5.44 6.26
C LYS A 64 -3.55 -5.34 5.56
N HIS A 65 -3.08 -6.47 5.04
CA HIS A 65 -1.79 -6.50 4.34
C HIS A 65 -1.94 -7.11 2.95
N TYR A 66 -1.41 -6.43 1.94
CA TYR A 66 -1.49 -6.89 0.57
C TYR A 66 -0.09 -7.07 -0.02
N HIS A 67 0.10 -8.16 -0.77
CA HIS A 67 1.38 -8.44 -1.39
C HIS A 67 1.27 -8.36 -2.92
N VAL A 68 2.03 -7.44 -3.51
CA VAL A 68 2.03 -7.26 -4.96
C VAL A 68 2.37 -8.56 -5.68
N HIS A 69 1.40 -9.11 -6.40
CA HIS A 69 1.59 -10.35 -7.14
C HIS A 69 2.01 -10.06 -8.58
N THR A 70 2.70 -11.01 -9.19
CA THR A 70 3.16 -10.87 -10.56
C THR A 70 2.82 -12.10 -11.39
N ASN A 71 2.47 -11.88 -12.66
CA ASN A 71 2.12 -12.98 -13.56
C ASN A 71 3.16 -13.13 -14.66
N ALA A 72 2.91 -14.05 -15.58
CA ALA A 72 3.83 -14.30 -16.69
C ALA A 72 4.20 -13.01 -17.39
N GLU A 73 3.18 -12.21 -17.73
CA GLU A 73 3.41 -10.95 -18.42
C GLU A 73 4.30 -10.02 -17.58
N ASN A 74 4.46 -10.37 -16.31
CA ASN A 74 5.29 -9.58 -15.41
C ASN A 74 4.57 -8.29 -15.01
N LYS A 75 3.27 -8.38 -14.81
CA LYS A 75 2.47 -7.23 -14.43
C LYS A 75 2.16 -7.26 -12.93
N LEU A 76 2.43 -6.13 -12.26
CA LEU A 76 2.17 -6.03 -10.83
C LEU A 76 0.71 -5.70 -10.55
N TYR A 77 0.07 -6.53 -9.75
CA TYR A 77 -1.34 -6.33 -9.39
C TYR A 77 -1.61 -6.80 -7.98
N LEU A 78 -2.52 -6.09 -7.30
CA LEU A 78 -2.89 -6.44 -5.93
C LEU A 78 -4.09 -7.38 -5.91
N ALA A 79 -4.99 -7.20 -6.87
CA ALA A 79 -6.18 -8.03 -6.96
C ALA A 79 -6.26 -8.74 -8.31
N GLU A 80 -6.74 -9.98 -8.30
CA GLU A 80 -6.86 -10.77 -9.52
C GLU A 80 -7.81 -10.10 -10.51
N ASN A 81 -7.63 -10.40 -11.79
CA ASN A 81 -8.47 -9.82 -12.83
C ASN A 81 -8.22 -8.33 -12.98
N TYR A 82 -7.01 -7.90 -12.62
CA TYR A 82 -6.64 -6.50 -12.70
C TYR A 82 -5.14 -6.34 -12.94
N CYS A 83 -4.75 -5.22 -13.54
CA CYS A 83 -3.35 -4.95 -13.83
C CYS A 83 -3.04 -3.46 -13.65
N PHE A 84 -1.76 -3.15 -13.45
CA PHE A 84 -1.31 -1.78 -13.26
C PHE A 84 -0.02 -1.51 -14.02
N ASP A 85 0.47 -0.28 -13.92
CA ASP A 85 1.71 0.10 -14.59
C ASP A 85 2.91 -0.10 -13.68
N SER A 86 2.76 0.26 -12.41
CA SER A 86 3.84 0.12 -11.44
C SER A 86 3.31 0.29 -10.02
N ILE A 87 4.19 0.06 -9.04
CA ILE A 87 3.81 0.19 -7.64
C ILE A 87 3.14 1.53 -7.37
N PRO A 88 3.86 2.63 -7.66
CA PRO A 88 3.36 3.99 -7.46
C PRO A 88 2.24 4.34 -8.42
N LYS A 89 2.29 3.75 -9.62
CA LYS A 89 1.27 4.00 -10.63
C LYS A 89 -0.05 3.34 -10.26
N LEU A 90 0.00 2.46 -9.26
CA LEU A 90 -1.21 1.76 -8.80
C LEU A 90 -1.91 2.54 -7.71
N ILE A 91 -1.12 3.16 -6.82
CA ILE A 91 -1.68 3.94 -5.72
C ILE A 91 -2.60 5.04 -6.24
N HIS A 92 -2.14 5.76 -7.25
CA HIS A 92 -2.93 6.84 -7.84
C HIS A 92 -4.39 6.43 -7.98
N TYR A 93 -4.63 5.32 -8.64
CA TYR A 93 -5.98 4.82 -8.84
C TYR A 93 -6.62 4.42 -7.51
N HIS A 94 -6.00 3.47 -6.83
CA HIS A 94 -6.51 3.00 -5.54
C HIS A 94 -6.95 4.17 -4.68
N GLN A 95 -6.25 5.29 -4.78
CA GLN A 95 -6.57 6.48 -4.00
C GLN A 95 -7.90 7.08 -4.46
N HIS A 96 -8.14 7.04 -5.76
CA HIS A 96 -9.37 7.58 -6.33
C HIS A 96 -10.50 6.54 -6.27
N ASN A 97 -10.30 5.42 -6.95
CA ASN A 97 -11.28 4.35 -6.97
C ASN A 97 -10.62 2.99 -6.76
N SER A 98 -10.83 2.42 -5.58
CA SER A 98 -10.25 1.12 -5.25
C SER A 98 -10.54 0.11 -6.34
N ALA A 99 -9.93 -1.07 -6.22
CA ALA A 99 -10.12 -2.14 -7.21
C ALA A 99 -10.57 -3.43 -6.53
N GLY A 100 -11.87 -3.72 -6.64
CA GLY A 100 -12.39 -4.93 -6.03
C GLY A 100 -12.95 -4.69 -4.64
N MET A 101 -12.34 -5.33 -3.65
CA MET A 101 -12.77 -5.18 -2.27
C MET A 101 -11.75 -4.36 -1.46
N ILE A 102 -10.52 -4.34 -1.94
CA ILE A 102 -9.46 -3.59 -1.28
C ILE A 102 -9.94 -2.21 -0.84
N THR A 103 -9.96 -1.98 0.46
CA THR A 103 -10.41 -0.70 1.01
C THR A 103 -9.80 0.47 0.23
N ARG A 104 -10.59 1.52 0.05
CA ARG A 104 -10.13 2.70 -0.68
C ARG A 104 -9.23 3.56 0.20
N LEU A 105 -7.98 3.71 -0.21
CA LEU A 105 -7.01 4.51 0.53
C LEU A 105 -7.59 5.86 0.91
N ARG A 106 -7.37 6.28 2.15
CA ARG A 106 -7.88 7.55 2.63
C ARG A 106 -6.79 8.62 2.59
N HIS A 107 -5.67 8.35 3.26
CA HIS A 107 -4.56 9.30 3.30
C HIS A 107 -3.23 8.56 3.41
N PRO A 108 -2.18 9.12 2.80
CA PRO A 108 -0.84 8.53 2.83
C PRO A 108 -0.20 8.60 4.21
N VAL A 109 0.37 7.48 4.66
CA VAL A 109 1.01 7.40 5.96
C VAL A 109 2.52 7.26 5.81
N SER A 110 3.25 7.74 6.82
CA SER A 110 4.71 7.66 6.81
C SER A 110 5.29 8.13 8.13
N GLY A 1 22.94 17.95 -1.78
CA GLY A 1 22.63 16.98 -0.73
C GLY A 1 21.50 16.05 -1.13
N SER A 2 21.32 14.98 -0.35
CA SER A 2 20.28 14.00 -0.64
C SER A 2 20.27 13.63 -2.12
N SER A 3 21.45 13.46 -2.69
CA SER A 3 21.57 13.10 -4.10
C SER A 3 22.02 11.66 -4.26
N GLY A 4 21.06 10.74 -4.19
CA GLY A 4 21.37 9.33 -4.34
C GLY A 4 20.51 8.64 -5.37
N SER A 5 19.47 7.96 -4.92
CA SER A 5 18.57 7.25 -5.81
C SER A 5 17.14 7.74 -5.64
N SER A 6 16.47 8.03 -6.76
CA SER A 6 15.10 8.51 -6.72
C SER A 6 14.28 7.77 -5.67
N GLY A 7 14.25 6.44 -5.79
CA GLY A 7 13.51 5.62 -4.85
C GLY A 7 12.04 6.00 -4.80
N LEU A 8 11.29 5.33 -3.94
CA LEU A 8 9.86 5.59 -3.79
C LEU A 8 9.57 6.27 -2.46
N ASP A 9 10.40 7.26 -2.12
CA ASP A 9 10.22 7.99 -0.87
C ASP A 9 9.41 9.26 -1.10
N ASP A 10 9.72 9.96 -2.20
CA ASP A 10 9.02 11.20 -2.54
C ASP A 10 7.55 11.11 -2.15
N TYR A 11 6.93 9.97 -2.44
CA TYR A 11 5.52 9.77 -2.13
C TYR A 11 5.27 9.90 -0.63
N ASP A 12 4.02 9.70 -0.22
CA ASP A 12 3.65 9.80 1.18
C ASP A 12 3.05 8.49 1.68
N TRP A 13 2.76 7.59 0.74
CA TRP A 13 2.17 6.30 1.09
C TRP A 13 3.24 5.21 1.12
N PHE A 14 4.49 5.60 0.90
CA PHE A 14 5.60 4.66 0.91
C PHE A 14 6.44 4.82 2.17
N ALA A 15 6.22 3.94 3.13
CA ALA A 15 6.95 3.98 4.39
C ALA A 15 8.36 3.43 4.23
N GLY A 16 8.46 2.27 3.58
CA GLY A 16 9.76 1.65 3.36
C GLY A 16 10.00 0.49 4.31
N ASN A 17 11.28 0.21 4.56
CA ASN A 17 11.66 -0.88 5.45
C ASN A 17 11.14 -0.63 6.86
N ILE A 18 10.15 -1.42 7.28
CA ILE A 18 9.57 -1.28 8.61
C ILE A 18 9.39 -2.64 9.27
N SER A 19 9.09 -2.63 10.56
CA SER A 19 8.89 -3.86 11.32
C SER A 19 7.41 -4.16 11.48
N ARG A 20 7.11 -5.34 12.03
CA ARG A 20 5.72 -5.75 12.24
C ARG A 20 5.04 -4.86 13.27
N SER A 21 5.81 -4.38 14.24
CA SER A 21 5.28 -3.52 15.29
C SER A 21 5.21 -2.08 14.81
N GLN A 22 6.25 -1.62 14.12
CA GLN A 22 6.30 -0.26 13.61
C GLN A 22 5.17 0.00 12.63
N SER A 23 5.15 -0.76 11.54
CA SER A 23 4.12 -0.60 10.52
C SER A 23 2.76 -0.27 11.16
N GLU A 24 2.28 -1.18 11.99
CA GLU A 24 1.00 -0.98 12.67
C GLU A 24 1.06 0.21 13.62
N GLN A 25 2.07 0.21 14.49
CA GLN A 25 2.24 1.29 15.46
C GLN A 25 2.13 2.64 14.78
N LEU A 26 2.35 2.67 13.48
CA LEU A 26 2.28 3.91 12.70
C LEU A 26 0.84 4.17 12.23
N LEU A 27 0.32 3.25 11.42
CA LEU A 27 -1.03 3.39 10.90
C LEU A 27 -1.99 3.88 11.98
N ARG A 28 -1.84 3.33 13.19
CA ARG A 28 -2.70 3.71 14.30
C ARG A 28 -2.31 5.08 14.84
N GLN A 29 -1.03 5.23 15.19
CA GLN A 29 -0.53 6.49 15.71
C GLN A 29 -0.97 7.67 14.84
N LYS A 30 -1.07 7.42 13.54
CA LYS A 30 -1.47 8.45 12.59
C LYS A 30 -2.66 9.25 13.14
N GLY A 31 -3.78 8.56 13.37
CA GLY A 31 -4.95 9.23 13.88
C GLY A 31 -5.97 9.54 12.80
N LYS A 32 -5.84 8.86 11.67
CA LYS A 32 -6.75 9.07 10.55
C LYS A 32 -7.33 7.75 10.06
N GLU A 33 -8.52 7.81 9.47
CA GLU A 33 -9.18 6.61 8.97
C GLU A 33 -8.80 6.36 7.51
N GLY A 34 -8.95 5.11 7.06
CA GLY A 34 -8.62 4.77 5.70
C GLY A 34 -7.17 5.05 5.36
N ALA A 35 -6.31 5.04 6.38
CA ALA A 35 -4.89 5.31 6.20
C ALA A 35 -4.19 4.09 5.59
N PHE A 36 -3.46 4.30 4.51
CA PHE A 36 -2.74 3.22 3.85
C PHE A 36 -1.26 3.57 3.69
N MET A 37 -0.44 2.55 3.45
CA MET A 37 1.00 2.76 3.28
C MET A 37 1.59 1.69 2.36
N VAL A 38 2.90 1.73 2.18
CA VAL A 38 3.60 0.78 1.33
C VAL A 38 5.02 0.54 1.81
N ARG A 39 5.30 -0.68 2.24
CA ARG A 39 6.63 -1.03 2.74
C ARG A 39 7.31 -2.03 1.80
N ASN A 40 8.60 -2.25 2.01
CA ASN A 40 9.37 -3.18 1.19
C ASN A 40 9.44 -4.55 1.84
N SER A 41 9.26 -5.60 1.04
CA SER A 41 9.30 -6.96 1.54
C SER A 41 10.60 -7.22 2.31
N SER A 42 10.77 -8.46 2.77
CA SER A 42 11.97 -8.83 3.51
C SER A 42 13.20 -8.80 2.61
N GLN A 43 13.64 -7.60 2.28
CA GLN A 43 14.82 -7.43 1.43
C GLN A 43 14.88 -8.52 0.36
N VAL A 44 13.73 -8.80 -0.26
CA VAL A 44 13.65 -9.81 -1.30
C VAL A 44 13.19 -9.21 -2.63
N GLY A 45 13.31 -7.89 -2.74
CA GLY A 45 12.90 -7.21 -3.96
C GLY A 45 11.41 -6.94 -4.01
N MET A 46 10.62 -7.96 -3.67
CA MET A 46 9.17 -7.82 -3.67
C MET A 46 8.73 -6.59 -2.87
N TYR A 47 7.42 -6.37 -2.81
CA TYR A 47 6.88 -5.23 -2.09
C TYR A 47 5.66 -5.63 -1.28
N THR A 48 5.19 -4.73 -0.42
CA THR A 48 4.04 -4.99 0.43
C THR A 48 3.23 -3.72 0.66
N VAL A 49 1.91 -3.82 0.52
CA VAL A 49 1.02 -2.68 0.72
C VAL A 49 0.09 -2.92 1.90
N SER A 50 0.45 -2.37 3.05
CA SER A 50 -0.36 -2.51 4.26
C SER A 50 -1.18 -1.26 4.52
N LEU A 51 -2.40 -1.44 5.00
CA LEU A 51 -3.29 -0.32 5.29
C LEU A 51 -4.16 -0.63 6.51
N PHE A 52 -4.65 0.43 7.15
CA PHE A 52 -5.50 0.28 8.33
C PHE A 52 -6.95 0.61 8.00
N SER A 53 -7.82 -0.39 8.12
CA SER A 53 -9.24 -0.21 7.83
C SER A 53 -10.10 -1.08 8.73
N LYS A 54 -11.37 -0.71 8.87
CA LYS A 54 -12.30 -1.46 9.71
C LYS A 54 -13.49 -1.95 8.89
N ALA A 55 -13.81 -3.24 9.04
CA ALA A 55 -14.93 -3.83 8.32
C ALA A 55 -16.22 -3.06 8.58
N VAL A 56 -17.29 -3.48 7.93
CA VAL A 56 -18.59 -2.84 8.09
C VAL A 56 -19.24 -3.23 9.41
N ASN A 57 -18.84 -4.37 9.94
CA ASN A 57 -19.37 -4.86 11.21
C ASN A 57 -18.37 -4.68 12.34
N ASP A 58 -17.19 -5.28 12.17
CA ASP A 58 -16.14 -5.18 13.18
C ASP A 58 -16.15 -3.82 13.85
N LYS A 59 -16.06 -2.77 13.04
CA LYS A 59 -16.06 -1.40 13.55
C LYS A 59 -14.94 -1.20 14.58
N LYS A 60 -13.79 -1.81 14.31
CA LYS A 60 -12.64 -1.70 15.21
C LYS A 60 -11.42 -1.15 14.48
N GLY A 61 -10.91 -1.92 13.52
CA GLY A 61 -9.76 -1.49 12.75
C GLY A 61 -8.64 -2.50 12.79
N THR A 62 -8.53 -3.31 11.74
CA THR A 62 -7.49 -4.33 11.65
C THR A 62 -6.50 -4.02 10.53
N VAL A 63 -5.22 -4.19 10.80
CA VAL A 63 -4.17 -3.93 9.82
C VAL A 63 -4.10 -5.06 8.80
N LYS A 64 -4.43 -4.75 7.55
CA LYS A 64 -4.39 -5.74 6.48
C LYS A 64 -3.15 -5.55 5.60
N HIS A 65 -2.46 -6.65 5.32
CA HIS A 65 -1.26 -6.60 4.49
C HIS A 65 -1.49 -7.32 3.16
N TYR A 66 -0.94 -6.76 2.09
CA TYR A 66 -1.09 -7.33 0.76
C TYR A 66 0.27 -7.39 0.04
N HIS A 67 0.60 -8.56 -0.48
CA HIS A 67 1.85 -8.74 -1.19
C HIS A 67 1.67 -8.51 -2.69
N VAL A 68 2.49 -7.63 -3.25
CA VAL A 68 2.42 -7.31 -4.68
C VAL A 68 2.87 -8.49 -5.52
N HIS A 69 1.90 -9.23 -6.05
CA HIS A 69 2.20 -10.39 -6.88
C HIS A 69 2.71 -9.95 -8.25
N THR A 70 3.09 -10.93 -9.07
CA THR A 70 3.60 -10.65 -10.41
C THR A 70 3.04 -11.63 -11.43
N ASN A 71 2.85 -11.15 -12.67
CA ASN A 71 2.32 -11.99 -13.73
C ASN A 71 3.42 -12.38 -14.72
N ALA A 72 3.07 -13.23 -15.68
CA ALA A 72 4.02 -13.67 -16.69
C ALA A 72 4.67 -12.49 -17.40
N GLU A 73 3.89 -11.43 -17.60
CA GLU A 73 4.39 -10.23 -18.26
C GLU A 73 4.89 -9.20 -17.24
N ASN A 74 5.55 -9.69 -16.20
CA ASN A 74 6.07 -8.82 -15.15
C ASN A 74 5.07 -7.72 -14.81
N LYS A 75 3.80 -8.11 -14.66
CA LYS A 75 2.75 -7.15 -14.33
C LYS A 75 2.41 -7.21 -12.84
N LEU A 76 2.50 -6.06 -12.18
CA LEU A 76 2.21 -5.98 -10.75
C LEU A 76 0.74 -5.63 -10.52
N TYR A 77 0.17 -6.23 -9.48
CA TYR A 77 -1.23 -5.99 -9.14
C TYR A 77 -1.53 -6.41 -7.71
N LEU A 78 -2.22 -5.53 -6.98
CA LEU A 78 -2.57 -5.81 -5.59
C LEU A 78 -3.88 -6.59 -5.50
N ALA A 79 -4.74 -6.40 -6.49
CA ALA A 79 -6.03 -7.08 -6.54
C ALA A 79 -6.03 -8.18 -7.59
N GLU A 80 -6.71 -9.28 -7.29
CA GLU A 80 -6.80 -10.40 -8.21
C GLU A 80 -7.59 -10.02 -9.46
N ASN A 81 -7.24 -10.64 -10.58
CA ASN A 81 -7.92 -10.37 -11.85
C ASN A 81 -7.73 -8.91 -12.26
N TYR A 82 -6.51 -8.41 -12.09
CA TYR A 82 -6.20 -7.03 -12.45
C TYR A 82 -4.76 -6.91 -12.95
N CYS A 83 -4.39 -5.71 -13.38
CA CYS A 83 -3.04 -5.46 -13.88
C CYS A 83 -2.76 -3.96 -13.94
N PHE A 84 -1.48 -3.61 -13.81
CA PHE A 84 -1.07 -2.21 -13.84
C PHE A 84 0.28 -2.05 -14.54
N ASP A 85 0.78 -0.82 -14.56
CA ASP A 85 2.06 -0.54 -15.20
C ASP A 85 3.19 -0.49 -14.17
N SER A 86 2.87 0.03 -12.98
CA SER A 86 3.86 0.14 -11.91
C SER A 86 3.18 0.18 -10.55
N ILE A 87 3.98 0.27 -9.49
CA ILE A 87 3.45 0.32 -8.14
C ILE A 87 2.69 1.61 -7.89
N PRO A 88 3.37 2.75 -8.07
CA PRO A 88 2.77 4.08 -7.89
C PRO A 88 1.73 4.40 -8.96
N LYS A 89 1.56 3.49 -9.91
CA LYS A 89 0.60 3.68 -10.98
C LYS A 89 -0.76 3.10 -10.61
N LEU A 90 -0.76 2.13 -9.71
CA LEU A 90 -1.99 1.48 -9.27
C LEU A 90 -2.66 2.30 -8.18
N ILE A 91 -1.86 2.90 -7.30
CA ILE A 91 -2.38 3.72 -6.21
C ILE A 91 -3.16 4.90 -6.74
N HIS A 92 -2.67 5.51 -7.81
CA HIS A 92 -3.33 6.66 -8.41
C HIS A 92 -4.82 6.41 -8.56
N TYR A 93 -5.18 5.25 -9.10
CA TYR A 93 -6.58 4.88 -9.29
C TYR A 93 -7.30 4.79 -7.95
N HIS A 94 -6.77 3.97 -7.05
CA HIS A 94 -7.37 3.79 -5.73
C HIS A 94 -7.68 5.14 -5.09
N GLN A 95 -6.68 6.03 -5.05
CA GLN A 95 -6.85 7.35 -4.46
C GLN A 95 -8.16 7.99 -4.94
N HIS A 96 -8.42 7.88 -6.23
CA HIS A 96 -9.64 8.45 -6.82
C HIS A 96 -10.84 7.54 -6.58
N ASN A 97 -10.80 6.37 -7.20
CA ASN A 97 -11.89 5.40 -7.07
C ASN A 97 -11.34 4.01 -6.75
N SER A 98 -11.83 3.41 -5.67
CA SER A 98 -11.39 2.09 -5.26
C SER A 98 -11.51 1.09 -6.41
N ALA A 99 -10.87 -0.06 -6.27
CA ALA A 99 -10.92 -1.09 -7.29
C ALA A 99 -10.92 -2.49 -6.66
N GLY A 100 -12.07 -3.14 -6.69
CA GLY A 100 -12.19 -4.47 -6.13
C GLY A 100 -12.37 -4.45 -4.62
N MET A 101 -12.11 -5.57 -3.98
CA MET A 101 -12.25 -5.67 -2.53
C MET A 101 -11.32 -4.69 -1.82
N ILE A 102 -10.14 -4.49 -2.38
CA ILE A 102 -9.16 -3.57 -1.80
C ILE A 102 -9.84 -2.35 -1.22
N THR A 103 -9.61 -2.12 0.08
CA THR A 103 -10.20 -0.98 0.77
C THR A 103 -9.92 0.32 0.03
N ARG A 104 -10.75 1.33 0.27
CA ARG A 104 -10.59 2.63 -0.38
C ARG A 104 -9.52 3.45 0.31
N LEU A 105 -8.35 3.55 -0.31
CA LEU A 105 -7.24 4.31 0.26
C LEU A 105 -7.64 5.76 0.49
N ARG A 106 -7.95 6.09 1.75
CA ARG A 106 -8.35 7.44 2.11
C ARG A 106 -7.16 8.39 2.06
N HIS A 107 -6.21 8.18 2.96
CA HIS A 107 -5.01 9.03 3.01
C HIS A 107 -3.75 8.18 3.14
N PRO A 108 -2.65 8.66 2.54
CA PRO A 108 -1.36 7.97 2.58
C PRO A 108 -0.75 7.97 3.97
N VAL A 109 0.19 7.05 4.20
CA VAL A 109 0.87 6.94 5.49
C VAL A 109 2.32 6.49 5.32
N SER A 110 3.23 7.20 5.97
CA SER A 110 4.65 6.88 5.89
C SER A 110 5.16 6.32 7.22
N GLY A 1 25.51 15.77 -6.45
CA GLY A 1 26.33 14.67 -6.92
C GLY A 1 25.51 13.45 -7.28
N SER A 2 25.13 12.67 -6.27
CA SER A 2 24.34 11.46 -6.48
C SER A 2 22.86 11.74 -6.27
N SER A 3 22.11 11.79 -7.37
CA SER A 3 20.67 12.05 -7.30
C SER A 3 19.91 11.18 -8.29
N GLY A 4 18.58 11.22 -8.22
CA GLY A 4 17.76 10.42 -9.11
C GLY A 4 16.42 11.07 -9.39
N SER A 5 15.95 10.96 -10.64
CA SER A 5 14.68 11.54 -11.03
C SER A 5 13.52 10.62 -10.67
N SER A 6 13.57 9.40 -11.20
CA SER A 6 12.52 8.42 -10.94
C SER A 6 12.80 7.65 -9.65
N GLY A 7 12.05 7.96 -8.60
CA GLY A 7 12.23 7.30 -7.32
C GLY A 7 10.92 7.03 -6.62
N LEU A 8 10.75 5.79 -6.15
CA LEU A 8 9.52 5.41 -5.45
C LEU A 8 9.55 5.86 -4.01
N ASP A 9 10.73 5.77 -3.38
CA ASP A 9 10.88 6.18 -2.00
C ASP A 9 10.70 7.68 -1.84
N ASP A 10 10.89 8.42 -2.93
CA ASP A 10 10.75 9.87 -2.91
C ASP A 10 9.31 10.26 -2.59
N TYR A 11 8.43 9.27 -2.56
CA TYR A 11 7.02 9.51 -2.26
C TYR A 11 6.80 9.67 -0.75
N ASP A 12 5.55 9.83 -0.36
CA ASP A 12 5.19 9.99 1.05
C ASP A 12 4.57 8.71 1.60
N TRP A 13 3.59 8.18 0.88
CA TRP A 13 2.91 6.96 1.28
C TRP A 13 3.90 5.81 1.49
N PHE A 14 4.99 5.84 0.72
CA PHE A 14 6.01 4.80 0.81
C PHE A 14 6.79 4.93 2.12
N ALA A 15 6.70 3.88 2.94
CA ALA A 15 7.40 3.87 4.23
C ALA A 15 8.74 3.15 4.12
N GLY A 16 8.75 2.01 3.43
CA GLY A 16 9.97 1.25 3.27
C GLY A 16 9.95 -0.04 4.06
N ASN A 17 11.13 -0.48 4.51
CA ASN A 17 11.25 -1.71 5.28
C ASN A 17 10.82 -1.48 6.73
N ILE A 18 9.63 -1.97 7.08
CA ILE A 18 9.11 -1.82 8.43
C ILE A 18 8.86 -3.19 9.06
N SER A 19 8.64 -3.19 10.38
CA SER A 19 8.37 -4.42 11.11
C SER A 19 6.89 -4.58 11.41
N ARG A 20 6.46 -5.81 11.63
CA ARG A 20 5.06 -6.10 11.93
C ARG A 20 4.56 -5.20 13.04
N SER A 21 5.48 -4.64 13.81
CA SER A 21 5.13 -3.76 14.92
C SER A 21 5.01 -2.32 14.45
N GLN A 22 6.09 -1.81 13.86
CA GLN A 22 6.12 -0.44 13.36
C GLN A 22 4.87 -0.13 12.54
N SER A 23 4.65 -0.92 11.49
CA SER A 23 3.50 -0.73 10.62
C SER A 23 2.29 -0.27 11.42
N GLU A 24 1.75 -1.18 12.25
CA GLU A 24 0.60 -0.87 13.07
C GLU A 24 0.80 0.42 13.87
N GLN A 25 1.94 0.50 14.55
CA GLN A 25 2.27 1.67 15.35
C GLN A 25 2.02 2.96 14.57
N LEU A 26 2.43 2.96 13.31
CA LEU A 26 2.26 4.13 12.45
C LEU A 26 0.78 4.37 12.16
N LEU A 27 0.15 3.40 11.50
CA LEU A 27 -1.28 3.50 11.17
C LEU A 27 -2.10 3.89 12.39
N ARG A 28 -1.58 3.59 13.58
CA ARG A 28 -2.26 3.92 14.82
C ARG A 28 -2.01 5.38 15.21
N GLN A 29 -0.74 5.72 15.40
CA GLN A 29 -0.36 7.08 15.78
C GLN A 29 -1.01 8.10 14.85
N LYS A 30 -1.06 7.78 13.57
CA LYS A 30 -1.66 8.68 12.58
C LYS A 30 -3.10 9.00 12.94
N GLY A 31 -3.90 7.96 13.16
CA GLY A 31 -5.29 8.16 13.51
C GLY A 31 -6.13 8.61 12.33
N LYS A 32 -5.65 8.35 11.12
CA LYS A 32 -6.36 8.74 9.91
C LYS A 32 -7.11 7.55 9.31
N GLU A 33 -8.43 7.61 9.35
CA GLU A 33 -9.26 6.54 8.81
C GLU A 33 -8.98 6.34 7.32
N GLY A 34 -8.80 5.07 6.94
CA GLY A 34 -8.53 4.76 5.54
C GLY A 34 -7.05 4.92 5.19
N ALA A 35 -6.25 5.36 6.16
CA ALA A 35 -4.83 5.55 5.94
C ALA A 35 -4.23 4.38 5.17
N PHE A 36 -3.21 4.66 4.38
CA PHE A 36 -2.54 3.64 3.58
C PHE A 36 -1.05 3.91 3.46
N MET A 37 -0.28 2.87 3.18
CA MET A 37 1.17 3.01 3.04
C MET A 37 1.74 1.89 2.17
N VAL A 38 3.04 1.94 1.92
CA VAL A 38 3.71 0.94 1.10
C VAL A 38 5.07 0.57 1.68
N ARG A 39 5.32 -0.72 1.82
CA ARG A 39 6.59 -1.20 2.36
C ARG A 39 7.25 -2.17 1.39
N ASN A 40 8.41 -2.70 1.81
CA ASN A 40 9.15 -3.65 0.97
C ASN A 40 8.87 -5.09 1.40
N SER A 41 8.63 -5.96 0.42
CA SER A 41 8.35 -7.36 0.70
C SER A 41 9.56 -8.04 1.35
N SER A 42 9.39 -9.31 1.70
CA SER A 42 10.46 -10.07 2.34
C SER A 42 11.68 -10.15 1.43
N GLN A 43 11.47 -10.55 0.18
CA GLN A 43 12.56 -10.67 -0.78
C GLN A 43 12.52 -9.53 -1.78
N VAL A 44 13.69 -9.15 -2.30
CA VAL A 44 13.78 -8.07 -3.27
C VAL A 44 13.08 -8.44 -4.58
N GLY A 45 12.02 -7.70 -4.89
CA GLY A 45 11.28 -7.96 -6.11
C GLY A 45 9.82 -7.55 -6.01
N MET A 46 9.13 -8.06 -4.99
CA MET A 46 7.73 -7.74 -4.78
C MET A 46 7.57 -6.66 -3.71
N TYR A 47 6.33 -6.30 -3.43
CA TYR A 47 6.04 -5.27 -2.43
C TYR A 47 4.83 -5.66 -1.59
N THR A 48 4.65 -4.97 -0.47
CA THR A 48 3.54 -5.23 0.43
C THR A 48 2.79 -3.95 0.78
N VAL A 49 1.49 -3.93 0.49
CA VAL A 49 0.67 -2.76 0.78
C VAL A 49 -0.08 -2.92 2.09
N SER A 50 0.32 -2.15 3.10
CA SER A 50 -0.31 -2.22 4.41
C SER A 50 -1.13 -0.96 4.68
N LEU A 51 -2.44 -1.09 4.60
CA LEU A 51 -3.34 0.02 4.84
C LEU A 51 -4.24 -0.24 6.05
N PHE A 52 -4.60 0.84 6.74
CA PHE A 52 -5.45 0.73 7.93
C PHE A 52 -6.92 0.96 7.56
N SER A 53 -7.80 0.24 8.24
CA SER A 53 -9.23 0.36 8.00
C SER A 53 -10.03 0.13 9.28
N LYS A 54 -11.20 0.76 9.35
CA LYS A 54 -12.06 0.64 10.52
C LYS A 54 -13.45 0.14 10.13
N ALA A 55 -13.88 -0.96 10.73
CA ALA A 55 -15.19 -1.52 10.45
C ALA A 55 -16.14 -1.34 11.62
N VAL A 56 -17.37 -1.84 11.48
CA VAL A 56 -18.36 -1.74 12.53
C VAL A 56 -17.92 -2.49 13.78
N ASN A 57 -17.15 -1.80 14.62
CA ASN A 57 -16.65 -2.40 15.86
C ASN A 57 -15.82 -3.64 15.57
N ASP A 58 -14.82 -3.47 14.70
CA ASP A 58 -13.94 -4.57 14.33
C ASP A 58 -12.55 -4.38 14.94
N LYS A 59 -12.45 -4.54 16.25
CA LYS A 59 -11.18 -4.38 16.94
C LYS A 59 -10.74 -2.92 16.94
N LYS A 60 -11.69 -2.02 17.13
CA LYS A 60 -11.39 -0.59 17.16
C LYS A 60 -10.31 -0.24 16.15
N GLY A 61 -10.39 -0.85 14.97
CA GLY A 61 -9.39 -0.59 13.94
C GLY A 61 -8.44 -1.75 13.74
N THR A 62 -8.28 -2.18 12.49
CA THR A 62 -7.38 -3.29 12.18
C THR A 62 -6.52 -2.97 10.97
N VAL A 63 -5.26 -3.38 11.02
CA VAL A 63 -4.32 -3.13 9.93
C VAL A 63 -4.26 -4.33 9.00
N LYS A 64 -4.48 -4.08 7.71
CA LYS A 64 -4.45 -5.15 6.71
C LYS A 64 -3.10 -5.17 5.99
N HIS A 65 -2.73 -6.33 5.47
CA HIS A 65 -1.47 -6.49 4.76
C HIS A 65 -1.68 -7.21 3.43
N TYR A 66 -1.47 -6.50 2.33
CA TYR A 66 -1.64 -7.07 1.00
C TYR A 66 -0.29 -7.30 0.33
N HIS A 67 -0.16 -8.41 -0.37
CA HIS A 67 1.08 -8.74 -1.06
C HIS A 67 0.95 -8.51 -2.56
N VAL A 68 1.89 -7.76 -3.13
CA VAL A 68 1.88 -7.46 -4.55
C VAL A 68 2.41 -8.62 -5.37
N HIS A 69 1.65 -9.02 -6.39
CA HIS A 69 2.05 -10.13 -7.25
C HIS A 69 2.49 -9.62 -8.62
N THR A 70 3.34 -10.39 -9.29
CA THR A 70 3.84 -10.02 -10.60
C THR A 70 3.39 -11.01 -11.66
N ASN A 71 3.07 -10.51 -12.85
CA ASN A 71 2.62 -11.36 -13.95
C ASN A 71 3.71 -11.49 -15.02
N ALA A 72 3.59 -12.51 -15.86
CA ALA A 72 4.56 -12.73 -16.92
C ALA A 72 5.05 -11.41 -17.51
N GLU A 73 4.12 -10.47 -17.70
CA GLU A 73 4.46 -9.16 -18.25
C GLU A 73 4.94 -8.22 -17.15
N ASN A 74 5.70 -8.76 -16.21
CA ASN A 74 6.23 -7.96 -15.10
C ASN A 74 5.19 -6.96 -14.61
N LYS A 75 3.92 -7.32 -14.74
CA LYS A 75 2.82 -6.45 -14.31
C LYS A 75 2.57 -6.60 -12.82
N LEU A 76 2.57 -5.47 -12.11
CA LEU A 76 2.34 -5.48 -10.67
C LEU A 76 0.87 -5.21 -10.35
N TYR A 77 0.40 -5.79 -9.25
CA TYR A 77 -0.99 -5.63 -8.84
C TYR A 77 -1.22 -6.23 -7.46
N LEU A 78 -2.37 -5.92 -6.86
CA LEU A 78 -2.72 -6.43 -5.55
C LEU A 78 -3.85 -7.45 -5.63
N ALA A 79 -4.50 -7.50 -6.79
CA ALA A 79 -5.60 -8.42 -7.00
C ALA A 79 -5.48 -9.10 -8.37
N GLU A 80 -5.20 -10.40 -8.37
CA GLU A 80 -5.06 -11.16 -9.61
C GLU A 80 -6.19 -10.82 -10.57
N ASN A 81 -7.37 -10.53 -10.03
CA ASN A 81 -8.53 -10.19 -10.84
C ASN A 81 -8.24 -8.99 -11.73
N TYR A 82 -7.53 -8.02 -11.18
CA TYR A 82 -7.19 -6.81 -11.92
C TYR A 82 -5.67 -6.66 -12.05
N CYS A 83 -5.25 -5.64 -12.79
CA CYS A 83 -3.82 -5.39 -13.00
C CYS A 83 -3.52 -3.90 -12.91
N PHE A 84 -2.27 -3.54 -13.16
CA PHE A 84 -1.83 -2.15 -13.10
C PHE A 84 -0.59 -1.93 -13.94
N ASP A 85 -0.08 -0.69 -13.92
CA ASP A 85 1.12 -0.35 -14.68
C ASP A 85 2.37 -0.53 -13.82
N SER A 86 2.34 0.07 -12.62
CA SER A 86 3.48 -0.02 -11.70
C SER A 86 3.02 0.17 -10.26
N ILE A 87 3.97 0.22 -9.34
CA ILE A 87 3.67 0.39 -7.93
C ILE A 87 2.89 1.68 -7.68
N PRO A 88 3.49 2.81 -8.08
CA PRO A 88 2.86 4.13 -7.92
C PRO A 88 1.67 4.33 -8.85
N LYS A 89 1.82 3.90 -10.09
CA LYS A 89 0.75 4.02 -11.07
C LYS A 89 -0.52 3.32 -10.59
N LEU A 90 -0.35 2.34 -9.73
CA LEU A 90 -1.47 1.59 -9.18
C LEU A 90 -2.16 2.36 -8.06
N ILE A 91 -1.37 3.12 -7.31
CA ILE A 91 -1.89 3.91 -6.20
C ILE A 91 -2.87 4.97 -6.70
N HIS A 92 -2.50 5.64 -7.79
CA HIS A 92 -3.35 6.68 -8.38
C HIS A 92 -4.74 6.13 -8.69
N TYR A 93 -4.79 4.88 -9.15
CA TYR A 93 -6.06 4.25 -9.48
C TYR A 93 -6.87 3.95 -8.23
N HIS A 94 -6.27 3.24 -7.29
CA HIS A 94 -6.94 2.89 -6.04
C HIS A 94 -7.39 4.14 -5.30
N GLN A 95 -6.45 5.04 -5.02
CA GLN A 95 -6.75 6.29 -4.32
C GLN A 95 -8.04 6.90 -4.84
N HIS A 96 -8.23 6.84 -6.16
CA HIS A 96 -9.43 7.39 -6.79
C HIS A 96 -10.54 6.35 -6.86
N ASN A 97 -10.37 5.38 -7.76
CA ASN A 97 -11.36 4.32 -7.93
C ASN A 97 -10.87 3.01 -7.33
N SER A 98 -11.57 2.54 -6.29
CA SER A 98 -11.19 1.31 -5.62
C SER A 98 -11.35 0.11 -6.55
N ALA A 99 -11.05 -1.08 -6.03
CA ALA A 99 -11.15 -2.31 -6.82
C ALA A 99 -11.28 -3.52 -5.93
N GLY A 100 -11.96 -4.55 -6.42
CA GLY A 100 -12.14 -5.77 -5.64
C GLY A 100 -12.65 -5.49 -4.25
N MET A 101 -11.84 -5.84 -3.25
CA MET A 101 -12.21 -5.63 -1.85
C MET A 101 -11.14 -4.81 -1.12
N ILE A 102 -10.19 -4.29 -1.88
CA ILE A 102 -9.11 -3.49 -1.31
C ILE A 102 -9.62 -2.12 -0.87
N THR A 103 -9.92 -1.99 0.42
CA THR A 103 -10.41 -0.73 0.97
C THR A 103 -9.76 0.47 0.28
N ARG A 104 -10.58 1.42 -0.13
CA ARG A 104 -10.09 2.61 -0.80
C ARG A 104 -9.11 3.38 0.09
N LEU A 105 -8.07 3.93 -0.52
CA LEU A 105 -7.06 4.68 0.22
C LEU A 105 -7.56 6.08 0.56
N ARG A 106 -7.45 6.45 1.82
CA ARG A 106 -7.90 7.77 2.27
C ARG A 106 -6.75 8.76 2.30
N HIS A 107 -5.73 8.47 3.12
CA HIS A 107 -4.56 9.34 3.24
C HIS A 107 -3.29 8.51 3.34
N PRO A 108 -2.19 9.05 2.79
CA PRO A 108 -0.89 8.38 2.80
C PRO A 108 -0.28 8.34 4.20
N VAL A 109 0.62 7.38 4.41
CA VAL A 109 1.27 7.23 5.71
C VAL A 109 2.71 6.76 5.54
N SER A 110 3.63 7.37 6.28
CA SER A 110 5.03 7.03 6.21
C SER A 110 5.53 6.49 7.55
N GLY A 1 9.09 22.25 -20.90
CA GLY A 1 10.15 21.81 -20.00
C GLY A 1 9.63 21.45 -18.62
N SER A 2 9.46 20.15 -18.38
CA SER A 2 8.96 19.67 -17.09
C SER A 2 9.74 18.45 -16.64
N SER A 3 10.05 18.41 -15.34
CA SER A 3 10.80 17.29 -14.77
C SER A 3 9.86 16.20 -14.27
N GLY A 4 10.43 15.06 -13.91
CA GLY A 4 9.62 13.96 -13.42
C GLY A 4 10.24 13.26 -12.22
N SER A 5 9.64 13.47 -11.06
CA SER A 5 10.15 12.87 -9.82
C SER A 5 10.44 11.39 -10.03
N SER A 6 11.70 11.00 -9.85
CA SER A 6 12.11 9.61 -10.02
C SER A 6 12.57 9.02 -8.68
N GLY A 7 11.95 7.91 -8.29
CA GLY A 7 12.31 7.26 -7.04
C GLY A 7 11.13 7.13 -6.10
N LEU A 8 10.87 5.91 -5.64
CA LEU A 8 9.76 5.66 -4.73
C LEU A 8 9.84 6.56 -3.50
N ASP A 9 11.04 6.71 -2.96
CA ASP A 9 11.25 7.55 -1.79
C ASP A 9 10.49 8.87 -1.92
N ASP A 10 10.68 9.54 -3.06
CA ASP A 10 10.00 10.81 -3.31
C ASP A 10 8.61 10.81 -2.71
N TYR A 11 7.78 9.86 -3.12
CA TYR A 11 6.42 9.77 -2.62
C TYR A 11 6.39 9.80 -1.09
N ASP A 12 5.19 9.89 -0.53
CA ASP A 12 5.03 9.93 0.92
C ASP A 12 4.58 8.58 1.45
N TRP A 13 3.41 8.12 0.99
CA TRP A 13 2.87 6.83 1.42
C TRP A 13 3.98 5.80 1.59
N PHE A 14 4.90 5.77 0.63
CA PHE A 14 6.01 4.82 0.68
C PHE A 14 6.75 4.92 2.01
N ALA A 15 6.40 4.02 2.93
CA ALA A 15 7.03 4.00 4.25
C ALA A 15 8.47 3.51 4.16
N GLY A 16 8.66 2.38 3.46
CA GLY A 16 9.99 1.83 3.32
C GLY A 16 10.15 0.52 4.07
N ASN A 17 11.24 0.41 4.83
CA ASN A 17 11.51 -0.79 5.62
C ASN A 17 10.90 -0.68 7.01
N ILE A 18 9.82 -1.42 7.23
CA ILE A 18 9.14 -1.41 8.52
C ILE A 18 8.89 -2.83 9.02
N SER A 19 8.37 -2.95 10.24
CA SER A 19 8.09 -4.25 10.84
C SER A 19 6.58 -4.52 10.85
N ARG A 20 6.22 -5.78 11.10
CA ARG A 20 4.82 -6.18 11.14
C ARG A 20 4.09 -5.46 12.27
N SER A 21 4.85 -4.99 13.25
CA SER A 21 4.27 -4.29 14.39
C SER A 21 4.19 -2.79 14.14
N GLN A 22 5.22 -2.26 13.48
CA GLN A 22 5.28 -0.83 13.17
C GLN A 22 4.18 -0.45 12.18
N SER A 23 4.24 -1.03 10.99
CA SER A 23 3.25 -0.74 9.95
C SER A 23 1.87 -0.53 10.56
N GLU A 24 1.49 -1.41 11.48
CA GLU A 24 0.19 -1.32 12.14
C GLU A 24 0.15 -0.14 13.10
N GLN A 25 1.15 -0.07 13.98
CA GLN A 25 1.23 1.02 14.95
C GLN A 25 1.17 2.38 14.26
N LEU A 26 2.16 2.68 13.45
CA LEU A 26 2.22 3.95 12.73
C LEU A 26 0.87 4.29 12.13
N LEU A 27 0.35 3.39 11.29
CA LEU A 27 -0.94 3.60 10.65
C LEU A 27 -1.94 4.24 11.62
N ARG A 28 -1.95 3.76 12.86
CA ARG A 28 -2.84 4.29 13.88
C ARG A 28 -2.32 5.61 14.43
N GLN A 29 -1.06 5.61 14.83
CA GLN A 29 -0.43 6.81 15.38
C GLN A 29 -0.84 8.06 14.58
N LYS A 30 -0.81 7.94 13.26
CA LYS A 30 -1.17 9.03 12.38
C LYS A 30 -2.42 9.75 12.89
N GLY A 31 -3.51 8.99 13.05
CA GLY A 31 -4.75 9.57 13.54
C GLY A 31 -5.67 9.96 12.41
N LYS A 32 -5.77 9.11 11.39
CA LYS A 32 -6.63 9.38 10.24
C LYS A 32 -7.35 8.11 9.80
N GLU A 33 -8.42 8.27 9.04
CA GLU A 33 -9.20 7.14 8.56
C GLU A 33 -8.75 6.74 7.15
N GLY A 34 -8.93 5.46 6.82
CA GLY A 34 -8.54 4.96 5.51
C GLY A 34 -7.07 5.19 5.23
N ALA A 35 -6.27 5.28 6.29
CA ALA A 35 -4.83 5.49 6.15
C ALA A 35 -4.15 4.27 5.54
N PHE A 36 -3.28 4.51 4.57
CA PHE A 36 -2.56 3.42 3.90
C PHE A 36 -1.07 3.69 3.88
N MET A 37 -0.28 2.67 3.55
CA MET A 37 1.17 2.80 3.50
C MET A 37 1.77 1.72 2.60
N VAL A 38 3.07 1.85 2.32
CA VAL A 38 3.76 0.88 1.48
C VAL A 38 5.20 0.67 1.95
N ARG A 39 5.63 -0.59 1.96
CA ARG A 39 6.98 -0.93 2.39
C ARG A 39 7.73 -1.68 1.30
N ASN A 40 9.01 -1.93 1.54
CA ASN A 40 9.85 -2.64 0.56
C ASN A 40 10.04 -4.09 0.97
N SER A 41 9.74 -5.00 0.06
CA SER A 41 9.88 -6.43 0.32
C SER A 41 11.35 -6.84 0.25
N SER A 42 11.72 -7.82 1.08
CA SER A 42 13.09 -8.31 1.12
C SER A 42 13.60 -8.62 -0.28
N GLN A 43 12.87 -9.46 -1.01
CA GLN A 43 13.25 -9.82 -2.37
C GLN A 43 12.91 -8.71 -3.35
N VAL A 44 13.95 -8.13 -3.95
CA VAL A 44 13.76 -7.04 -4.91
C VAL A 44 12.64 -7.37 -5.89
N GLY A 45 11.98 -6.33 -6.40
CA GLY A 45 10.90 -6.52 -7.35
C GLY A 45 9.54 -6.62 -6.66
N MET A 46 9.49 -7.36 -5.56
CA MET A 46 8.24 -7.52 -4.81
C MET A 46 7.95 -6.29 -3.97
N TYR A 47 6.69 -6.13 -3.57
CA TYR A 47 6.27 -4.99 -2.77
C TYR A 47 5.04 -5.34 -1.93
N THR A 48 5.00 -4.84 -0.70
CA THR A 48 3.88 -5.09 0.19
C THR A 48 3.11 -3.81 0.47
N VAL A 49 1.79 -3.95 0.65
CA VAL A 49 0.94 -2.80 0.92
C VAL A 49 0.02 -3.07 2.12
N SER A 50 0.37 -2.51 3.26
CA SER A 50 -0.41 -2.69 4.47
C SER A 50 -1.17 -1.41 4.83
N LEU A 51 -2.48 -1.43 4.60
CA LEU A 51 -3.32 -0.28 4.89
C LEU A 51 -4.19 -0.52 6.12
N PHE A 52 -4.54 0.55 6.83
CA PHE A 52 -5.37 0.44 8.02
C PHE A 52 -6.84 0.70 7.69
N SER A 53 -7.73 0.13 8.49
CA SER A 53 -9.16 0.30 8.27
C SER A 53 -9.96 -0.20 9.49
N LYS A 54 -10.94 0.59 9.91
CA LYS A 54 -11.76 0.24 11.05
C LYS A 54 -13.21 -0.03 10.61
N ALA A 55 -13.74 -1.19 11.00
CA ALA A 55 -15.10 -1.56 10.65
C ALA A 55 -16.11 -0.77 11.47
N VAL A 56 -17.32 -0.63 10.94
CA VAL A 56 -18.37 0.11 11.62
C VAL A 56 -18.33 -0.13 13.13
N ASN A 57 -18.24 -1.40 13.51
CA ASN A 57 -18.19 -1.76 14.92
C ASN A 57 -17.12 -2.83 15.18
N ASP A 58 -16.07 -2.45 15.89
CA ASP A 58 -14.98 -3.37 16.20
C ASP A 58 -14.25 -2.93 17.47
N LYS A 59 -13.75 -3.91 18.22
CA LYS A 59 -13.03 -3.64 19.45
C LYS A 59 -11.71 -2.92 19.16
N LYS A 60 -10.96 -3.43 18.20
CA LYS A 60 -9.68 -2.85 17.82
C LYS A 60 -9.49 -2.88 16.31
N GLY A 61 -9.11 -1.74 15.74
CA GLY A 61 -8.91 -1.65 14.30
C GLY A 61 -7.96 -2.71 13.80
N THR A 62 -8.36 -3.39 12.72
CA THR A 62 -7.54 -4.45 12.13
C THR A 62 -6.91 -3.98 10.83
N VAL A 63 -5.60 -4.18 10.71
CA VAL A 63 -4.87 -3.78 9.51
C VAL A 63 -4.88 -4.88 8.47
N LYS A 64 -5.05 -4.51 7.21
CA LYS A 64 -5.08 -5.48 6.11
C LYS A 64 -3.77 -5.45 5.34
N HIS A 65 -3.29 -6.63 4.95
CA HIS A 65 -2.05 -6.74 4.19
C HIS A 65 -2.32 -7.23 2.78
N TYR A 66 -1.50 -6.78 1.83
CA TYR A 66 -1.65 -7.18 0.44
C TYR A 66 -0.30 -7.22 -0.27
N HIS A 67 0.14 -8.41 -0.63
CA HIS A 67 1.41 -8.60 -1.32
C HIS A 67 1.25 -8.47 -2.82
N VAL A 68 2.19 -7.79 -3.47
CA VAL A 68 2.15 -7.59 -4.91
C VAL A 68 2.67 -8.83 -5.65
N HIS A 69 1.85 -9.35 -6.55
CA HIS A 69 2.22 -10.53 -7.33
C HIS A 69 2.47 -10.16 -8.79
N THR A 70 3.60 -10.60 -9.33
CA THR A 70 3.96 -10.31 -10.71
C THR A 70 3.35 -11.35 -11.65
N ASN A 71 3.11 -10.94 -12.89
CA ASN A 71 2.54 -11.84 -13.90
C ASN A 71 3.59 -12.26 -14.91
N ALA A 72 3.17 -13.02 -15.91
CA ALA A 72 4.08 -13.49 -16.96
C ALA A 72 4.67 -12.34 -17.73
N GLU A 73 3.86 -11.31 -17.97
CA GLU A 73 4.31 -10.13 -18.72
C GLU A 73 4.87 -9.07 -17.76
N ASN A 74 5.40 -9.52 -16.64
CA ASN A 74 5.96 -8.61 -15.64
C ASN A 74 4.93 -7.57 -15.22
N LYS A 75 3.71 -8.02 -14.98
CA LYS A 75 2.63 -7.13 -14.56
C LYS A 75 2.44 -7.18 -13.05
N LEU A 76 2.39 -6.01 -12.42
CA LEU A 76 2.21 -5.92 -10.98
C LEU A 76 0.74 -5.66 -10.64
N TYR A 77 0.33 -6.13 -9.47
CA TYR A 77 -1.05 -5.95 -9.01
C TYR A 77 -1.21 -6.38 -7.55
N LEU A 78 -2.13 -5.74 -6.86
CA LEU A 78 -2.39 -6.06 -5.46
C LEU A 78 -3.53 -7.06 -5.32
N ALA A 79 -4.55 -6.89 -6.15
CA ALA A 79 -5.71 -7.79 -6.13
C ALA A 79 -5.72 -8.69 -7.36
N GLU A 80 -6.31 -9.87 -7.21
CA GLU A 80 -6.39 -10.83 -8.31
C GLU A 80 -7.36 -10.35 -9.39
N ASN A 81 -7.05 -10.68 -10.64
CA ASN A 81 -7.89 -10.27 -11.76
C ASN A 81 -7.76 -8.78 -12.04
N TYR A 82 -6.59 -8.24 -11.74
CA TYR A 82 -6.32 -6.81 -11.94
C TYR A 82 -4.89 -6.59 -12.42
N CYS A 83 -4.69 -5.52 -13.18
CA CYS A 83 -3.36 -5.18 -13.70
C CYS A 83 -3.17 -3.67 -13.76
N PHE A 84 -2.06 -3.21 -13.19
CA PHE A 84 -1.75 -1.78 -13.16
C PHE A 84 -0.45 -1.50 -13.90
N ASP A 85 -0.10 -0.23 -14.01
CA ASP A 85 1.13 0.19 -14.69
C ASP A 85 2.34 -0.03 -13.79
N SER A 86 2.24 0.40 -12.53
CA SER A 86 3.33 0.25 -11.58
C SER A 86 2.84 0.45 -10.16
N ILE A 87 3.75 0.32 -9.19
CA ILE A 87 3.41 0.49 -7.79
C ILE A 87 2.85 1.89 -7.53
N PRO A 88 3.66 2.91 -7.84
CA PRO A 88 3.28 4.32 -7.65
C PRO A 88 2.18 4.75 -8.62
N LYS A 89 1.99 3.98 -9.68
CA LYS A 89 0.97 4.29 -10.68
C LYS A 89 -0.33 3.56 -10.37
N LEU A 90 -0.25 2.57 -9.48
CA LEU A 90 -1.43 1.79 -9.09
C LEU A 90 -2.13 2.43 -7.90
N ILE A 91 -1.36 3.03 -7.00
CA ILE A 91 -1.91 3.69 -5.83
C ILE A 91 -2.83 4.84 -6.22
N HIS A 92 -2.31 5.74 -7.06
CA HIS A 92 -3.09 6.88 -7.51
C HIS A 92 -4.52 6.48 -7.87
N TYR A 93 -4.65 5.39 -8.61
CA TYR A 93 -5.96 4.90 -9.03
C TYR A 93 -6.71 4.31 -7.83
N HIS A 94 -5.96 3.78 -6.87
CA HIS A 94 -6.56 3.19 -5.68
C HIS A 94 -7.08 4.26 -4.74
N GLN A 95 -6.67 5.50 -4.97
CA GLN A 95 -7.10 6.63 -4.14
C GLN A 95 -8.44 7.16 -4.62
N HIS A 96 -8.88 6.71 -5.79
CA HIS A 96 -10.14 7.15 -6.36
C HIS A 96 -11.09 5.96 -6.56
N ASN A 97 -10.55 4.87 -7.09
CA ASN A 97 -11.35 3.67 -7.33
C ASN A 97 -10.66 2.43 -6.76
N SER A 98 -11.32 1.79 -5.81
CA SER A 98 -10.77 0.60 -5.17
C SER A 98 -10.77 -0.58 -6.14
N ALA A 99 -9.94 -1.58 -5.85
CA ALA A 99 -9.85 -2.76 -6.69
C ALA A 99 -10.08 -4.03 -5.89
N GLY A 100 -11.31 -4.22 -5.43
CA GLY A 100 -11.65 -5.39 -4.64
C GLY A 100 -11.88 -5.06 -3.18
N MET A 101 -11.60 -6.03 -2.31
CA MET A 101 -11.79 -5.84 -0.87
C MET A 101 -10.85 -4.76 -0.34
N ILE A 102 -9.79 -4.48 -1.10
CA ILE A 102 -8.81 -3.47 -0.71
C ILE A 102 -9.49 -2.13 -0.45
N THR A 103 -9.70 -1.81 0.83
CA THR A 103 -10.34 -0.56 1.21
C THR A 103 -9.72 0.62 0.48
N ARG A 104 -10.56 1.55 0.03
CA ARG A 104 -10.10 2.72 -0.69
C ARG A 104 -9.08 3.50 0.14
N LEU A 105 -8.02 3.97 -0.52
CA LEU A 105 -6.97 4.72 0.14
C LEU A 105 -7.39 6.17 0.37
N ARG A 106 -7.57 6.55 1.62
CA ARG A 106 -7.98 7.91 1.97
C ARG A 106 -6.76 8.83 2.05
N HIS A 107 -5.84 8.51 2.95
CA HIS A 107 -4.64 9.32 3.13
C HIS A 107 -3.41 8.42 3.33
N PRO A 108 -2.26 8.89 2.85
CA PRO A 108 -1.00 8.14 2.95
C PRO A 108 -0.48 8.09 4.39
N VAL A 109 0.57 7.32 4.60
CA VAL A 109 1.16 7.18 5.93
C VAL A 109 2.62 6.71 5.84
N SER A 110 3.49 7.39 6.58
CA SER A 110 4.91 7.04 6.58
C SER A 110 5.52 7.29 7.95
N GLY A 1 9.88 2.61 -23.62
CA GLY A 1 8.62 3.27 -23.34
C GLY A 1 8.56 3.84 -21.93
N SER A 2 8.32 2.98 -20.95
CA SER A 2 8.23 3.40 -19.56
C SER A 2 9.60 3.36 -18.90
N SER A 3 10.09 4.53 -18.49
CA SER A 3 11.40 4.61 -17.84
C SER A 3 11.34 4.08 -16.41
N GLY A 4 10.52 4.72 -15.58
CA GLY A 4 10.38 4.29 -14.20
C GLY A 4 10.05 5.43 -13.27
N SER A 5 9.72 5.10 -12.02
CA SER A 5 9.38 6.11 -11.03
C SER A 5 10.61 6.94 -10.64
N SER A 6 10.38 8.14 -10.15
CA SER A 6 11.47 9.03 -9.73
C SER A 6 11.55 9.13 -8.22
N GLY A 7 12.09 8.08 -7.59
CA GLY A 7 12.22 8.06 -6.15
C GLY A 7 10.89 7.84 -5.45
N LEU A 8 10.61 6.59 -5.11
CA LEU A 8 9.36 6.23 -4.44
C LEU A 8 9.21 7.03 -3.15
N ASP A 9 10.29 7.66 -2.70
CA ASP A 9 10.27 8.45 -1.48
C ASP A 9 9.49 9.75 -1.69
N ASP A 10 9.48 10.23 -2.92
CA ASP A 10 8.76 11.46 -3.26
C ASP A 10 7.36 11.45 -2.66
N TYR A 11 6.65 10.35 -2.86
CA TYR A 11 5.29 10.21 -2.35
C TYR A 11 5.29 10.15 -0.82
N ASP A 12 4.10 10.27 -0.24
CA ASP A 12 3.96 10.21 1.21
C ASP A 12 3.53 8.83 1.68
N TRP A 13 2.55 8.25 0.99
CA TRP A 13 2.05 6.92 1.34
C TRP A 13 3.19 5.92 1.39
N PHE A 14 4.20 6.13 0.56
CA PHE A 14 5.35 5.23 0.51
C PHE A 14 6.20 5.36 1.77
N ALA A 15 6.17 4.32 2.60
CA ALA A 15 6.94 4.31 3.84
C ALA A 15 8.36 3.81 3.61
N GLY A 16 8.48 2.61 3.07
CA GLY A 16 9.79 2.04 2.81
C GLY A 16 10.05 0.79 3.63
N ASN A 17 11.31 0.38 3.69
CA ASN A 17 11.69 -0.81 4.45
C ASN A 17 11.23 -0.70 5.90
N ILE A 18 10.03 -1.20 6.17
CA ILE A 18 9.47 -1.16 7.51
C ILE A 18 9.11 -2.56 8.01
N SER A 19 9.31 -2.79 9.30
CA SER A 19 9.00 -4.10 9.90
C SER A 19 7.54 -4.17 10.31
N ARG A 20 7.00 -5.38 10.35
CA ARG A 20 5.61 -5.59 10.74
C ARG A 20 5.28 -4.83 12.02
N SER A 21 6.32 -4.59 12.83
CA SER A 21 6.14 -3.89 14.09
C SER A 21 5.87 -2.41 13.86
N GLN A 22 6.74 -1.77 13.09
CA GLN A 22 6.60 -0.35 12.78
C GLN A 22 5.35 -0.10 11.95
N SER A 23 5.31 -0.69 10.76
CA SER A 23 4.17 -0.52 9.86
C SER A 23 2.87 -0.43 10.65
N GLU A 24 2.54 -1.52 11.36
CA GLU A 24 1.31 -1.57 12.16
C GLU A 24 1.22 -0.36 13.07
N GLN A 25 2.26 -0.13 13.86
CA GLN A 25 2.29 0.99 14.80
C GLN A 25 1.89 2.29 14.10
N LEU A 26 2.78 2.78 13.24
CA LEU A 26 2.51 4.02 12.51
C LEU A 26 1.05 4.12 12.10
N LEU A 27 0.62 3.20 11.25
CA LEU A 27 -0.77 3.19 10.78
C LEU A 27 -1.72 3.53 11.92
N ARG A 28 -1.55 2.88 13.06
CA ARG A 28 -2.39 3.12 14.22
C ARG A 28 -2.19 4.53 14.76
N GLN A 29 -0.94 4.85 15.11
CA GLN A 29 -0.61 6.16 15.65
C GLN A 29 -1.31 7.26 14.84
N LYS A 30 -1.21 7.18 13.53
CA LYS A 30 -1.84 8.17 12.65
C LYS A 30 -3.31 8.34 12.99
N GLY A 31 -4.07 7.24 12.90
CA GLY A 31 -5.48 7.29 13.20
C GLY A 31 -6.31 7.70 12.01
N LYS A 32 -5.67 8.34 11.03
CA LYS A 32 -6.36 8.78 9.81
C LYS A 32 -7.20 7.66 9.22
N GLU A 33 -8.49 7.66 9.54
CA GLU A 33 -9.40 6.63 9.03
C GLU A 33 -9.05 6.26 7.58
N GLY A 34 -9.17 4.98 7.26
CA GLY A 34 -8.87 4.52 5.92
C GLY A 34 -7.43 4.77 5.53
N ALA A 35 -6.57 4.95 6.54
CA ALA A 35 -5.15 5.19 6.29
C ALA A 35 -4.53 4.04 5.50
N PHE A 36 -3.61 4.37 4.61
CA PHE A 36 -2.93 3.37 3.79
C PHE A 36 -1.45 3.72 3.62
N MET A 37 -0.68 2.75 3.15
CA MET A 37 0.75 2.95 2.92
C MET A 37 1.32 1.87 2.02
N VAL A 38 2.58 2.02 1.63
CA VAL A 38 3.24 1.06 0.77
C VAL A 38 4.72 0.92 1.13
N ARG A 39 5.13 -0.27 1.53
CA ARG A 39 6.52 -0.53 1.89
C ARG A 39 7.21 -1.37 0.84
N ASN A 40 8.54 -1.37 0.86
CA ASN A 40 9.33 -2.12 -0.10
C ASN A 40 9.73 -3.47 0.48
N SER A 41 9.78 -4.49 -0.37
CA SER A 41 10.16 -5.84 0.05
C SER A 41 11.66 -5.92 0.33
N SER A 42 12.13 -7.12 0.65
CA SER A 42 13.54 -7.33 0.92
C SER A 42 14.37 -7.26 -0.35
N GLN A 43 14.42 -6.08 -0.96
CA GLN A 43 15.16 -5.88 -2.19
C GLN A 43 15.03 -7.08 -3.11
N VAL A 44 13.82 -7.62 -3.21
CA VAL A 44 13.56 -8.77 -4.06
C VAL A 44 12.55 -8.43 -5.15
N GLY A 45 12.38 -7.13 -5.41
CA GLY A 45 11.45 -6.69 -6.43
C GLY A 45 10.03 -6.61 -5.92
N MET A 46 9.57 -7.68 -5.28
CA MET A 46 8.22 -7.71 -4.74
C MET A 46 7.94 -6.49 -3.87
N TYR A 47 6.67 -6.28 -3.54
CA TYR A 47 6.27 -5.15 -2.73
C TYR A 47 5.16 -5.54 -1.76
N THR A 48 4.75 -4.58 -0.93
CA THR A 48 3.69 -4.82 0.06
C THR A 48 2.82 -3.58 0.24
N VAL A 49 1.52 -3.80 0.35
CA VAL A 49 0.57 -2.70 0.54
C VAL A 49 -0.30 -2.93 1.76
N SER A 50 0.01 -2.23 2.85
CA SER A 50 -0.75 -2.36 4.09
C SER A 50 -1.50 -1.07 4.40
N LEU A 51 -2.76 -1.22 4.83
CA LEU A 51 -3.59 -0.06 5.16
C LEU A 51 -4.47 -0.36 6.36
N PHE A 52 -4.63 0.62 7.24
CA PHE A 52 -5.46 0.46 8.42
C PHE A 52 -6.94 0.62 8.09
N SER A 53 -7.79 -0.02 8.88
CA SER A 53 -9.23 0.05 8.66
C SER A 53 -9.99 -0.56 9.83
N LYS A 54 -11.27 -0.23 9.94
CA LYS A 54 -12.11 -0.76 11.02
C LYS A 54 -13.55 -0.94 10.54
N ALA A 55 -14.16 -2.05 10.95
CA ALA A 55 -15.54 -2.34 10.57
C ALA A 55 -16.51 -1.33 11.20
N VAL A 56 -17.77 -1.39 10.77
CA VAL A 56 -18.79 -0.48 11.30
C VAL A 56 -19.23 -0.91 12.69
N ASN A 57 -18.82 -2.11 13.10
CA ASN A 57 -19.18 -2.64 14.41
C ASN A 57 -17.98 -2.63 15.35
N ASP A 58 -16.80 -2.82 14.79
CA ASP A 58 -15.57 -2.83 15.58
C ASP A 58 -15.22 -1.43 16.06
N LYS A 59 -14.68 -1.34 17.28
CA LYS A 59 -14.30 -0.06 17.86
C LYS A 59 -12.86 0.30 17.50
N LYS A 60 -11.94 -0.57 17.86
CA LYS A 60 -10.51 -0.35 17.58
C LYS A 60 -10.24 -0.50 16.08
N GLY A 61 -10.41 -1.70 15.56
CA GLY A 61 -10.17 -1.95 14.15
C GLY A 61 -9.19 -3.08 13.92
N THR A 62 -8.55 -3.07 12.75
CA THR A 62 -7.58 -4.09 12.41
C THR A 62 -6.76 -3.68 11.19
N VAL A 63 -5.45 -3.96 11.24
CA VAL A 63 -4.55 -3.63 10.15
C VAL A 63 -4.47 -4.77 9.13
N LYS A 64 -4.69 -4.45 7.87
CA LYS A 64 -4.64 -5.45 6.81
C LYS A 64 -3.28 -5.44 6.12
N HIS A 65 -3.04 -6.43 5.28
CA HIS A 65 -1.78 -6.53 4.55
C HIS A 65 -1.97 -7.26 3.21
N TYR A 66 -1.47 -6.65 2.14
CA TYR A 66 -1.59 -7.24 0.82
C TYR A 66 -0.23 -7.30 0.13
N HIS A 67 0.33 -8.51 0.07
CA HIS A 67 1.63 -8.73 -0.56
C HIS A 67 1.54 -8.50 -2.07
N VAL A 68 2.08 -7.37 -2.53
CA VAL A 68 2.06 -7.04 -3.95
C VAL A 68 2.37 -8.26 -4.80
N HIS A 69 1.34 -8.87 -5.36
CA HIS A 69 1.50 -10.04 -6.21
C HIS A 69 2.31 -9.71 -7.46
N THR A 70 2.81 -10.74 -8.12
CA THR A 70 3.61 -10.56 -9.33
C THR A 70 3.18 -11.54 -10.42
N ASN A 71 3.01 -11.03 -11.64
CA ASN A 71 2.61 -11.87 -12.76
C ASN A 71 3.83 -12.39 -13.51
N ALA A 72 3.59 -13.30 -14.46
CA ALA A 72 4.67 -13.88 -15.25
C ALA A 72 5.51 -12.80 -15.91
N GLU A 73 4.86 -11.69 -16.29
CA GLU A 73 5.55 -10.59 -16.94
C GLU A 73 5.95 -9.52 -15.92
N ASN A 74 6.28 -9.97 -14.71
CA ASN A 74 6.69 -9.06 -13.64
C ASN A 74 5.68 -7.92 -13.48
N LYS A 75 4.39 -8.29 -13.43
CA LYS A 75 3.33 -7.30 -13.28
C LYS A 75 2.85 -7.25 -11.83
N LEU A 76 2.92 -6.06 -11.24
CA LEU A 76 2.48 -5.87 -9.85
C LEU A 76 1.00 -5.51 -9.79
N TYR A 77 0.31 -6.06 -8.81
CA TYR A 77 -1.11 -5.81 -8.64
C TYR A 77 -1.62 -6.41 -7.33
N LEU A 78 -2.80 -5.95 -6.89
CA LEU A 78 -3.39 -6.44 -5.65
C LEU A 78 -4.62 -7.29 -5.94
N ALA A 79 -5.25 -7.03 -7.08
CA ALA A 79 -6.44 -7.78 -7.48
C ALA A 79 -6.39 -8.15 -8.95
N GLU A 80 -6.58 -9.44 -9.25
CA GLU A 80 -6.56 -9.91 -10.63
C GLU A 80 -7.26 -8.92 -11.56
N ASN A 81 -8.55 -8.71 -11.32
CA ASN A 81 -9.34 -7.80 -12.13
C ASN A 81 -8.50 -6.60 -12.58
N TYR A 82 -7.60 -6.16 -11.71
CA TYR A 82 -6.74 -5.02 -12.00
C TYR A 82 -5.29 -5.48 -12.21
N CYS A 83 -4.55 -4.72 -12.99
CA CYS A 83 -3.15 -5.04 -13.26
C CYS A 83 -2.36 -3.78 -13.59
N PHE A 84 -1.12 -3.71 -13.08
CA PHE A 84 -0.26 -2.56 -13.31
C PHE A 84 1.17 -2.99 -13.56
N ASP A 85 2.00 -2.05 -14.01
CA ASP A 85 3.40 -2.34 -14.31
C ASP A 85 4.32 -1.51 -13.42
N SER A 86 3.73 -0.82 -12.45
CA SER A 86 4.50 0.03 -11.55
C SER A 86 3.76 0.21 -10.22
N ILE A 87 4.50 0.57 -9.17
CA ILE A 87 3.92 0.78 -7.86
C ILE A 87 3.02 2.00 -7.84
N PRO A 88 3.59 3.16 -8.18
CA PRO A 88 2.85 4.43 -8.22
C PRO A 88 1.83 4.47 -9.35
N LYS A 89 1.75 3.39 -10.12
CA LYS A 89 0.82 3.31 -11.23
C LYS A 89 -0.46 2.60 -10.81
N LEU A 90 -0.39 1.82 -9.74
CA LEU A 90 -1.54 1.10 -9.22
C LEU A 90 -2.32 1.94 -8.22
N ILE A 91 -1.60 2.52 -7.26
CA ILE A 91 -2.22 3.35 -6.24
C ILE A 91 -3.10 4.43 -6.87
N HIS A 92 -2.54 5.14 -7.85
CA HIS A 92 -3.26 6.20 -8.54
C HIS A 92 -4.74 5.83 -8.70
N TYR A 93 -4.99 4.56 -9.01
CA TYR A 93 -6.35 4.08 -9.19
C TYR A 93 -7.09 3.98 -7.86
N HIS A 94 -6.72 3.01 -7.05
CA HIS A 94 -7.34 2.82 -5.74
C HIS A 94 -7.53 4.15 -5.03
N GLN A 95 -6.45 4.89 -4.86
CA GLN A 95 -6.51 6.19 -4.20
C GLN A 95 -7.79 6.93 -4.56
N HIS A 96 -7.95 7.24 -5.84
CA HIS A 96 -9.14 7.94 -6.32
C HIS A 96 -10.41 7.22 -5.88
N ASN A 97 -10.38 5.89 -5.99
CA ASN A 97 -11.54 5.07 -5.61
C ASN A 97 -11.18 3.59 -5.59
N SER A 98 -11.75 2.87 -4.64
CA SER A 98 -11.48 1.44 -4.50
C SER A 98 -11.62 0.73 -5.85
N ALA A 99 -10.61 -0.05 -6.21
CA ALA A 99 -10.62 -0.77 -7.47
C ALA A 99 -11.54 -2.00 -7.38
N GLY A 100 -11.27 -2.87 -6.41
CA GLY A 100 -12.07 -4.06 -6.24
C GLY A 100 -11.71 -4.83 -4.98
N MET A 101 -12.69 -4.99 -4.09
CA MET A 101 -12.48 -5.70 -2.84
C MET A 101 -11.26 -5.15 -2.11
N ILE A 102 -10.98 -3.87 -2.29
CA ILE A 102 -9.84 -3.24 -1.64
C ILE A 102 -10.25 -1.91 -0.99
N THR A 103 -10.13 -1.85 0.33
CA THR A 103 -10.48 -0.65 1.07
C THR A 103 -10.08 0.60 0.30
N ARG A 104 -10.97 1.60 0.31
CA ARG A 104 -10.71 2.86 -0.39
C ARG A 104 -9.72 3.71 0.39
N LEU A 105 -8.48 3.73 -0.06
CA LEU A 105 -7.43 4.51 0.59
C LEU A 105 -7.91 5.92 0.89
N ARG A 106 -7.90 6.29 2.17
CA ARG A 106 -8.35 7.62 2.58
C ARG A 106 -7.18 8.60 2.60
N HIS A 107 -6.20 8.33 3.46
CA HIS A 107 -5.02 9.19 3.57
C HIS A 107 -3.74 8.35 3.59
N PRO A 108 -2.66 8.91 3.02
CA PRO A 108 -1.36 8.24 2.97
C PRO A 108 -0.71 8.14 4.34
N VAL A 109 0.18 7.16 4.50
CA VAL A 109 0.87 6.95 5.77
C VAL A 109 2.30 6.47 5.54
N SER A 110 3.27 7.18 6.11
CA SER A 110 4.68 6.82 5.96
C SER A 110 5.14 5.96 7.12
N GLY A 1 8.46 16.68 -13.88
CA GLY A 1 9.06 15.87 -12.83
C GLY A 1 10.16 14.97 -13.33
N SER A 2 11.33 15.08 -12.70
CA SER A 2 12.49 14.28 -13.09
C SER A 2 12.11 12.80 -13.20
N SER A 3 12.91 12.05 -13.94
CA SER A 3 12.66 10.62 -14.13
C SER A 3 13.96 9.82 -14.06
N GLY A 4 13.86 8.57 -13.64
CA GLY A 4 15.04 7.72 -13.53
C GLY A 4 15.72 7.84 -12.19
N SER A 5 14.92 7.82 -11.13
CA SER A 5 15.46 7.93 -9.78
C SER A 5 14.96 6.78 -8.90
N SER A 6 15.85 5.84 -8.60
CA SER A 6 15.50 4.69 -7.78
C SER A 6 14.94 5.14 -6.44
N GLY A 7 14.51 4.17 -5.62
CA GLY A 7 13.96 4.48 -4.32
C GLY A 7 12.62 5.20 -4.42
N LEU A 8 11.60 4.62 -3.80
CA LEU A 8 10.26 5.21 -3.83
C LEU A 8 10.12 6.29 -2.76
N ASP A 9 11.14 7.14 -2.65
CA ASP A 9 11.14 8.22 -1.67
C ASP A 9 10.27 9.38 -2.14
N ASP A 10 10.36 9.68 -3.44
CA ASP A 10 9.58 10.77 -4.02
C ASP A 10 8.15 10.74 -3.52
N TYR A 11 7.57 9.55 -3.43
CA TYR A 11 6.20 9.39 -2.97
C TYR A 11 6.11 9.52 -1.46
N ASP A 12 4.89 9.61 -0.94
CA ASP A 12 4.67 9.75 0.49
C ASP A 12 4.22 8.43 1.09
N TRP A 13 3.05 7.94 0.68
CA TRP A 13 2.51 6.70 1.18
C TRP A 13 3.61 5.66 1.40
N PHE A 14 4.64 5.71 0.54
CA PHE A 14 5.75 4.79 0.64
C PHE A 14 6.43 4.90 2.00
N ALA A 15 6.05 4.03 2.92
CA ALA A 15 6.61 4.02 4.26
C ALA A 15 7.79 3.06 4.35
N GLY A 16 8.97 3.52 3.96
CA GLY A 16 10.15 2.69 4.00
C GLY A 16 10.79 2.66 5.38
N ASN A 17 11.77 1.78 5.56
CA ASN A 17 12.46 1.66 6.83
C ASN A 17 11.47 1.38 7.97
N ILE A 18 10.56 0.45 7.73
CA ILE A 18 9.56 0.10 8.74
C ILE A 18 9.85 -1.27 9.35
N SER A 19 9.04 -1.66 10.32
CA SER A 19 9.21 -2.94 11.00
C SER A 19 7.86 -3.62 11.23
N ARG A 20 7.90 -4.90 11.56
CA ARG A 20 6.68 -5.66 11.81
C ARG A 20 5.76 -4.94 12.79
N SER A 21 6.36 -4.19 13.70
CA SER A 21 5.60 -3.44 14.69
C SER A 21 5.13 -2.10 14.12
N GLN A 22 6.09 -1.28 13.70
CA GLN A 22 5.77 0.03 13.14
C GLN A 22 4.67 -0.09 12.09
N SER A 23 4.88 -0.97 11.12
CA SER A 23 3.91 -1.16 10.04
C SER A 23 2.48 -0.99 10.56
N GLU A 24 2.21 -1.54 11.74
CA GLU A 24 0.89 -1.44 12.35
C GLU A 24 0.79 -0.21 13.25
N GLN A 25 1.67 -0.15 14.25
CA GLN A 25 1.69 0.97 15.18
C GLN A 25 1.49 2.30 14.45
N LEU A 26 2.43 2.61 13.55
CA LEU A 26 2.35 3.85 12.78
C LEU A 26 0.94 4.09 12.27
N LEU A 27 0.47 3.20 11.40
CA LEU A 27 -0.87 3.32 10.83
C LEU A 27 -1.87 3.75 11.90
N ARG A 28 -1.84 3.07 13.04
CA ARG A 28 -2.75 3.37 14.14
C ARG A 28 -2.47 4.77 14.69
N GLN A 29 -1.21 5.15 14.71
CA GLN A 29 -0.82 6.47 15.22
C GLN A 29 -1.20 7.57 14.23
N LYS A 30 -1.35 7.19 12.97
CA LYS A 30 -1.72 8.15 11.93
C LYS A 30 -2.80 9.10 12.42
N GLY A 31 -3.84 8.55 13.04
CA GLY A 31 -4.92 9.37 13.55
C GLY A 31 -6.12 9.40 12.62
N LYS A 32 -5.92 8.91 11.40
CA LYS A 32 -6.99 8.88 10.41
C LYS A 32 -7.20 7.47 9.86
N GLU A 33 -8.28 6.83 10.30
CA GLU A 33 -8.59 5.47 9.85
C GLU A 33 -8.45 5.35 8.34
N GLY A 34 -8.52 4.12 7.83
CA GLY A 34 -8.40 3.89 6.41
C GLY A 34 -7.03 4.28 5.88
N ALA A 35 -6.13 4.64 6.78
CA ALA A 35 -4.78 5.04 6.40
C ALA A 35 -4.04 3.88 5.73
N PHE A 36 -3.47 4.15 4.56
CA PHE A 36 -2.73 3.12 3.82
C PHE A 36 -1.27 3.52 3.66
N MET A 37 -0.43 2.54 3.36
CA MET A 37 1.00 2.79 3.18
C MET A 37 1.62 1.71 2.29
N VAL A 38 2.94 1.78 2.13
CA VAL A 38 3.66 0.82 1.31
C VAL A 38 5.09 0.64 1.80
N ARG A 39 5.40 -0.57 2.28
CA ARG A 39 6.72 -0.87 2.78
C ARG A 39 7.56 -1.59 1.72
N ASN A 40 8.80 -1.93 2.07
CA ASN A 40 9.69 -2.62 1.16
C ASN A 40 10.02 -4.02 1.66
N SER A 41 10.04 -4.99 0.75
CA SER A 41 10.33 -6.37 1.11
C SER A 41 11.81 -6.54 1.43
N SER A 42 12.21 -7.79 1.68
CA SER A 42 13.61 -8.09 2.01
C SER A 42 14.49 -7.98 0.76
N GLN A 43 14.59 -6.77 0.22
CA GLN A 43 15.40 -6.53 -0.97
C GLN A 43 15.31 -7.71 -1.93
N VAL A 44 14.10 -8.21 -2.14
CA VAL A 44 13.89 -9.34 -3.04
C VAL A 44 12.79 -9.03 -4.05
N GLY A 45 13.00 -7.96 -4.82
CA GLY A 45 12.03 -7.57 -5.84
C GLY A 45 10.60 -7.80 -5.38
N MET A 46 10.37 -7.64 -4.08
CA MET A 46 9.04 -7.83 -3.53
C MET A 46 8.61 -6.62 -2.70
N TYR A 47 7.31 -6.49 -2.49
CA TYR A 47 6.77 -5.37 -1.70
C TYR A 47 5.60 -5.81 -0.86
N THR A 48 5.02 -4.87 -0.11
CA THR A 48 3.87 -5.17 0.74
C THR A 48 3.06 -3.91 1.00
N VAL A 49 1.86 -3.85 0.42
CA VAL A 49 0.98 -2.71 0.61
C VAL A 49 0.06 -2.90 1.81
N SER A 50 0.47 -2.36 2.95
CA SER A 50 -0.31 -2.47 4.18
C SER A 50 -1.16 -1.23 4.40
N LEU A 51 -2.32 -1.40 5.03
CA LEU A 51 -3.22 -0.30 5.31
C LEU A 51 -4.15 -0.62 6.47
N PHE A 52 -4.39 0.36 7.34
CA PHE A 52 -5.25 0.17 8.49
C PHE A 52 -6.69 0.59 8.16
N SER A 53 -7.64 0.08 8.94
CA SER A 53 -9.04 0.39 8.73
C SER A 53 -9.88 -0.05 9.94
N LYS A 54 -11.09 0.50 10.04
CA LYS A 54 -11.99 0.17 11.14
C LYS A 54 -13.42 0.04 10.64
N ALA A 55 -14.23 -0.72 11.38
CA ALA A 55 -15.63 -0.93 11.02
C ALA A 55 -16.46 0.30 11.35
N VAL A 56 -17.77 0.18 11.15
CA VAL A 56 -18.69 1.29 11.42
C VAL A 56 -18.87 1.49 12.93
N ASN A 57 -18.04 2.37 13.49
CA ASN A 57 -18.12 2.66 14.92
C ASN A 57 -17.91 1.39 15.75
N ASP A 58 -16.87 0.63 15.40
CA ASP A 58 -16.56 -0.61 16.11
C ASP A 58 -15.60 -0.35 17.26
N LYS A 59 -15.35 -1.38 18.06
CA LYS A 59 -14.45 -1.26 19.19
C LYS A 59 -13.15 -2.02 18.94
N LYS A 60 -12.86 -2.27 17.67
CA LYS A 60 -11.64 -2.98 17.29
C LYS A 60 -11.38 -2.84 15.80
N GLY A 61 -10.10 -2.68 15.44
CA GLY A 61 -9.74 -2.53 14.04
C GLY A 61 -8.45 -3.26 13.71
N THR A 62 -8.54 -4.23 12.81
CA THR A 62 -7.38 -5.01 12.40
C THR A 62 -6.78 -4.46 11.10
N VAL A 63 -5.46 -4.32 11.08
CA VAL A 63 -4.77 -3.81 9.90
C VAL A 63 -4.73 -4.86 8.79
N LYS A 64 -4.95 -4.41 7.56
CA LYS A 64 -4.95 -5.30 6.40
C LYS A 64 -3.61 -5.25 5.68
N HIS A 65 -2.97 -6.41 5.52
CA HIS A 65 -1.68 -6.49 4.84
C HIS A 65 -1.83 -7.17 3.49
N TYR A 66 -1.28 -6.54 2.45
CA TYR A 66 -1.35 -7.09 1.10
C TYR A 66 0.05 -7.44 0.59
N HIS A 67 0.12 -8.50 -0.23
CA HIS A 67 1.38 -8.93 -0.79
C HIS A 67 1.37 -8.84 -2.32
N VAL A 68 2.03 -7.81 -2.84
CA VAL A 68 2.09 -7.59 -4.28
C VAL A 68 2.13 -8.92 -5.02
N HIS A 69 1.37 -9.01 -6.11
CA HIS A 69 1.32 -10.23 -6.91
C HIS A 69 1.83 -9.97 -8.32
N THR A 70 2.72 -10.84 -8.80
CA THR A 70 3.29 -10.69 -10.14
C THR A 70 2.59 -11.63 -11.13
N ASN A 71 2.61 -11.24 -12.40
CA ASN A 71 1.98 -12.04 -13.45
C ASN A 71 3.04 -12.67 -14.35
N ALA A 72 2.58 -13.37 -15.39
CA ALA A 72 3.48 -14.01 -16.34
C ALA A 72 4.38 -12.98 -17.01
N GLU A 73 3.82 -11.84 -17.36
CA GLU A 73 4.58 -10.79 -18.03
C GLU A 73 5.14 -9.80 -17.00
N ASN A 74 5.50 -10.31 -15.82
CA ASN A 74 6.04 -9.48 -14.77
C ASN A 74 5.13 -8.28 -14.48
N LYS A 75 3.82 -8.53 -14.51
CA LYS A 75 2.85 -7.49 -14.25
C LYS A 75 2.35 -7.54 -12.81
N LEU A 76 2.50 -6.42 -12.10
CA LEU A 76 2.06 -6.34 -10.71
C LEU A 76 0.61 -5.91 -10.62
N TYR A 77 -0.12 -6.52 -9.68
CA TYR A 77 -1.54 -6.21 -9.49
C TYR A 77 -2.01 -6.68 -8.12
N LEU A 78 -2.73 -5.82 -7.42
CA LEU A 78 -3.26 -6.14 -6.10
C LEU A 78 -4.61 -6.84 -6.20
N ALA A 79 -5.44 -6.37 -7.12
CA ALA A 79 -6.76 -6.95 -7.33
C ALA A 79 -6.78 -7.87 -8.54
N GLU A 80 -7.45 -9.00 -8.41
CA GLU A 80 -7.55 -9.98 -9.50
C GLU A 80 -8.22 -9.36 -10.72
N ASN A 81 -7.98 -9.95 -11.88
CA ASN A 81 -8.55 -9.47 -13.13
C ASN A 81 -8.16 -8.01 -13.38
N TYR A 82 -7.02 -7.61 -12.82
CA TYR A 82 -6.54 -6.24 -12.98
C TYR A 82 -5.03 -6.21 -13.11
N CYS A 83 -4.53 -5.32 -13.97
CA CYS A 83 -3.09 -5.19 -14.18
C CYS A 83 -2.68 -3.72 -14.22
N PHE A 84 -1.39 -3.46 -14.02
CA PHE A 84 -0.87 -2.10 -14.01
C PHE A 84 0.51 -2.05 -14.68
N ASP A 85 1.12 -0.88 -14.65
CA ASP A 85 2.44 -0.69 -15.25
C ASP A 85 3.53 -0.69 -14.17
N SER A 86 3.15 -0.28 -12.96
CA SER A 86 4.10 -0.24 -11.85
C SER A 86 3.37 -0.11 -10.52
N ILE A 87 4.13 -0.07 -9.44
CA ILE A 87 3.54 0.06 -8.10
C ILE A 87 2.86 1.40 -7.93
N PRO A 88 3.61 2.50 -8.11
CA PRO A 88 3.10 3.85 -7.98
C PRO A 88 2.14 4.23 -9.10
N LYS A 89 1.95 3.30 -10.04
CA LYS A 89 1.04 3.52 -11.16
C LYS A 89 -0.35 2.99 -10.86
N LEU A 90 -0.45 2.15 -9.82
CA LEU A 90 -1.73 1.57 -9.43
C LEU A 90 -2.42 2.44 -8.39
N ILE A 91 -1.65 2.93 -7.43
CA ILE A 91 -2.19 3.78 -6.37
C ILE A 91 -2.97 4.96 -6.96
N HIS A 92 -2.40 5.60 -7.97
CA HIS A 92 -3.05 6.73 -8.62
C HIS A 92 -4.54 6.47 -8.83
N TYR A 93 -4.90 5.19 -8.87
CA TYR A 93 -6.29 4.80 -9.07
C TYR A 93 -6.98 4.57 -7.73
N HIS A 94 -6.43 3.64 -6.94
CA HIS A 94 -6.99 3.32 -5.63
C HIS A 94 -7.10 4.58 -4.77
N GLN A 95 -5.99 5.27 -4.61
CA GLN A 95 -5.96 6.49 -3.80
C GLN A 95 -7.23 7.31 -3.99
N HIS A 96 -7.86 7.15 -5.15
CA HIS A 96 -9.09 7.86 -5.47
C HIS A 96 -10.30 6.95 -5.33
N ASN A 97 -10.42 6.01 -6.25
CA ASN A 97 -11.54 5.06 -6.24
C ASN A 97 -11.03 3.62 -6.24
N SER A 98 -11.49 2.83 -5.26
CA SER A 98 -11.07 1.45 -5.15
C SER A 98 -11.22 0.72 -6.49
N ALA A 99 -10.50 -0.39 -6.64
CA ALA A 99 -10.55 -1.17 -7.86
C ALA A 99 -11.71 -2.15 -7.85
N GLY A 100 -11.79 -2.95 -6.78
CA GLY A 100 -12.86 -3.93 -6.67
C GLY A 100 -12.93 -4.54 -5.29
N MET A 101 -11.79 -4.90 -4.74
CA MET A 101 -11.72 -5.50 -3.41
C MET A 101 -10.94 -4.62 -2.45
N ILE A 102 -9.69 -4.32 -2.81
CA ILE A 102 -8.84 -3.48 -1.97
C ILE A 102 -9.64 -2.38 -1.29
N THR A 103 -9.31 -2.10 -0.04
CA THR A 103 -9.99 -1.07 0.73
C THR A 103 -9.78 0.31 0.11
N ARG A 104 -10.75 1.21 0.32
CA ARG A 104 -10.66 2.55 -0.21
C ARG A 104 -9.60 3.37 0.52
N LEU A 105 -8.42 3.46 -0.06
CA LEU A 105 -7.32 4.21 0.55
C LEU A 105 -7.80 5.58 1.04
N ARG A 106 -8.13 5.65 2.33
CA ARG A 106 -8.60 6.90 2.93
C ARG A 106 -7.55 7.98 2.83
N HIS A 107 -6.34 7.66 3.28
CA HIS A 107 -5.23 8.61 3.24
C HIS A 107 -3.89 7.89 3.34
N PRO A 108 -2.87 8.44 2.66
CA PRO A 108 -1.52 7.87 2.65
C PRO A 108 -0.83 8.00 4.00
N VAL A 109 0.22 7.21 4.21
CA VAL A 109 0.97 7.23 5.46
C VAL A 109 2.43 6.88 5.24
N SER A 110 3.33 7.63 5.86
CA SER A 110 4.76 7.39 5.72
C SER A 110 5.40 7.14 7.08
N GLY A 1 27.25 5.56 9.33
CA GLY A 1 25.83 5.85 9.37
C GLY A 1 25.20 5.86 7.99
N SER A 2 24.16 5.05 7.81
CA SER A 2 23.48 4.95 6.53
C SER A 2 22.04 5.47 6.64
N SER A 3 21.73 6.50 5.87
CA SER A 3 20.39 7.10 5.89
C SER A 3 19.78 7.08 4.49
N GLY A 4 18.52 7.52 4.40
CA GLY A 4 17.84 7.55 3.13
C GLY A 4 17.11 6.27 2.83
N SER A 5 16.16 6.32 1.89
CA SER A 5 15.38 5.16 1.52
C SER A 5 15.98 4.47 0.30
N SER A 6 15.36 3.38 -0.14
CA SER A 6 15.84 2.63 -1.29
C SER A 6 14.79 2.63 -2.40
N GLY A 7 14.86 3.62 -3.28
CA GLY A 7 13.91 3.71 -4.38
C GLY A 7 12.56 4.24 -3.93
N LEU A 8 11.72 4.57 -4.90
CA LEU A 8 10.39 5.09 -4.61
C LEU A 8 10.42 6.01 -3.39
N ASP A 9 11.40 6.91 -3.36
CA ASP A 9 11.54 7.85 -2.26
C ASP A 9 10.65 9.07 -2.46
N ASP A 10 10.69 9.63 -3.66
CA ASP A 10 9.89 10.80 -3.99
C ASP A 10 8.51 10.71 -3.33
N TYR A 11 7.84 9.59 -3.52
CA TYR A 11 6.51 9.38 -2.95
C TYR A 11 6.56 9.44 -1.43
N ASP A 12 5.38 9.48 -0.81
CA ASP A 12 5.28 9.54 0.63
C ASP A 12 4.82 8.21 1.21
N TRP A 13 3.63 7.78 0.81
CA TRP A 13 3.07 6.52 1.28
C TRP A 13 4.16 5.46 1.44
N PHE A 14 5.12 5.48 0.52
CA PHE A 14 6.22 4.51 0.55
C PHE A 14 6.91 4.52 1.90
N ALA A 15 6.44 3.66 2.80
CA ALA A 15 7.02 3.57 4.13
C ALA A 15 8.13 2.53 4.19
N GLY A 16 9.31 2.91 3.72
CA GLY A 16 10.44 1.99 3.72
C GLY A 16 11.23 2.03 5.02
N ASN A 17 12.05 1.02 5.24
CA ASN A 17 12.86 0.94 6.46
C ASN A 17 11.97 0.82 7.69
N ILE A 18 10.96 -0.04 7.61
CA ILE A 18 10.04 -0.25 8.72
C ILE A 18 10.25 -1.62 9.35
N SER A 19 9.46 -1.91 10.38
CA SER A 19 9.58 -3.20 11.09
C SER A 19 8.20 -3.83 11.26
N ARG A 20 8.17 -4.98 11.92
CA ARG A 20 6.92 -5.69 12.16
C ARG A 20 5.95 -4.84 12.97
N SER A 21 6.50 -3.98 13.82
CA SER A 21 5.68 -3.12 14.66
C SER A 21 5.29 -1.84 13.91
N GLN A 22 6.29 -1.02 13.58
CA GLN A 22 6.05 0.22 12.86
C GLN A 22 4.98 0.04 11.79
N SER A 23 5.19 -0.93 10.92
CA SER A 23 4.24 -1.22 9.85
C SER A 23 2.81 -0.99 10.32
N GLU A 24 2.47 -1.58 11.46
CA GLU A 24 1.13 -1.45 12.01
C GLU A 24 1.00 -0.17 12.84
N GLN A 25 1.86 -0.05 13.86
CA GLN A 25 1.83 1.13 14.72
C GLN A 25 1.63 2.40 13.90
N LEU A 26 2.56 2.66 12.98
CA LEU A 26 2.48 3.85 12.14
C LEU A 26 1.03 4.18 11.81
N LEU A 27 0.30 3.21 11.27
CA LEU A 27 -1.09 3.39 10.91
C LEU A 27 -1.90 3.92 12.10
N ARG A 28 -1.90 3.15 13.17
CA ARG A 28 -2.64 3.53 14.38
C ARG A 28 -2.36 4.99 14.74
N GLN A 29 -1.09 5.32 14.89
CA GLN A 29 -0.69 6.67 15.24
C GLN A 29 -1.61 7.70 14.58
N LYS A 30 -1.73 7.62 13.26
CA LYS A 30 -2.58 8.53 12.51
C LYS A 30 -3.98 8.58 13.10
N GLY A 31 -4.68 7.45 13.05
CA GLY A 31 -6.03 7.38 13.58
C GLY A 31 -7.07 7.86 12.58
N LYS A 32 -6.99 7.36 11.36
CA LYS A 32 -7.93 7.73 10.31
C LYS A 32 -8.31 6.53 9.46
N GLU A 33 -9.55 6.07 9.60
CA GLU A 33 -10.04 4.92 8.84
C GLU A 33 -9.90 5.17 7.34
N GLY A 34 -8.77 4.76 6.77
CA GLY A 34 -8.54 4.94 5.36
C GLY A 34 -7.07 5.10 5.02
N ALA A 35 -6.26 5.33 6.05
CA ALA A 35 -4.82 5.51 5.86
C ALA A 35 -4.21 4.29 5.16
N PHE A 36 -3.07 4.50 4.50
CA PHE A 36 -2.40 3.43 3.79
C PHE A 36 -0.89 3.71 3.70
N MET A 37 -0.14 2.74 3.19
CA MET A 37 1.30 2.88 3.04
C MET A 37 1.87 1.75 2.19
N VAL A 38 3.19 1.74 2.05
CA VAL A 38 3.87 0.71 1.25
C VAL A 38 5.27 0.45 1.78
N ARG A 39 5.45 -0.74 2.37
CA ARG A 39 6.74 -1.13 2.93
C ARG A 39 7.51 -2.02 1.95
N ASN A 40 8.77 -2.28 2.26
CA ASN A 40 9.61 -3.12 1.40
C ASN A 40 9.58 -4.56 1.88
N SER A 41 9.33 -5.48 0.95
CA SER A 41 9.28 -6.90 1.27
C SER A 41 10.69 -7.47 1.45
N SER A 42 10.75 -8.69 1.99
CA SER A 42 12.04 -9.35 2.22
C SER A 42 12.80 -9.51 0.91
N GLN A 43 12.10 -9.95 -0.13
CA GLN A 43 12.71 -10.14 -1.43
C GLN A 43 12.31 -9.04 -2.40
N VAL A 44 13.26 -8.56 -3.19
CA VAL A 44 13.01 -7.51 -4.16
C VAL A 44 11.91 -7.92 -5.14
N GLY A 45 11.19 -6.94 -5.66
CA GLY A 45 10.12 -7.22 -6.60
C GLY A 45 8.76 -7.22 -5.95
N MET A 46 8.64 -7.92 -4.83
CA MET A 46 7.37 -7.99 -4.11
C MET A 46 7.23 -6.84 -3.13
N TYR A 47 5.99 -6.52 -2.76
CA TYR A 47 5.73 -5.43 -1.82
C TYR A 47 4.47 -5.71 -1.00
N THR A 48 4.51 -5.31 0.26
CA THR A 48 3.38 -5.53 1.16
C THR A 48 2.65 -4.21 1.45
N VAL A 49 1.43 -4.08 0.93
CA VAL A 49 0.64 -2.88 1.14
C VAL A 49 -0.27 -3.02 2.36
N SER A 50 0.20 -2.51 3.50
CA SER A 50 -0.57 -2.59 4.74
C SER A 50 -1.40 -1.32 4.94
N LEU A 51 -2.67 -1.38 4.56
CA LEU A 51 -3.57 -0.25 4.70
C LEU A 51 -4.50 -0.43 5.91
N PHE A 52 -4.72 0.66 6.64
CA PHE A 52 -5.59 0.62 7.81
C PHE A 52 -7.01 1.05 7.45
N SER A 53 -7.99 0.27 7.92
CA SER A 53 -9.39 0.56 7.64
C SER A 53 -10.28 0.07 8.77
N LYS A 54 -11.52 0.52 8.78
CA LYS A 54 -12.48 0.13 9.81
C LYS A 54 -13.81 -0.30 9.18
N ALA A 55 -14.31 -1.46 9.59
CA ALA A 55 -15.56 -1.97 9.06
C ALA A 55 -16.76 -1.39 9.83
N VAL A 56 -17.95 -1.58 9.30
CA VAL A 56 -19.16 -1.08 9.93
C VAL A 56 -19.52 -1.90 11.16
N ASN A 57 -19.25 -3.20 11.11
CA ASN A 57 -19.54 -4.08 12.23
C ASN A 57 -18.38 -4.11 13.22
N ASP A 58 -17.17 -4.00 12.70
CA ASP A 58 -15.97 -4.01 13.54
C ASP A 58 -15.93 -2.77 14.42
N LYS A 59 -15.98 -1.60 13.79
CA LYS A 59 -15.95 -0.34 14.51
C LYS A 59 -14.80 -0.33 15.52
N LYS A 60 -13.74 -1.05 15.21
CA LYS A 60 -12.57 -1.11 16.09
C LYS A 60 -11.31 -0.63 15.38
N GLY A 61 -11.28 -0.82 14.06
CA GLY A 61 -10.13 -0.41 13.27
C GLY A 61 -9.01 -1.43 13.29
N THR A 62 -8.70 -2.00 12.13
CA THR A 62 -7.65 -3.00 12.03
C THR A 62 -6.78 -2.75 10.81
N VAL A 63 -5.58 -3.32 10.81
CA VAL A 63 -4.65 -3.16 9.70
C VAL A 63 -4.72 -4.34 8.75
N LYS A 64 -4.64 -4.06 7.45
CA LYS A 64 -4.69 -5.10 6.44
C LYS A 64 -3.30 -5.45 5.93
N HIS A 65 -3.21 -6.49 5.11
CA HIS A 65 -1.94 -6.93 4.56
C HIS A 65 -2.11 -7.56 3.18
N TYR A 66 -1.67 -6.84 2.16
CA TYR A 66 -1.78 -7.32 0.79
C TYR A 66 -0.42 -7.41 0.12
N HIS A 67 -0.19 -8.49 -0.62
CA HIS A 67 1.07 -8.69 -1.32
C HIS A 67 0.92 -8.47 -2.82
N VAL A 68 1.87 -7.73 -3.39
CA VAL A 68 1.84 -7.44 -4.83
C VAL A 68 2.31 -8.63 -5.64
N HIS A 69 1.40 -9.24 -6.39
CA HIS A 69 1.73 -10.38 -7.21
C HIS A 69 2.27 -9.94 -8.57
N THR A 70 3.10 -10.80 -9.18
CA THR A 70 3.69 -10.49 -10.48
C THR A 70 3.21 -11.47 -11.54
N ASN A 71 2.85 -10.94 -12.71
CA ASN A 71 2.37 -11.77 -13.81
C ASN A 71 3.48 -12.02 -14.82
N ALA A 72 3.27 -13.01 -15.68
CA ALA A 72 4.26 -13.35 -16.71
C ALA A 72 4.87 -12.10 -17.33
N GLU A 73 4.03 -11.12 -17.62
CA GLU A 73 4.48 -9.87 -18.22
C GLU A 73 4.96 -8.90 -17.15
N ASN A 74 5.50 -9.44 -16.07
CA ASN A 74 5.99 -8.62 -14.96
C ASN A 74 5.02 -7.49 -14.64
N LYS A 75 3.74 -7.84 -14.48
CA LYS A 75 2.72 -6.86 -14.17
C LYS A 75 2.40 -6.86 -12.68
N LEU A 76 2.54 -5.70 -12.04
CA LEU A 76 2.26 -5.57 -10.62
C LEU A 76 0.80 -5.24 -10.38
N TYR A 77 0.20 -5.93 -9.41
CA TYR A 77 -1.21 -5.72 -9.08
C TYR A 77 -1.55 -6.34 -7.73
N LEU A 78 -2.60 -5.81 -7.09
CA LEU A 78 -3.02 -6.30 -5.79
C LEU A 78 -4.03 -7.44 -5.95
N ALA A 79 -4.95 -7.29 -6.90
CA ALA A 79 -5.96 -8.30 -7.16
C ALA A 79 -5.79 -8.90 -8.55
N GLU A 80 -5.62 -10.22 -8.61
CA GLU A 80 -5.45 -10.92 -9.88
C GLU A 80 -6.57 -10.56 -10.85
N ASN A 81 -7.80 -10.60 -10.36
CA ASN A 81 -8.97 -10.28 -11.18
C ASN A 81 -8.72 -9.03 -12.01
N TYR A 82 -7.82 -8.18 -11.52
CA TYR A 82 -7.51 -6.94 -12.22
C TYR A 82 -5.99 -6.80 -12.42
N CYS A 83 -5.59 -5.75 -13.11
CA CYS A 83 -4.17 -5.50 -13.37
C CYS A 83 -3.87 -4.01 -13.36
N PHE A 84 -2.61 -3.67 -13.13
CA PHE A 84 -2.18 -2.27 -13.09
C PHE A 84 -0.92 -2.06 -13.91
N ASP A 85 -0.39 -0.85 -13.87
CA ASP A 85 0.83 -0.51 -14.61
C ASP A 85 2.07 -0.73 -13.75
N SER A 86 2.00 -0.25 -12.50
CA SER A 86 3.12 -0.40 -11.58
C SER A 86 2.66 -0.21 -10.14
N ILE A 87 3.57 -0.44 -9.20
CA ILE A 87 3.26 -0.28 -7.78
C ILE A 87 2.70 1.10 -7.49
N PRO A 88 3.49 2.14 -7.81
CA PRO A 88 3.09 3.53 -7.59
C PRO A 88 1.95 3.97 -8.51
N LYS A 89 1.98 3.46 -9.75
CA LYS A 89 0.96 3.80 -10.73
C LYS A 89 -0.42 3.33 -10.26
N LEU A 90 -0.43 2.32 -9.40
CA LEU A 90 -1.69 1.78 -8.87
C LEU A 90 -2.26 2.68 -7.78
N ILE A 91 -1.38 3.23 -6.95
CA ILE A 91 -1.79 4.11 -5.87
C ILE A 91 -2.54 5.32 -6.41
N HIS A 92 -2.01 5.91 -7.48
CA HIS A 92 -2.63 7.08 -8.09
C HIS A 92 -4.12 6.84 -8.34
N TYR A 93 -4.44 5.69 -8.92
CA TYR A 93 -5.83 5.35 -9.20
C TYR A 93 -6.59 5.00 -7.92
N HIS A 94 -6.08 4.00 -7.20
CA HIS A 94 -6.71 3.58 -5.95
C HIS A 94 -7.18 4.78 -5.14
N GLN A 95 -6.30 5.77 -4.99
CA GLN A 95 -6.63 6.97 -4.23
C GLN A 95 -8.08 7.38 -4.46
N HIS A 96 -8.44 7.63 -5.71
CA HIS A 96 -9.79 8.03 -6.06
C HIS A 96 -10.72 6.83 -6.09
N ASN A 97 -10.47 5.91 -7.01
CA ASN A 97 -11.28 4.70 -7.14
C ASN A 97 -10.41 3.45 -7.08
N SER A 98 -10.69 2.59 -6.11
CA SER A 98 -9.93 1.35 -5.94
C SER A 98 -10.59 0.21 -6.69
N ALA A 99 -10.00 -0.99 -6.58
CA ALA A 99 -10.54 -2.16 -7.25
C ALA A 99 -10.89 -3.25 -6.23
N GLY A 100 -11.57 -4.29 -6.72
CA GLY A 100 -11.95 -5.39 -5.85
C GLY A 100 -12.39 -4.91 -4.48
N MET A 101 -12.22 -5.77 -3.47
CA MET A 101 -12.60 -5.42 -2.10
C MET A 101 -11.46 -4.75 -1.37
N ILE A 102 -10.86 -3.75 -2.00
CA ILE A 102 -9.75 -3.02 -1.41
C ILE A 102 -10.15 -1.60 -1.04
N THR A 103 -10.32 -1.36 0.25
CA THR A 103 -10.71 -0.03 0.73
C THR A 103 -9.83 1.06 0.12
N ARG A 104 -10.48 2.10 -0.38
CA ARG A 104 -9.75 3.21 -1.00
C ARG A 104 -8.73 3.79 -0.03
N LEU A 105 -7.70 4.43 -0.58
CA LEU A 105 -6.64 5.03 0.22
C LEU A 105 -7.00 6.47 0.60
N ARG A 106 -7.40 6.66 1.85
CA ARG A 106 -7.78 7.98 2.34
C ARG A 106 -6.56 8.91 2.36
N HIS A 107 -5.50 8.47 3.04
CA HIS A 107 -4.29 9.26 3.15
C HIS A 107 -3.06 8.36 3.33
N PRO A 108 -1.93 8.79 2.77
CA PRO A 108 -0.67 8.03 2.86
C PRO A 108 -0.09 8.03 4.27
N VAL A 109 0.69 7.01 4.58
CA VAL A 109 1.30 6.89 5.90
C VAL A 109 2.75 6.41 5.79
N SER A 110 3.65 7.14 6.44
CA SER A 110 5.07 6.80 6.41
C SER A 110 5.74 7.15 7.74
N GLY A 1 9.84 21.70 -15.66
CA GLY A 1 10.77 21.89 -14.55
C GLY A 1 10.74 20.73 -13.58
N SER A 2 11.78 20.63 -12.75
CA SER A 2 11.87 19.56 -11.76
C SER A 2 11.31 18.25 -12.33
N SER A 3 11.65 17.97 -13.58
CA SER A 3 11.18 16.76 -14.24
C SER A 3 12.12 15.59 -13.96
N GLY A 4 11.59 14.56 -13.31
CA GLY A 4 12.40 13.40 -12.99
C GLY A 4 11.99 12.74 -11.69
N SER A 5 12.55 13.21 -10.58
CA SER A 5 12.22 12.66 -9.27
C SER A 5 12.09 11.15 -9.33
N SER A 6 13.03 10.50 -10.02
CA SER A 6 13.02 9.05 -10.16
C SER A 6 12.74 8.38 -8.82
N GLY A 7 13.54 8.72 -7.82
CA GLY A 7 13.37 8.14 -6.50
C GLY A 7 11.92 7.89 -6.16
N LEU A 8 11.64 6.77 -5.51
CA LEU A 8 10.28 6.41 -5.13
C LEU A 8 9.96 6.92 -3.72
N ASP A 9 11.00 7.28 -2.97
CA ASP A 9 10.82 7.77 -1.61
C ASP A 9 10.18 9.16 -1.62
N ASP A 10 10.09 9.75 -2.81
CA ASP A 10 9.49 11.08 -2.96
C ASP A 10 8.08 11.09 -2.40
N TYR A 11 7.27 10.11 -2.80
CA TYR A 11 5.89 10.02 -2.35
C TYR A 11 5.81 10.01 -0.83
N ASP A 12 4.59 9.94 -0.31
CA ASP A 12 4.38 9.92 1.14
C ASP A 12 3.89 8.56 1.60
N TRP A 13 2.94 8.00 0.86
CA TRP A 13 2.38 6.69 1.20
C TRP A 13 3.47 5.64 1.29
N PHE A 14 4.55 5.83 0.53
CA PHE A 14 5.65 4.88 0.53
C PHE A 14 6.53 5.08 1.77
N ALA A 15 6.27 4.28 2.80
CA ALA A 15 7.03 4.36 4.03
C ALA A 15 8.46 3.84 3.84
N GLY A 16 8.58 2.70 3.17
CA GLY A 16 9.89 2.12 2.93
C GLY A 16 10.17 0.93 3.83
N ASN A 17 11.45 0.65 4.07
CA ASN A 17 11.85 -0.47 4.91
C ASN A 17 11.27 -0.31 6.32
N ILE A 18 10.33 -1.19 6.66
CA ILE A 18 9.70 -1.16 7.98
C ILE A 18 9.50 -2.57 8.53
N SER A 19 9.29 -2.66 9.83
CA SER A 19 9.08 -3.96 10.49
C SER A 19 7.60 -4.22 10.72
N ARG A 20 7.24 -5.49 10.87
CA ARG A 20 5.86 -5.87 11.09
C ARG A 20 5.22 -4.99 12.15
N SER A 21 6.02 -4.56 13.12
CA SER A 21 5.52 -3.71 14.20
C SER A 21 5.35 -2.26 13.72
N GLN A 22 6.45 -1.66 13.29
CA GLN A 22 6.43 -0.28 12.81
C GLN A 22 5.25 -0.06 11.86
N SER A 23 5.14 -0.91 10.85
CA SER A 23 4.06 -0.80 9.87
C SER A 23 2.70 -0.72 10.57
N GLU A 24 2.60 -1.35 11.73
CA GLU A 24 1.37 -1.34 12.50
C GLU A 24 1.31 -0.13 13.43
N GLN A 25 2.46 0.28 13.93
CA GLN A 25 2.55 1.42 14.84
C GLN A 25 2.19 2.71 14.11
N LEU A 26 2.91 3.00 13.02
CA LEU A 26 2.68 4.20 12.24
C LEU A 26 1.21 4.31 11.85
N LEU A 27 0.72 3.31 11.13
CA LEU A 27 -0.68 3.29 10.69
C LEU A 27 -1.61 3.74 11.80
N ARG A 28 -1.66 2.94 12.87
CA ARG A 28 -2.51 3.24 14.01
C ARG A 28 -2.25 4.66 14.53
N GLN A 29 -1.01 4.91 14.94
CA GLN A 29 -0.64 6.22 15.44
C GLN A 29 -1.28 7.34 14.62
N LYS A 30 -1.13 7.26 13.31
CA LYS A 30 -1.69 8.25 12.41
C LYS A 30 -3.12 8.61 12.81
N GLY A 31 -4.00 7.62 12.75
CA GLY A 31 -5.40 7.84 13.11
C GLY A 31 -6.28 8.08 11.91
N LYS A 32 -5.67 8.50 10.80
CA LYS A 32 -6.40 8.76 9.57
C LYS A 32 -7.30 7.58 9.21
N GLU A 33 -8.60 7.74 9.41
CA GLU A 33 -9.57 6.68 9.11
C GLU A 33 -9.30 6.10 7.72
N GLY A 34 -9.18 4.77 7.66
CA GLY A 34 -8.94 4.11 6.39
C GLY A 34 -7.60 4.49 5.79
N ALA A 35 -6.63 4.75 6.65
CA ALA A 35 -5.29 5.12 6.19
C ALA A 35 -4.64 4.00 5.40
N PHE A 36 -3.62 4.34 4.63
CA PHE A 36 -2.91 3.35 3.82
C PHE A 36 -1.44 3.73 3.66
N MET A 37 -0.61 2.74 3.31
CA MET A 37 0.82 2.97 3.13
C MET A 37 1.43 1.88 2.28
N VAL A 38 2.75 1.95 2.10
CA VAL A 38 3.46 0.96 1.30
C VAL A 38 4.93 0.86 1.72
N ARG A 39 5.37 -0.36 2.04
CA ARG A 39 6.75 -0.58 2.46
C ARG A 39 7.57 -1.21 1.34
N ASN A 40 8.89 -1.21 1.51
CA ASN A 40 9.78 -1.77 0.50
C ASN A 40 10.17 -3.21 0.87
N SER A 41 9.97 -4.13 -0.07
CA SER A 41 10.29 -5.53 0.15
C SER A 41 11.54 -5.93 -0.62
N SER A 42 11.94 -7.19 -0.49
CA SER A 42 13.12 -7.71 -1.17
C SER A 42 13.24 -7.11 -2.58
N GLN A 43 14.47 -7.02 -3.08
CA GLN A 43 14.72 -6.47 -4.40
C GLN A 43 14.49 -7.52 -5.49
N VAL A 44 13.41 -8.29 -5.34
CA VAL A 44 13.08 -9.32 -6.31
C VAL A 44 11.72 -9.07 -6.94
N GLY A 45 11.47 -7.82 -7.30
CA GLY A 45 10.20 -7.46 -7.92
C GLY A 45 9.02 -7.79 -7.04
N MET A 46 9.05 -7.30 -5.81
CA MET A 46 7.97 -7.54 -4.85
C MET A 46 7.71 -6.31 -4.00
N TYR A 47 6.54 -6.26 -3.38
CA TYR A 47 6.16 -5.13 -2.53
C TYR A 47 4.97 -5.49 -1.65
N THR A 48 4.84 -4.79 -0.53
CA THR A 48 3.75 -5.03 0.40
C THR A 48 2.98 -3.74 0.70
N VAL A 49 1.67 -3.78 0.54
CA VAL A 49 0.83 -2.63 0.80
C VAL A 49 -0.02 -2.81 2.06
N SER A 50 0.42 -2.21 3.15
CA SER A 50 -0.30 -2.31 4.42
C SER A 50 -1.15 -1.07 4.67
N LEU A 51 -2.43 -1.30 4.99
CA LEU A 51 -3.35 -0.20 5.25
C LEU A 51 -4.16 -0.46 6.51
N PHE A 52 -4.56 0.61 7.19
CA PHE A 52 -5.35 0.48 8.42
C PHE A 52 -6.81 0.81 8.15
N SER A 53 -7.71 0.10 8.81
CA SER A 53 -9.14 0.30 8.65
C SER A 53 -9.86 0.28 10.00
N LYS A 54 -10.81 1.19 10.18
CA LYS A 54 -11.56 1.27 11.42
C LYS A 54 -13.00 0.79 11.22
N ALA A 55 -13.49 -0.03 12.14
CA ALA A 55 -14.84 -0.55 12.06
C ALA A 55 -15.66 -0.16 13.30
N VAL A 56 -16.98 -0.23 13.17
CA VAL A 56 -17.87 0.12 14.28
C VAL A 56 -17.75 -0.89 15.42
N ASN A 57 -17.94 -2.17 15.09
CA ASN A 57 -17.85 -3.22 16.08
C ASN A 57 -16.41 -3.64 16.33
N ASP A 58 -15.52 -2.64 16.36
CA ASP A 58 -14.09 -2.89 16.58
C ASP A 58 -13.59 -2.11 17.79
N LYS A 59 -12.64 -2.70 18.51
CA LYS A 59 -12.07 -2.07 19.69
C LYS A 59 -11.23 -0.85 19.30
N LYS A 60 -10.16 -1.10 18.54
CA LYS A 60 -9.27 -0.03 18.09
C LYS A 60 -9.22 0.03 16.56
N GLY A 61 -9.28 -1.14 15.92
CA GLY A 61 -9.23 -1.20 14.48
C GLY A 61 -8.46 -2.39 13.98
N THR A 62 -8.71 -2.77 12.73
CA THR A 62 -8.03 -3.91 12.12
C THR A 62 -7.09 -3.47 11.01
N VAL A 63 -5.93 -4.10 10.94
CA VAL A 63 -4.94 -3.77 9.92
C VAL A 63 -4.75 -4.91 8.93
N LYS A 64 -5.01 -4.63 7.66
CA LYS A 64 -4.87 -5.64 6.61
C LYS A 64 -3.52 -5.52 5.91
N HIS A 65 -2.94 -6.66 5.57
CA HIS A 65 -1.64 -6.69 4.89
C HIS A 65 -1.77 -7.30 3.51
N TYR A 66 -1.19 -6.63 2.51
CA TYR A 66 -1.24 -7.12 1.14
C TYR A 66 0.16 -7.24 0.55
N HIS A 67 0.32 -8.16 -0.40
CA HIS A 67 1.61 -8.38 -1.04
C HIS A 67 1.50 -8.24 -2.56
N VAL A 68 2.00 -7.12 -3.08
CA VAL A 68 1.95 -6.86 -4.51
C VAL A 68 2.11 -8.14 -5.30
N HIS A 69 0.99 -8.66 -5.81
CA HIS A 69 1.01 -9.89 -6.60
C HIS A 69 1.73 -9.69 -7.92
N THR A 70 2.53 -10.68 -8.32
CA THR A 70 3.27 -10.60 -9.56
C THR A 70 2.79 -11.65 -10.56
N ASN A 71 2.42 -11.18 -11.75
CA ASN A 71 1.93 -12.07 -12.81
C ASN A 71 3.09 -12.69 -13.57
N ALA A 72 2.76 -13.46 -14.60
CA ALA A 72 3.78 -14.12 -15.43
C ALA A 72 4.72 -13.09 -16.06
N GLU A 73 4.14 -11.98 -16.54
CA GLU A 73 4.92 -10.93 -17.16
C GLU A 73 5.39 -9.91 -16.13
N ASN A 74 5.59 -10.38 -14.90
CA ASN A 74 6.04 -9.50 -13.81
C ASN A 74 5.08 -8.33 -13.63
N LYS A 75 3.78 -8.60 -13.77
CA LYS A 75 2.76 -7.57 -13.61
C LYS A 75 2.39 -7.38 -12.14
N LEU A 76 2.55 -6.17 -11.65
CA LEU A 76 2.22 -5.86 -10.26
C LEU A 76 0.78 -5.40 -10.12
N TYR A 77 0.01 -6.09 -9.29
CA TYR A 77 -1.38 -5.76 -9.07
C TYR A 77 -1.88 -6.33 -7.74
N LEU A 78 -3.03 -5.84 -7.29
CA LEU A 78 -3.61 -6.29 -6.03
C LEU A 78 -4.96 -6.97 -6.28
N ALA A 79 -5.46 -6.86 -7.50
CA ALA A 79 -6.73 -7.46 -7.86
C ALA A 79 -6.69 -8.03 -9.27
N GLU A 80 -7.11 -9.29 -9.41
CA GLU A 80 -7.12 -9.96 -10.71
C GLU A 80 -7.65 -9.02 -11.79
N ASN A 81 -8.42 -8.02 -11.38
CA ASN A 81 -8.99 -7.06 -12.32
C ASN A 81 -8.19 -5.76 -12.31
N TYR A 82 -6.88 -5.89 -12.26
CA TYR A 82 -6.00 -4.72 -12.24
C TYR A 82 -4.58 -5.10 -12.63
N CYS A 83 -3.88 -4.20 -13.32
CA CYS A 83 -2.51 -4.44 -13.76
C CYS A 83 -1.76 -3.13 -13.92
N PHE A 84 -0.47 -3.15 -13.63
CA PHE A 84 0.37 -1.96 -13.75
C PHE A 84 1.84 -2.34 -13.83
N ASP A 85 2.66 -1.42 -14.33
CA ASP A 85 4.09 -1.64 -14.46
C ASP A 85 4.88 -0.73 -13.53
N SER A 86 4.24 -0.28 -12.46
CA SER A 86 4.87 0.61 -11.49
C SER A 86 4.07 0.66 -10.19
N ILE A 87 4.77 0.88 -9.09
CA ILE A 87 4.13 0.95 -7.78
C ILE A 87 3.16 2.12 -7.71
N PRO A 88 3.66 3.33 -7.97
CA PRO A 88 2.84 4.55 -7.95
C PRO A 88 1.85 4.60 -9.10
N LYS A 89 2.03 3.71 -10.07
CA LYS A 89 1.15 3.66 -11.22
C LYS A 89 -0.13 2.87 -10.92
N LEU A 90 -0.06 2.05 -9.88
CA LEU A 90 -1.21 1.25 -9.47
C LEU A 90 -2.05 1.97 -8.43
N ILE A 91 -1.38 2.63 -7.49
CA ILE A 91 -2.05 3.37 -6.43
C ILE A 91 -2.95 4.46 -7.02
N HIS A 92 -2.45 5.14 -8.05
CA HIS A 92 -3.21 6.20 -8.70
C HIS A 92 -4.65 5.77 -8.96
N TYR A 93 -4.82 4.49 -9.28
CA TYR A 93 -6.15 3.95 -9.56
C TYR A 93 -6.89 3.63 -8.27
N HIS A 94 -6.40 2.62 -7.54
CA HIS A 94 -7.02 2.22 -6.28
C HIS A 94 -7.39 3.44 -5.45
N GLN A 95 -6.41 4.30 -5.20
CA GLN A 95 -6.64 5.51 -4.41
C GLN A 95 -7.93 6.21 -4.85
N HIS A 96 -7.95 6.71 -6.07
CA HIS A 96 -9.12 7.39 -6.60
C HIS A 96 -10.40 6.76 -6.08
N ASN A 97 -10.52 5.45 -6.26
CA ASN A 97 -11.71 4.72 -5.81
C ASN A 97 -11.37 3.27 -5.50
N SER A 98 -11.99 2.74 -4.46
CA SER A 98 -11.75 1.36 -4.04
C SER A 98 -11.72 0.44 -5.24
N ALA A 99 -10.70 -0.42 -5.30
CA ALA A 99 -10.55 -1.36 -6.40
C ALA A 99 -11.02 -2.75 -6.00
N GLY A 100 -12.30 -3.02 -6.19
CA GLY A 100 -12.85 -4.32 -5.84
C GLY A 100 -12.99 -4.51 -4.34
N MET A 101 -12.11 -5.32 -3.77
CA MET A 101 -12.14 -5.58 -2.33
C MET A 101 -11.22 -4.62 -1.59
N ILE A 102 -10.04 -4.38 -2.16
CA ILE A 102 -9.07 -3.48 -1.54
C ILE A 102 -9.75 -2.28 -0.91
N THR A 103 -9.60 -2.15 0.41
CA THR A 103 -10.21 -1.05 1.14
C THR A 103 -9.93 0.29 0.46
N ARG A 104 -10.94 1.16 0.44
CA ARG A 104 -10.79 2.47 -0.19
C ARG A 104 -9.72 3.29 0.52
N LEU A 105 -8.60 3.49 -0.15
CA LEU A 105 -7.49 4.26 0.40
C LEU A 105 -7.96 5.66 0.81
N ARG A 106 -8.30 5.81 2.09
CA ARG A 106 -8.75 7.09 2.61
C ARG A 106 -7.64 8.13 2.55
N HIS A 107 -6.57 7.91 3.32
CA HIS A 107 -5.45 8.83 3.36
C HIS A 107 -4.13 8.06 3.47
N PRO A 108 -3.07 8.60 2.85
CA PRO A 108 -1.74 7.99 2.87
C PRO A 108 -1.09 8.04 4.26
N VAL A 109 -0.11 7.17 4.48
CA VAL A 109 0.59 7.13 5.75
C VAL A 109 2.04 6.68 5.56
N SER A 110 2.96 7.43 6.18
CA SER A 110 4.38 7.11 6.06
C SER A 110 4.83 6.25 7.24
N GLY A 1 16.51 22.15 -18.03
CA GLY A 1 16.05 20.86 -18.49
C GLY A 1 16.17 19.79 -17.43
N SER A 2 15.05 19.14 -17.11
CA SER A 2 15.03 18.09 -16.11
C SER A 2 14.35 16.83 -16.64
N SER A 3 14.36 15.78 -15.83
CA SER A 3 13.74 14.51 -16.22
C SER A 3 12.74 14.05 -15.17
N GLY A 4 11.46 13.96 -15.56
CA GLY A 4 10.43 13.54 -14.64
C GLY A 4 10.47 12.04 -14.38
N SER A 5 11.51 11.59 -13.68
CA SER A 5 11.66 10.18 -13.37
C SER A 5 10.49 9.67 -12.53
N SER A 6 10.38 8.36 -12.41
CA SER A 6 9.30 7.75 -11.64
C SER A 6 9.78 7.34 -10.25
N GLY A 7 10.07 8.35 -9.41
CA GLY A 7 10.54 8.07 -8.07
C GLY A 7 9.47 7.45 -7.20
N LEU A 8 9.80 6.35 -6.53
CA LEU A 8 8.86 5.66 -5.67
C LEU A 8 9.12 6.00 -4.20
N ASP A 9 10.29 6.57 -3.93
CA ASP A 9 10.65 6.96 -2.57
C ASP A 9 10.38 8.45 -2.33
N ASP A 10 10.23 9.19 -3.42
CA ASP A 10 9.97 10.62 -3.33
C ASP A 10 8.52 10.89 -2.94
N TYR A 11 7.78 9.82 -2.65
CA TYR A 11 6.38 9.93 -2.28
C TYR A 11 6.23 10.06 -0.76
N ASP A 12 4.99 10.10 -0.31
CA ASP A 12 4.71 10.22 1.12
C ASP A 12 4.28 8.89 1.71
N TRP A 13 3.24 8.29 1.12
CA TRP A 13 2.73 7.01 1.60
C TRP A 13 3.85 5.99 1.72
N PHE A 14 4.84 6.09 0.83
CA PHE A 14 5.97 5.17 0.84
C PHE A 14 6.74 5.27 2.16
N ALA A 15 6.52 4.31 3.04
CA ALA A 15 7.18 4.29 4.34
C ALA A 15 8.58 3.67 4.23
N GLY A 16 8.62 2.38 3.89
CA GLY A 16 9.89 1.69 3.76
C GLY A 16 10.61 1.56 5.08
N ASN A 17 11.58 0.65 5.12
CA ASN A 17 12.36 0.41 6.34
C ASN A 17 11.43 0.20 7.54
N ILE A 18 10.30 -0.45 7.30
CA ILE A 18 9.33 -0.73 8.35
C ILE A 18 9.13 -2.23 8.52
N SER A 19 8.97 -2.66 9.78
CA SER A 19 8.77 -4.06 10.08
C SER A 19 7.28 -4.39 10.19
N ARG A 20 6.97 -5.65 10.44
CA ARG A 20 5.59 -6.10 10.55
C ARG A 20 4.88 -5.38 11.70
N SER A 21 5.67 -4.92 12.68
CA SER A 21 5.12 -4.20 13.83
C SER A 21 4.89 -2.74 13.51
N GLN A 22 5.96 -2.04 13.12
CA GLN A 22 5.87 -0.63 12.78
C GLN A 22 4.78 -0.39 11.74
N SER A 23 4.90 -1.05 10.60
CA SER A 23 3.93 -0.89 9.52
C SER A 23 2.50 -0.89 10.07
N GLU A 24 2.29 -1.69 11.11
CA GLU A 24 0.97 -1.77 11.73
C GLU A 24 0.71 -0.59 12.65
N GLN A 25 1.73 -0.20 13.41
CA GLN A 25 1.62 0.92 14.33
C GLN A 25 1.52 2.24 13.57
N LEU A 26 2.61 2.65 12.94
CA LEU A 26 2.63 3.90 12.18
C LEU A 26 1.29 4.15 11.51
N LEU A 27 0.62 3.08 11.10
CA LEU A 27 -0.69 3.19 10.46
C LEU A 27 -1.77 3.57 11.47
N ARG A 28 -2.09 2.63 12.36
CA ARG A 28 -3.11 2.88 13.38
C ARG A 28 -2.87 4.21 14.07
N GLN A 29 -1.61 4.60 14.20
CA GLN A 29 -1.25 5.85 14.84
C GLN A 29 -1.94 7.03 14.16
N LYS A 30 -1.92 7.03 12.84
CA LYS A 30 -2.54 8.10 12.06
C LYS A 30 -3.83 8.57 12.72
N GLY A 31 -4.60 7.62 13.23
CA GLY A 31 -5.86 7.96 13.88
C GLY A 31 -6.95 8.29 12.89
N LYS A 32 -6.82 7.79 11.68
CA LYS A 32 -7.81 8.04 10.63
C LYS A 32 -8.11 6.77 9.85
N GLU A 33 -9.29 6.20 10.08
CA GLU A 33 -9.71 4.98 9.40
C GLU A 33 -9.61 5.15 7.88
N GLY A 34 -8.65 4.45 7.27
CA GLY A 34 -8.47 4.54 5.84
C GLY A 34 -7.03 4.76 5.44
N ALA A 35 -6.21 5.19 6.40
CA ALA A 35 -4.80 5.43 6.15
C ALA A 35 -4.18 4.31 5.33
N PHE A 36 -3.10 4.62 4.62
CA PHE A 36 -2.42 3.64 3.80
C PHE A 36 -0.93 3.98 3.67
N MET A 37 -0.14 2.98 3.28
CA MET A 37 1.30 3.17 3.11
C MET A 37 1.90 2.04 2.29
N VAL A 38 3.19 2.13 2.02
CA VAL A 38 3.90 1.12 1.24
C VAL A 38 5.32 0.92 1.75
N ARG A 39 5.77 -0.32 1.75
CA ARG A 39 7.12 -0.65 2.22
C ARG A 39 7.88 -1.44 1.16
N ASN A 40 9.20 -1.53 1.32
CA ASN A 40 10.04 -2.26 0.38
C ASN A 40 10.27 -3.69 0.86
N SER A 41 10.10 -4.65 -0.05
CA SER A 41 10.30 -6.05 0.27
C SER A 41 11.77 -6.40 0.37
N SER A 42 12.10 -7.36 1.24
CA SER A 42 13.48 -7.78 1.43
C SER A 42 14.23 -7.82 0.10
N GLN A 43 13.72 -8.62 -0.83
CA GLN A 43 14.34 -8.75 -2.15
C GLN A 43 13.61 -7.88 -3.18
N VAL A 44 14.38 -7.26 -4.06
CA VAL A 44 13.82 -6.41 -5.10
C VAL A 44 12.93 -7.20 -6.04
N GLY A 45 11.78 -6.63 -6.38
CA GLY A 45 10.86 -7.29 -7.28
C GLY A 45 9.43 -7.28 -6.76
N MET A 46 9.28 -7.50 -5.46
CA MET A 46 7.96 -7.52 -4.84
C MET A 46 7.76 -6.29 -3.96
N TYR A 47 6.54 -6.09 -3.49
CA TYR A 47 6.21 -4.95 -2.64
C TYR A 47 5.04 -5.27 -1.72
N THR A 48 5.01 -4.61 -0.56
CA THR A 48 3.96 -4.83 0.42
C THR A 48 3.23 -3.53 0.75
N VAL A 49 1.95 -3.47 0.40
CA VAL A 49 1.14 -2.27 0.66
C VAL A 49 0.28 -2.46 1.91
N SER A 50 0.70 -1.85 3.01
CA SER A 50 -0.04 -1.95 4.26
C SER A 50 -0.93 -0.72 4.46
N LEU A 51 -2.15 -0.96 4.95
CA LEU A 51 -3.10 0.12 5.18
C LEU A 51 -3.99 -0.20 6.37
N PHE A 52 -4.53 0.84 7.00
CA PHE A 52 -5.41 0.67 8.16
C PHE A 52 -6.87 0.70 7.73
N SER A 53 -7.57 -0.40 7.99
CA SER A 53 -8.98 -0.51 7.63
C SER A 53 -9.85 -0.71 8.86
N LYS A 54 -10.87 0.12 9.01
CA LYS A 54 -11.77 0.05 10.15
C LYS A 54 -13.22 0.34 9.72
N ALA A 55 -14.09 -0.63 9.90
CA ALA A 55 -15.50 -0.48 9.53
C ALA A 55 -16.37 -1.52 10.24
N VAL A 56 -17.25 -1.05 11.10
CA VAL A 56 -18.15 -1.94 11.84
C VAL A 56 -18.58 -3.11 10.98
N ASN A 57 -18.83 -2.84 9.70
CA ASN A 57 -19.25 -3.89 8.78
C ASN A 57 -18.10 -4.82 8.44
N ASP A 58 -16.95 -4.24 8.12
CA ASP A 58 -15.76 -5.03 7.79
C ASP A 58 -15.17 -5.69 9.04
N LYS A 59 -14.59 -4.87 9.91
CA LYS A 59 -13.98 -5.37 11.14
C LYS A 59 -13.99 -4.30 12.22
N LYS A 60 -13.59 -4.69 13.43
CA LYS A 60 -13.54 -3.75 14.55
C LYS A 60 -12.18 -3.08 14.64
N GLY A 61 -11.52 -2.92 13.49
CA GLY A 61 -10.22 -2.28 13.46
C GLY A 61 -9.09 -3.29 13.40
N THR A 62 -8.64 -3.60 12.19
CA THR A 62 -7.55 -4.56 12.00
C THR A 62 -6.72 -4.20 10.78
N VAL A 63 -5.42 -3.99 10.99
CA VAL A 63 -4.51 -3.65 9.91
C VAL A 63 -4.37 -4.79 8.91
N LYS A 64 -4.62 -4.51 7.65
CA LYS A 64 -4.53 -5.51 6.59
C LYS A 64 -3.18 -5.43 5.89
N HIS A 65 -2.84 -6.49 5.16
CA HIS A 65 -1.58 -6.54 4.43
C HIS A 65 -1.77 -7.17 3.04
N TYR A 66 -1.51 -6.37 2.01
CA TYR A 66 -1.65 -6.84 0.63
C TYR A 66 -0.30 -7.00 -0.03
N HIS A 67 0.03 -8.23 -0.40
CA HIS A 67 1.31 -8.51 -1.06
C HIS A 67 1.19 -8.37 -2.57
N VAL A 68 2.02 -7.51 -3.16
CA VAL A 68 2.00 -7.28 -4.59
C VAL A 68 2.49 -8.51 -5.35
N HIS A 69 1.55 -9.29 -5.87
CA HIS A 69 1.89 -10.50 -6.62
C HIS A 69 2.26 -10.15 -8.06
N THR A 70 3.22 -10.91 -8.60
CA THR A 70 3.68 -10.68 -9.98
C THR A 70 3.19 -11.78 -10.90
N ASN A 71 2.80 -11.40 -12.12
CA ASN A 71 2.31 -12.36 -13.11
C ASN A 71 3.44 -12.83 -14.01
N ALA A 72 3.11 -13.67 -14.98
CA ALA A 72 4.09 -14.18 -15.93
C ALA A 72 4.73 -13.05 -16.73
N GLU A 73 3.92 -12.08 -17.11
CA GLU A 73 4.41 -10.94 -17.88
C GLU A 73 4.94 -9.84 -16.96
N ASN A 74 5.44 -10.24 -15.80
CA ASN A 74 5.98 -9.30 -14.83
C ASN A 74 4.94 -8.25 -14.46
N LYS A 75 3.67 -8.64 -14.49
CA LYS A 75 2.58 -7.73 -14.16
C LYS A 75 2.41 -7.61 -12.65
N LEU A 76 2.40 -6.38 -12.15
CA LEU A 76 2.25 -6.13 -10.73
C LEU A 76 0.83 -5.66 -10.40
N TYR A 77 0.35 -6.01 -9.21
CA TYR A 77 -0.99 -5.63 -8.79
C TYR A 77 -1.21 -5.98 -7.32
N LEU A 78 -2.26 -5.41 -6.74
CA LEU A 78 -2.58 -5.65 -5.33
C LEU A 78 -3.79 -6.58 -5.21
N ALA A 79 -4.72 -6.46 -6.16
CA ALA A 79 -5.92 -7.29 -6.15
C ALA A 79 -5.92 -8.25 -7.34
N GLU A 80 -6.41 -9.47 -7.10
CA GLU A 80 -6.46 -10.49 -8.15
C GLU A 80 -7.30 -10.01 -9.32
N ASN A 81 -7.35 -10.82 -10.38
CA ASN A 81 -8.12 -10.48 -11.58
C ASN A 81 -7.94 -9.01 -11.92
N TYR A 82 -6.77 -8.46 -11.61
CA TYR A 82 -6.48 -7.06 -11.90
C TYR A 82 -5.00 -6.86 -12.17
N CYS A 83 -4.69 -5.95 -13.09
CA CYS A 83 -3.30 -5.66 -13.44
C CYS A 83 -3.08 -4.17 -13.61
N PHE A 84 -1.92 -3.69 -13.15
CA PHE A 84 -1.60 -2.27 -13.26
C PHE A 84 -0.28 -2.06 -14.01
N ASP A 85 0.16 -0.82 -14.09
CA ASP A 85 1.39 -0.49 -14.78
C ASP A 85 2.59 -0.60 -13.84
N SER A 86 2.48 0.04 -12.68
CA SER A 86 3.56 0.01 -11.69
C SER A 86 3.01 0.06 -10.28
N ILE A 87 3.90 0.02 -9.29
CA ILE A 87 3.49 0.07 -7.90
C ILE A 87 2.79 1.38 -7.56
N PRO A 88 3.51 2.50 -7.78
CA PRO A 88 2.98 3.84 -7.52
C PRO A 88 1.88 4.23 -8.50
N LYS A 89 2.07 3.88 -9.77
CA LYS A 89 1.09 4.18 -10.81
C LYS A 89 -0.28 3.63 -10.44
N LEU A 90 -0.30 2.67 -9.53
CA LEU A 90 -1.56 2.06 -9.10
C LEU A 90 -2.20 2.86 -7.97
N ILE A 91 -1.38 3.24 -6.98
CA ILE A 91 -1.87 4.02 -5.85
C ILE A 91 -2.75 5.17 -6.31
N HIS A 92 -2.27 5.91 -7.31
CA HIS A 92 -3.02 7.03 -7.86
C HIS A 92 -4.45 6.64 -8.19
N TYR A 93 -4.60 5.56 -8.96
CA TYR A 93 -5.91 5.08 -9.34
C TYR A 93 -6.80 4.85 -8.13
N HIS A 94 -6.46 3.83 -7.35
CA HIS A 94 -7.23 3.51 -6.14
C HIS A 94 -7.59 4.77 -5.37
N GLN A 95 -6.57 5.51 -4.95
CA GLN A 95 -6.78 6.74 -4.19
C GLN A 95 -8.02 7.47 -4.68
N HIS A 96 -8.25 7.44 -5.98
CA HIS A 96 -9.42 8.10 -6.58
C HIS A 96 -10.62 7.16 -6.59
N ASN A 97 -10.42 5.95 -7.08
CA ASN A 97 -11.49 4.96 -7.14
C ASN A 97 -10.94 3.55 -6.96
N SER A 98 -11.22 2.96 -5.79
CA SER A 98 -10.75 1.62 -5.49
C SER A 98 -11.15 0.64 -6.59
N ALA A 99 -10.58 -0.56 -6.55
CA ALA A 99 -10.88 -1.59 -7.54
C ALA A 99 -11.87 -2.61 -6.99
N GLY A 100 -11.50 -3.25 -5.89
CA GLY A 100 -12.36 -4.24 -5.28
C GLY A 100 -12.48 -4.05 -3.78
N MET A 101 -12.28 -5.13 -3.04
CA MET A 101 -12.37 -5.08 -1.58
C MET A 101 -11.45 -4.02 -1.01
N ILE A 102 -10.18 -4.08 -1.37
CA ILE A 102 -9.19 -3.12 -0.90
C ILE A 102 -9.81 -1.72 -0.78
N THR A 103 -10.12 -1.31 0.46
CA THR A 103 -10.70 -0.01 0.70
C THR A 103 -9.98 1.08 -0.08
N ARG A 104 -10.70 2.15 -0.40
CA ARG A 104 -10.14 3.25 -1.15
C ARG A 104 -9.17 4.06 -0.29
N LEU A 105 -7.87 3.92 -0.57
CA LEU A 105 -6.85 4.63 0.18
C LEU A 105 -7.32 6.03 0.57
N ARG A 106 -7.49 6.26 1.85
CA ARG A 106 -7.94 7.55 2.36
C ARG A 106 -6.78 8.55 2.39
N HIS A 107 -5.84 8.33 3.30
CA HIS A 107 -4.68 9.20 3.43
C HIS A 107 -3.39 8.39 3.54
N PRO A 108 -2.29 8.95 3.01
CA PRO A 108 -0.99 8.30 3.04
C PRO A 108 -0.39 8.23 4.44
N VAL A 109 0.47 7.25 4.68
CA VAL A 109 1.10 7.09 5.97
C VAL A 109 2.56 6.67 5.82
N SER A 110 3.42 7.19 6.70
CA SER A 110 4.84 6.88 6.66
C SER A 110 5.45 6.94 8.06
N GLY A 1 20.76 10.72 -16.76
CA GLY A 1 20.61 12.15 -16.58
C GLY A 1 19.31 12.51 -15.88
N SER A 2 18.20 12.20 -16.52
CA SER A 2 16.88 12.50 -15.94
C SER A 2 15.96 11.28 -16.02
N SER A 3 15.75 10.79 -17.24
CA SER A 3 14.89 9.64 -17.45
C SER A 3 15.40 8.42 -16.67
N GLY A 4 14.78 8.18 -15.51
CA GLY A 4 15.18 7.05 -14.68
C GLY A 4 14.00 6.31 -14.11
N SER A 5 14.27 5.20 -13.42
CA SER A 5 13.22 4.39 -12.82
C SER A 5 12.50 5.16 -11.73
N SER A 6 11.18 5.20 -11.80
CA SER A 6 10.37 5.91 -10.83
C SER A 6 10.97 5.78 -9.43
N GLY A 7 11.03 6.89 -8.71
CA GLY A 7 11.58 6.87 -7.37
C GLY A 7 10.52 6.64 -6.30
N LEU A 8 10.45 5.42 -5.80
CA LEU A 8 9.47 5.07 -4.78
C LEU A 8 9.67 5.92 -3.52
N ASP A 9 10.92 6.25 -3.25
CA ASP A 9 11.25 7.06 -2.08
C ASP A 9 10.47 8.38 -2.09
N ASP A 10 10.39 8.99 -3.26
CA ASP A 10 9.67 10.26 -3.41
C ASP A 10 8.33 10.21 -2.69
N TYR A 11 7.42 9.37 -3.18
CA TYR A 11 6.11 9.24 -2.59
C TYR A 11 6.20 9.18 -1.06
N ASP A 12 5.06 9.40 -0.40
CA ASP A 12 5.01 9.38 1.05
C ASP A 12 4.50 8.02 1.56
N TRP A 13 3.34 7.62 1.07
CA TRP A 13 2.74 6.35 1.46
C TRP A 13 3.79 5.25 1.52
N PHE A 14 4.85 5.40 0.73
CA PHE A 14 5.93 4.40 0.69
C PHE A 14 6.65 4.35 2.02
N ALA A 15 6.29 3.36 2.84
CA ALA A 15 6.91 3.18 4.15
C ALA A 15 7.82 1.95 4.17
N GLY A 16 8.75 1.90 3.22
CA GLY A 16 9.66 0.77 3.14
C GLY A 16 10.58 0.69 4.35
N ASN A 17 10.94 1.85 4.89
CA ASN A 17 11.82 1.91 6.05
C ASN A 17 11.04 1.69 7.34
N ILE A 18 10.33 0.56 7.41
CA ILE A 18 9.54 0.24 8.59
C ILE A 18 9.89 -1.15 9.13
N SER A 19 9.17 -1.59 10.15
CA SER A 19 9.41 -2.89 10.76
C SER A 19 8.10 -3.60 11.07
N ARG A 20 8.19 -4.80 11.63
CA ARG A 20 7.01 -5.58 11.97
C ARG A 20 6.08 -4.78 12.89
N SER A 21 6.68 -3.94 13.74
CA SER A 21 5.90 -3.13 14.67
C SER A 21 5.44 -1.83 14.00
N GLN A 22 6.41 -0.98 13.65
CA GLN A 22 6.09 0.29 13.00
C GLN A 22 4.98 0.12 11.97
N SER A 23 5.16 -0.84 11.07
CA SER A 23 4.19 -1.11 10.02
C SER A 23 2.76 -0.87 10.53
N GLU A 24 2.48 -1.39 11.73
CA GLU A 24 1.16 -1.23 12.33
C GLU A 24 1.06 0.08 13.10
N GLN A 25 1.96 0.26 14.07
CA GLN A 25 1.97 1.48 14.89
C GLN A 25 1.65 2.70 14.04
N LEU A 26 2.52 3.00 13.08
CA LEU A 26 2.34 4.14 12.20
C LEU A 26 0.88 4.26 11.77
N LEU A 27 0.41 3.30 10.99
CA LEU A 27 -0.97 3.30 10.52
C LEU A 27 -1.93 3.77 11.61
N ARG A 28 -1.83 3.15 12.78
CA ARG A 28 -2.68 3.51 13.91
C ARG A 28 -2.50 4.98 14.28
N GLN A 29 -1.25 5.38 14.46
CA GLN A 29 -0.94 6.76 14.82
C GLN A 29 -1.73 7.74 13.95
N LYS A 30 -1.75 7.48 12.65
CA LYS A 30 -2.47 8.33 11.71
C LYS A 30 -3.80 8.80 12.29
N GLY A 31 -4.44 7.92 13.06
CA GLY A 31 -5.71 8.26 13.66
C GLY A 31 -6.78 8.56 12.64
N LYS A 32 -6.64 7.99 11.45
CA LYS A 32 -7.60 8.20 10.37
C LYS A 32 -8.04 6.88 9.76
N GLU A 33 -9.35 6.69 9.66
CA GLU A 33 -9.91 5.46 9.10
C GLU A 33 -9.71 5.42 7.60
N GLY A 34 -8.81 4.55 7.14
CA GLY A 34 -8.55 4.43 5.72
C GLY A 34 -7.08 4.57 5.39
N ALA A 35 -6.31 5.09 6.33
CA ALA A 35 -4.88 5.28 6.13
C ALA A 35 -4.25 4.08 5.44
N PHE A 36 -3.31 4.33 4.55
CA PHE A 36 -2.63 3.27 3.82
C PHE A 36 -1.13 3.55 3.70
N MET A 37 -0.37 2.53 3.32
CA MET A 37 1.07 2.66 3.17
C MET A 37 1.64 1.52 2.34
N VAL A 38 2.96 1.54 2.15
CA VAL A 38 3.63 0.49 1.38
C VAL A 38 4.98 0.14 1.98
N ARG A 39 5.11 -1.09 2.44
CA ARG A 39 6.36 -1.56 3.04
C ARG A 39 7.01 -2.64 2.18
N ASN A 40 8.31 -2.82 2.34
CA ASN A 40 9.05 -3.82 1.59
C ASN A 40 9.04 -5.17 2.31
N SER A 41 8.75 -6.23 1.56
CA SER A 41 8.70 -7.57 2.13
C SER A 41 9.94 -7.85 2.96
N SER A 42 9.83 -8.81 3.88
CA SER A 42 10.94 -9.18 4.74
C SER A 42 11.73 -10.34 4.15
N GLN A 43 13.03 -10.15 4.00
CA GLN A 43 13.89 -11.19 3.44
C GLN A 43 13.44 -11.59 2.04
N VAL A 44 12.79 -10.66 1.35
CA VAL A 44 12.29 -10.92 0.00
C VAL A 44 12.27 -9.64 -0.83
N GLY A 45 12.53 -9.78 -2.12
CA GLY A 45 12.54 -8.62 -3.01
C GLY A 45 11.15 -8.29 -3.53
N MET A 46 10.16 -8.34 -2.65
CA MET A 46 8.79 -8.05 -3.03
C MET A 46 8.25 -6.85 -2.25
N TYR A 47 7.07 -6.39 -2.62
CA TYR A 47 6.45 -5.24 -1.97
C TYR A 47 5.13 -5.64 -1.31
N THR A 48 4.81 -4.98 -0.20
CA THR A 48 3.57 -5.26 0.53
C THR A 48 2.82 -3.97 0.86
N VAL A 49 1.59 -3.88 0.37
CA VAL A 49 0.76 -2.70 0.61
C VAL A 49 -0.16 -2.92 1.80
N SER A 50 0.23 -2.40 2.95
CA SER A 50 -0.57 -2.54 4.18
C SER A 50 -1.31 -1.24 4.48
N LEU A 51 -2.57 -1.37 4.87
CA LEU A 51 -3.40 -0.22 5.20
C LEU A 51 -4.30 -0.51 6.40
N PHE A 52 -4.77 0.55 7.05
CA PHE A 52 -5.64 0.41 8.20
C PHE A 52 -7.10 0.62 7.82
N SER A 53 -8.00 -0.06 8.51
CA SER A 53 -9.43 0.05 8.24
C SER A 53 -10.25 -0.56 9.38
N LYS A 54 -11.40 0.05 9.67
CA LYS A 54 -12.27 -0.43 10.72
C LYS A 54 -13.52 -1.08 10.13
N ALA A 55 -13.75 -2.34 10.48
CA ALA A 55 -14.91 -3.08 10.00
C ALA A 55 -16.19 -2.60 10.67
N VAL A 56 -17.30 -3.24 10.34
CA VAL A 56 -18.59 -2.89 10.93
C VAL A 56 -18.76 -3.53 12.31
N ASN A 57 -18.45 -2.77 13.35
CA ASN A 57 -18.57 -3.25 14.71
C ASN A 57 -17.45 -4.25 15.04
N ASP A 58 -16.22 -3.84 14.76
CA ASP A 58 -15.06 -4.69 15.02
C ASP A 58 -14.07 -3.99 15.95
N LYS A 59 -12.96 -4.65 16.23
CA LYS A 59 -11.93 -4.10 17.09
C LYS A 59 -11.58 -2.67 16.68
N LYS A 60 -10.71 -2.04 17.44
CA LYS A 60 -10.28 -0.66 17.14
C LYS A 60 -10.01 -0.49 15.66
N GLY A 61 -9.69 -1.59 14.99
CA GLY A 61 -9.41 -1.54 13.56
C GLY A 61 -8.40 -2.58 13.13
N THR A 62 -8.78 -3.40 12.15
CA THR A 62 -7.90 -4.44 11.64
C THR A 62 -7.05 -3.93 10.49
N VAL A 63 -5.78 -4.35 10.47
CA VAL A 63 -4.86 -3.93 9.42
C VAL A 63 -4.76 -4.99 8.33
N LYS A 64 -5.01 -4.58 7.09
CA LYS A 64 -4.94 -5.49 5.95
C LYS A 64 -3.62 -5.34 5.21
N HIS A 65 -3.09 -6.47 4.74
CA HIS A 65 -1.83 -6.46 4.01
C HIS A 65 -1.99 -7.10 2.63
N TYR A 66 -1.76 -6.31 1.59
CA TYR A 66 -1.88 -6.79 0.22
C TYR A 66 -0.51 -6.96 -0.43
N HIS A 67 -0.03 -8.20 -0.49
CA HIS A 67 1.27 -8.49 -1.09
C HIS A 67 1.21 -8.33 -2.61
N VAL A 68 2.12 -7.51 -3.14
CA VAL A 68 2.17 -7.28 -4.57
C VAL A 68 2.57 -8.54 -5.34
N HIS A 69 1.64 -9.07 -6.10
CA HIS A 69 1.89 -10.28 -6.88
C HIS A 69 2.41 -9.94 -8.27
N THR A 70 3.03 -10.92 -8.93
CA THR A 70 3.57 -10.72 -10.27
C THR A 70 2.89 -11.63 -11.28
N ASN A 71 2.93 -11.23 -12.54
CA ASN A 71 2.31 -12.02 -13.61
C ASN A 71 3.36 -12.44 -14.65
N ALA A 72 2.94 -13.26 -15.60
CA ALA A 72 3.84 -13.74 -16.65
C ALA A 72 4.72 -12.61 -17.18
N GLU A 73 4.09 -11.51 -17.58
CA GLU A 73 4.82 -10.36 -18.11
C GLU A 73 5.34 -9.49 -16.96
N ASN A 74 5.82 -10.13 -15.91
CA ASN A 74 6.35 -9.41 -14.76
C ASN A 74 5.45 -8.23 -14.38
N LYS A 75 4.17 -8.36 -14.69
CA LYS A 75 3.20 -7.31 -14.39
C LYS A 75 2.78 -7.36 -12.93
N LEU A 76 2.87 -6.22 -12.25
CA LEU A 76 2.50 -6.13 -10.84
C LEU A 76 1.04 -5.70 -10.69
N TYR A 77 0.30 -6.43 -9.87
CA TYR A 77 -1.10 -6.13 -9.64
C TYR A 77 -1.50 -6.47 -8.21
N LEU A 78 -2.34 -5.61 -7.60
CA LEU A 78 -2.80 -5.82 -6.24
C LEU A 78 -4.15 -6.51 -6.22
N ALA A 79 -4.98 -6.20 -7.21
CA ALA A 79 -6.31 -6.80 -7.31
C ALA A 79 -6.45 -7.64 -8.58
N GLU A 80 -6.98 -8.84 -8.42
CA GLU A 80 -7.16 -9.75 -9.55
C GLU A 80 -7.70 -9.00 -10.77
N ASN A 81 -8.76 -8.23 -10.55
CA ASN A 81 -9.38 -7.46 -11.63
C ASN A 81 -8.63 -6.14 -11.85
N TYR A 82 -7.31 -6.21 -11.81
CA TYR A 82 -6.48 -5.02 -12.01
C TYR A 82 -5.09 -5.41 -12.50
N CYS A 83 -4.44 -4.49 -13.23
CA CYS A 83 -3.11 -4.74 -13.75
C CYS A 83 -2.42 -3.43 -14.11
N PHE A 84 -1.13 -3.32 -13.77
CA PHE A 84 -0.37 -2.12 -14.06
C PHE A 84 1.06 -2.47 -14.44
N ASP A 85 1.89 -1.45 -14.63
CA ASP A 85 3.28 -1.65 -15.00
C ASP A 85 4.22 -1.25 -13.85
N SER A 86 3.78 -0.27 -13.06
CA SER A 86 4.58 0.20 -11.93
C SER A 86 3.76 0.17 -10.65
N ILE A 87 4.46 0.14 -9.52
CA ILE A 87 3.81 0.10 -8.21
C ILE A 87 3.06 1.40 -7.93
N PRO A 88 3.81 2.52 -7.96
CA PRO A 88 3.24 3.85 -7.72
C PRO A 88 2.32 4.31 -8.85
N LYS A 89 2.16 3.46 -9.84
CA LYS A 89 1.31 3.77 -10.99
C LYS A 89 -0.09 3.20 -10.80
N LEU A 90 -0.21 2.24 -9.90
CA LEU A 90 -1.50 1.60 -9.62
C LEU A 90 -2.22 2.32 -8.48
N ILE A 91 -1.50 2.56 -7.39
CA ILE A 91 -2.09 3.23 -6.24
C ILE A 91 -2.85 4.48 -6.67
N HIS A 92 -2.30 5.23 -7.62
CA HIS A 92 -2.93 6.44 -8.12
C HIS A 92 -4.42 6.22 -8.35
N TYR A 93 -4.76 5.10 -8.98
CA TYR A 93 -6.15 4.78 -9.27
C TYR A 93 -6.92 4.52 -7.97
N HIS A 94 -6.51 3.49 -7.25
CA HIS A 94 -7.16 3.14 -5.99
C HIS A 94 -7.34 4.36 -5.10
N GLN A 95 -6.41 5.32 -5.22
CA GLN A 95 -6.48 6.54 -4.43
C GLN A 95 -7.84 7.20 -4.56
N HIS A 96 -8.28 7.40 -5.80
CA HIS A 96 -9.58 8.03 -6.06
C HIS A 96 -10.72 7.06 -5.78
N ASN A 97 -10.63 5.87 -6.36
CA ASN A 97 -11.65 4.84 -6.18
C ASN A 97 -11.04 3.45 -6.19
N SER A 98 -11.29 2.68 -5.13
CA SER A 98 -10.75 1.33 -5.02
C SER A 98 -11.81 0.30 -5.38
N ALA A 99 -11.44 -0.97 -5.33
CA ALA A 99 -12.35 -2.05 -5.66
C ALA A 99 -12.04 -3.31 -4.86
N GLY A 100 -12.87 -4.34 -5.01
CA GLY A 100 -12.65 -5.57 -4.28
C GLY A 100 -12.48 -5.36 -2.80
N MET A 101 -11.86 -6.32 -2.13
CA MET A 101 -11.62 -6.23 -0.69
C MET A 101 -10.78 -5.00 -0.35
N ILE A 102 -10.04 -4.52 -1.33
CA ILE A 102 -9.18 -3.35 -1.14
C ILE A 102 -10.01 -2.14 -0.72
N THR A 103 -9.69 -1.59 0.46
CA THR A 103 -10.40 -0.43 0.97
C THR A 103 -9.78 0.87 0.47
N ARG A 104 -10.63 1.82 0.12
CA ARG A 104 -10.16 3.12 -0.39
C ARG A 104 -8.94 3.59 0.39
N LEU A 105 -8.19 4.52 -0.20
CA LEU A 105 -7.00 5.06 0.45
C LEU A 105 -7.27 6.45 1.02
N ARG A 106 -7.96 6.49 2.16
CA ARG A 106 -8.28 7.75 2.81
C ARG A 106 -7.10 8.71 2.75
N HIS A 107 -5.94 8.23 3.18
CA HIS A 107 -4.73 9.06 3.17
C HIS A 107 -3.48 8.19 3.28
N PRO A 108 -2.39 8.64 2.66
CA PRO A 108 -1.11 7.91 2.66
C PRO A 108 -0.45 7.92 4.04
N VAL A 109 0.43 6.95 4.27
CA VAL A 109 1.13 6.85 5.55
C VAL A 109 2.58 6.41 5.34
N SER A 110 3.49 7.05 6.05
CA SER A 110 4.92 6.73 5.95
C SER A 110 5.48 6.30 7.30
N GLY A 1 9.94 0.54 -20.76
CA GLY A 1 9.44 1.79 -21.28
C GLY A 1 8.92 2.72 -20.20
N SER A 2 9.83 3.47 -19.59
CA SER A 2 9.46 4.41 -18.53
C SER A 2 9.37 5.83 -19.06
N SER A 3 8.16 6.27 -19.37
CA SER A 3 7.93 7.61 -19.90
C SER A 3 7.79 8.62 -18.76
N GLY A 4 8.91 9.29 -18.45
CA GLY A 4 8.89 10.27 -17.37
C GLY A 4 9.91 9.97 -16.29
N SER A 5 9.56 10.30 -15.05
CA SER A 5 10.46 10.07 -13.93
C SER A 5 10.16 8.72 -13.27
N SER A 6 11.02 8.33 -12.33
CA SER A 6 10.85 7.06 -11.63
C SER A 6 11.21 7.20 -10.15
N GLY A 7 10.92 6.17 -9.38
CA GLY A 7 11.22 6.20 -7.95
C GLY A 7 9.97 6.02 -7.10
N LEU A 8 10.15 5.48 -5.91
CA LEU A 8 9.04 5.26 -4.99
C LEU A 8 9.09 6.24 -3.82
N ASP A 9 10.30 6.54 -3.36
CA ASP A 9 10.49 7.47 -2.25
C ASP A 9 9.72 8.76 -2.49
N ASP A 10 9.88 9.32 -3.69
CA ASP A 10 9.21 10.56 -4.03
C ASP A 10 7.82 10.63 -3.40
N TYR A 11 7.05 9.55 -3.55
CA TYR A 11 5.71 9.48 -3.00
C TYR A 11 5.74 9.63 -1.47
N ASP A 12 4.58 9.51 -0.85
CA ASP A 12 4.46 9.63 0.60
C ASP A 12 4.05 8.30 1.22
N TRP A 13 2.95 7.74 0.73
CA TRP A 13 2.44 6.47 1.24
C TRP A 13 3.58 5.47 1.41
N PHE A 14 4.51 5.46 0.46
CA PHE A 14 5.64 4.54 0.49
C PHE A 14 6.48 4.79 1.74
N ALA A 15 6.39 3.86 2.70
CA ALA A 15 7.14 3.97 3.94
C ALA A 15 8.54 3.39 3.78
N GLY A 16 8.62 2.22 3.14
CA GLY A 16 9.91 1.58 2.94
C GLY A 16 10.05 0.30 3.75
N ASN A 17 11.25 0.05 4.24
CA ASN A 17 11.52 -1.14 5.03
C ASN A 17 10.99 -0.99 6.45
N ILE A 18 9.88 -1.65 6.74
CA ILE A 18 9.26 -1.58 8.07
C ILE A 18 8.91 -2.97 8.58
N SER A 19 8.83 -3.11 9.90
CA SER A 19 8.51 -4.38 10.52
C SER A 19 7.02 -4.46 10.87
N ARG A 20 6.47 -5.67 10.83
CA ARG A 20 5.06 -5.87 11.15
C ARG A 20 4.63 -4.98 12.30
N SER A 21 5.52 -4.80 13.28
CA SER A 21 5.22 -3.98 14.45
C SER A 21 5.11 -2.51 14.05
N GLN A 22 6.10 -2.03 13.30
CA GLN A 22 6.12 -0.63 12.86
C GLN A 22 4.96 -0.36 11.92
N SER A 23 4.90 -1.09 10.81
CA SER A 23 3.84 -0.91 9.83
C SER A 23 2.52 -0.56 10.50
N GLU A 24 2.22 -1.25 11.60
CA GLU A 24 0.99 -1.00 12.34
C GLU A 24 1.12 0.25 13.20
N GLN A 25 2.20 0.32 13.96
CA GLN A 25 2.43 1.47 14.84
C GLN A 25 2.15 2.78 14.11
N LEU A 26 2.96 3.08 13.11
CA LEU A 26 2.81 4.31 12.34
C LEU A 26 1.34 4.56 12.04
N LEU A 27 0.73 3.67 11.26
CA LEU A 27 -0.68 3.80 10.90
C LEU A 27 -1.52 4.18 12.12
N ARG A 28 -1.49 3.32 13.13
CA ARG A 28 -2.26 3.56 14.35
C ARG A 28 -2.11 5.02 14.81
N GLN A 29 -0.87 5.45 15.02
CA GLN A 29 -0.60 6.81 15.46
C GLN A 29 -1.44 7.81 14.67
N LYS A 30 -1.45 7.65 13.35
CA LYS A 30 -2.22 8.54 12.48
C LYS A 30 -3.66 8.63 12.93
N GLY A 31 -4.23 7.49 13.32
CA GLY A 31 -5.61 7.46 13.77
C GLY A 31 -6.55 8.14 12.79
N LYS A 32 -6.44 7.78 11.52
CA LYS A 32 -7.28 8.35 10.48
C LYS A 32 -7.83 7.27 9.56
N GLU A 33 -8.99 6.71 9.92
CA GLU A 33 -9.62 5.67 9.14
C GLU A 33 -9.45 5.94 7.64
N GLY A 34 -8.61 5.14 7.00
CA GLY A 34 -8.38 5.31 5.58
C GLY A 34 -6.90 5.38 5.24
N ALA A 35 -6.08 5.70 6.23
CA ALA A 35 -4.64 5.80 6.04
C ALA A 35 -4.08 4.56 5.34
N PHE A 36 -3.11 4.77 4.47
CA PHE A 36 -2.50 3.66 3.74
C PHE A 36 -1.01 3.90 3.54
N MET A 37 -0.28 2.84 3.20
CA MET A 37 1.16 2.94 2.98
C MET A 37 1.67 1.73 2.19
N VAL A 38 2.85 1.88 1.61
CA VAL A 38 3.45 0.80 0.82
C VAL A 38 4.88 0.52 1.27
N ARG A 39 5.11 -0.67 1.80
CA ARG A 39 6.42 -1.06 2.29
C ARG A 39 7.11 -1.98 1.29
N ASN A 40 8.41 -2.20 1.47
CA ASN A 40 9.18 -3.06 0.60
C ASN A 40 9.62 -4.33 1.32
N SER A 41 9.40 -5.49 0.68
CA SER A 41 9.77 -6.76 1.26
C SER A 41 11.28 -6.97 1.21
N SER A 42 11.79 -7.82 2.10
CA SER A 42 13.21 -8.10 2.16
C SER A 42 13.77 -8.36 0.76
N GLN A 43 13.22 -9.35 0.08
CA GLN A 43 13.66 -9.70 -1.26
C GLN A 43 13.31 -8.59 -2.25
N VAL A 44 14.34 -7.98 -2.83
CA VAL A 44 14.15 -6.90 -3.80
C VAL A 44 13.19 -7.32 -4.92
N GLY A 45 12.04 -6.66 -4.98
CA GLY A 45 11.06 -6.98 -5.99
C GLY A 45 9.65 -7.05 -5.43
N MET A 46 9.50 -7.71 -4.28
CA MET A 46 8.19 -7.85 -3.65
C MET A 46 7.84 -6.59 -2.87
N TYR A 47 6.56 -6.45 -2.54
CA TYR A 47 6.08 -5.29 -1.80
C TYR A 47 4.88 -5.65 -0.93
N THR A 48 4.39 -4.67 -0.18
CA THR A 48 3.24 -4.89 0.69
C THR A 48 2.53 -3.57 1.01
N VAL A 49 1.21 -3.58 0.95
CA VAL A 49 0.42 -2.38 1.24
C VAL A 49 -0.36 -2.54 2.54
N SER A 50 0.17 -1.97 3.62
CA SER A 50 -0.48 -2.06 4.91
C SER A 50 -1.25 -0.77 5.22
N LEU A 51 -2.56 -0.82 5.05
CA LEU A 51 -3.42 0.34 5.31
C LEU A 51 -4.36 0.08 6.47
N PHE A 52 -4.61 1.11 7.26
CA PHE A 52 -5.49 1.00 8.42
C PHE A 52 -6.95 1.18 8.01
N SER A 53 -7.84 0.42 8.64
CA SER A 53 -9.26 0.49 8.34
C SER A 53 -10.09 -0.19 9.42
N LYS A 54 -11.25 0.37 9.71
CA LYS A 54 -12.14 -0.19 10.73
C LYS A 54 -13.21 -1.07 10.09
N ALA A 55 -13.38 -2.27 10.64
CA ALA A 55 -14.37 -3.20 10.13
C ALA A 55 -15.74 -2.93 10.73
N VAL A 56 -16.74 -3.70 10.30
CA VAL A 56 -18.10 -3.53 10.79
C VAL A 56 -18.22 -3.96 12.25
N ASN A 57 -17.17 -4.60 12.76
CA ASN A 57 -17.16 -5.05 14.14
C ASN A 57 -16.03 -4.37 14.92
N ASP A 58 -14.80 -4.55 14.46
CA ASP A 58 -13.64 -3.96 15.11
C ASP A 58 -13.87 -2.48 15.40
N LYS A 59 -14.07 -2.16 16.67
CA LYS A 59 -14.31 -0.79 17.10
C LYS A 59 -13.01 0.02 17.07
N LYS A 60 -11.95 -0.56 17.60
CA LYS A 60 -10.65 0.11 17.63
C LYS A 60 -10.06 0.23 16.22
N GLY A 61 -10.07 -0.87 15.49
CA GLY A 61 -9.54 -0.86 14.14
C GLY A 61 -8.61 -2.03 13.87
N THR A 62 -8.40 -2.33 12.59
CA THR A 62 -7.54 -3.44 12.20
C THR A 62 -6.79 -3.12 10.90
N VAL A 63 -5.48 -3.37 10.90
CA VAL A 63 -4.66 -3.11 9.73
C VAL A 63 -4.62 -4.33 8.81
N LYS A 64 -4.87 -4.09 7.52
CA LYS A 64 -4.86 -5.17 6.54
C LYS A 64 -3.53 -5.21 5.78
N HIS A 65 -3.16 -6.40 5.32
CA HIS A 65 -1.92 -6.58 4.58
C HIS A 65 -2.18 -7.14 3.19
N TYR A 66 -1.76 -6.41 2.16
CA TYR A 66 -1.95 -6.84 0.79
C TYR A 66 -0.62 -7.12 0.11
N HIS A 67 -0.53 -8.29 -0.54
CA HIS A 67 0.69 -8.68 -1.23
C HIS A 67 0.63 -8.31 -2.70
N VAL A 68 1.80 -8.03 -3.29
CA VAL A 68 1.88 -7.66 -4.70
C VAL A 68 2.47 -8.79 -5.53
N HIS A 69 1.66 -9.36 -6.41
CA HIS A 69 2.12 -10.44 -7.27
C HIS A 69 2.69 -9.90 -8.58
N THR A 70 3.70 -10.59 -9.11
CA THR A 70 4.34 -10.18 -10.35
C THR A 70 3.99 -11.13 -11.49
N ASN A 71 3.64 -10.56 -12.64
CA ASN A 71 3.28 -11.37 -13.81
C ASN A 71 4.52 -11.66 -14.65
N ALA A 72 4.34 -12.49 -15.68
CA ALA A 72 5.43 -12.84 -16.57
C ALA A 72 6.07 -11.61 -17.18
N GLU A 73 5.25 -10.63 -17.54
CA GLU A 73 5.74 -9.40 -18.14
C GLU A 73 6.13 -8.39 -17.06
N ASN A 74 6.39 -8.89 -15.86
CA ASN A 74 6.78 -8.04 -14.74
C ASN A 74 5.68 -7.03 -14.42
N LYS A 75 4.43 -7.49 -14.41
CA LYS A 75 3.29 -6.63 -14.12
C LYS A 75 2.97 -6.64 -12.63
N LEU A 76 2.98 -5.46 -12.02
CA LEU A 76 2.69 -5.34 -10.59
C LEU A 76 1.21 -5.00 -10.37
N TYR A 77 0.59 -5.68 -9.42
CA TYR A 77 -0.82 -5.46 -9.11
C TYR A 77 -1.15 -5.96 -7.71
N LEU A 78 -2.36 -5.64 -7.24
CA LEU A 78 -2.80 -6.06 -5.93
C LEU A 78 -3.85 -7.17 -6.03
N ALA A 79 -4.73 -7.04 -7.01
CA ALA A 79 -5.79 -8.03 -7.23
C ALA A 79 -5.57 -8.78 -8.53
N GLU A 80 -5.26 -10.07 -8.43
CA GLU A 80 -5.04 -10.89 -9.61
C GLU A 80 -6.06 -10.57 -10.70
N ASN A 81 -7.34 -10.67 -10.35
CA ASN A 81 -8.40 -10.39 -11.30
C ASN A 81 -8.03 -9.24 -12.23
N TYR A 82 -7.36 -8.24 -11.67
CA TYR A 82 -6.94 -7.08 -12.45
C TYR A 82 -5.42 -6.98 -12.51
N CYS A 83 -4.92 -6.13 -13.40
CA CYS A 83 -3.48 -5.95 -13.56
C CYS A 83 -3.15 -4.48 -13.84
N PHE A 84 -1.95 -4.07 -13.44
CA PHE A 84 -1.52 -2.69 -13.65
C PHE A 84 -0.16 -2.65 -14.35
N ASP A 85 0.38 -1.45 -14.50
CA ASP A 85 1.67 -1.27 -15.16
C ASP A 85 2.81 -1.34 -14.15
N SER A 86 2.60 -0.72 -12.99
CA SER A 86 3.62 -0.71 -11.94
C SER A 86 2.97 -0.57 -10.57
N ILE A 87 3.80 -0.56 -9.53
CA ILE A 87 3.31 -0.44 -8.16
C ILE A 87 2.70 0.94 -7.92
N PRO A 88 3.50 1.99 -8.16
CA PRO A 88 3.06 3.38 -7.98
C PRO A 88 2.04 3.80 -9.02
N LYS A 89 1.68 2.88 -9.91
CA LYS A 89 0.70 3.15 -10.96
C LYS A 89 -0.69 2.70 -10.52
N LEU A 90 -0.74 1.68 -9.67
CA LEU A 90 -2.02 1.16 -9.19
C LEU A 90 -2.56 2.02 -8.04
N ILE A 91 -1.66 2.46 -7.17
CA ILE A 91 -2.05 3.27 -6.03
C ILE A 91 -2.69 4.59 -6.49
N HIS A 92 -1.94 5.35 -7.29
CA HIS A 92 -2.44 6.62 -7.80
C HIS A 92 -3.92 6.52 -8.16
N TYR A 93 -4.35 5.33 -8.54
CA TYR A 93 -5.74 5.09 -8.91
C TYR A 93 -6.61 4.86 -7.67
N HIS A 94 -6.33 3.78 -6.96
CA HIS A 94 -7.08 3.45 -5.75
C HIS A 94 -7.32 4.68 -4.90
N GLN A 95 -6.43 5.67 -5.03
CA GLN A 95 -6.55 6.91 -4.27
C GLN A 95 -7.98 7.43 -4.31
N HIS A 96 -8.63 7.30 -5.45
CA HIS A 96 -10.00 7.76 -5.62
C HIS A 96 -10.97 6.59 -5.66
N ASN A 97 -10.95 5.84 -6.77
CA ASN A 97 -11.83 4.69 -6.93
C ASN A 97 -11.40 3.54 -6.03
N SER A 98 -12.10 2.42 -6.13
CA SER A 98 -11.78 1.25 -5.31
C SER A 98 -12.18 -0.03 -6.03
N ALA A 99 -11.23 -0.95 -6.18
CA ALA A 99 -11.48 -2.21 -6.85
C ALA A 99 -11.57 -3.36 -5.84
N GLY A 100 -12.48 -4.29 -6.08
CA GLY A 100 -12.65 -5.42 -5.19
C GLY A 100 -12.92 -4.99 -3.75
N MET A 101 -12.46 -5.81 -2.81
CA MET A 101 -12.66 -5.50 -1.39
C MET A 101 -11.46 -4.75 -0.82
N ILE A 102 -11.11 -3.64 -1.48
CA ILE A 102 -9.99 -2.83 -1.05
C ILE A 102 -10.46 -1.46 -0.56
N THR A 103 -10.24 -1.18 0.73
CA THR A 103 -10.64 0.08 1.32
C THR A 103 -10.18 1.26 0.46
N ARG A 104 -10.91 2.37 0.55
CA ARG A 104 -10.57 3.56 -0.22
C ARG A 104 -9.45 4.34 0.45
N LEU A 105 -8.28 4.35 -0.21
CA LEU A 105 -7.12 5.05 0.32
C LEU A 105 -7.47 6.50 0.67
N ARG A 106 -7.34 6.84 1.94
CA ARG A 106 -7.65 8.19 2.41
C ARG A 106 -6.41 9.08 2.34
N HIS A 107 -5.39 8.74 3.13
CA HIS A 107 -4.15 9.51 3.16
C HIS A 107 -2.95 8.57 3.32
N PRO A 108 -1.81 8.97 2.72
CA PRO A 108 -0.58 8.19 2.78
C PRO A 108 0.05 8.21 4.17
N VAL A 109 0.68 7.09 4.55
CA VAL A 109 1.32 6.98 5.85
C VAL A 109 2.77 6.54 5.72
N SER A 110 3.64 7.11 6.55
CA SER A 110 5.06 6.79 6.52
C SER A 110 5.49 6.15 7.84
N GLY A 1 22.78 21.91 -0.19
CA GLY A 1 22.50 20.83 -1.11
C GLY A 1 21.31 19.99 -0.70
N SER A 2 21.24 18.77 -1.22
CA SER A 2 20.13 17.86 -0.90
C SER A 2 20.66 16.49 -0.49
N SER A 3 21.61 15.97 -1.26
CA SER A 3 22.19 14.67 -0.97
C SER A 3 21.12 13.66 -0.59
N GLY A 4 20.01 13.67 -1.32
CA GLY A 4 18.92 12.76 -1.03
C GLY A 4 18.33 12.13 -2.29
N SER A 5 18.90 10.99 -2.69
CA SER A 5 18.43 10.30 -3.88
C SER A 5 17.59 9.07 -3.51
N SER A 6 16.66 9.27 -2.59
CA SER A 6 15.79 8.19 -2.13
C SER A 6 14.79 7.81 -3.23
N GLY A 7 14.51 6.51 -3.33
CA GLY A 7 13.58 6.04 -4.34
C GLY A 7 12.13 6.19 -3.90
N LEU A 8 11.24 6.39 -4.87
CA LEU A 8 9.82 6.55 -4.58
C LEU A 8 9.62 7.48 -3.39
N ASP A 9 10.56 8.40 -3.19
CA ASP A 9 10.49 9.35 -2.08
C ASP A 9 9.40 10.39 -2.35
N ASP A 10 9.30 10.82 -3.60
CA ASP A 10 8.31 11.83 -3.99
C ASP A 10 6.98 11.57 -3.29
N TYR A 11 6.50 10.33 -3.37
CA TYR A 11 5.23 9.96 -2.76
C TYR A 11 5.33 9.98 -1.24
N ASP A 12 4.20 10.14 -0.57
CA ASP A 12 4.16 10.19 0.89
C ASP A 12 3.88 8.81 1.47
N TRP A 13 2.76 8.22 1.06
CA TRP A 13 2.37 6.90 1.53
C TRP A 13 3.55 5.95 1.56
N PHE A 14 4.38 6.01 0.51
CA PHE A 14 5.55 5.16 0.41
C PHE A 14 6.31 5.13 1.73
N ALA A 15 6.04 4.11 2.54
CA ALA A 15 6.71 3.97 3.83
C ALA A 15 8.18 3.59 3.65
N GLY A 16 8.43 2.55 2.88
CA GLY A 16 9.79 2.10 2.64
C GLY A 16 10.23 1.04 3.63
N ASN A 17 11.55 0.88 3.77
CA ASN A 17 12.09 -0.12 4.69
C ASN A 17 11.63 0.15 6.12
N ILE A 18 10.63 -0.60 6.56
CA ILE A 18 10.10 -0.45 7.91
C ILE A 18 10.13 -1.77 8.67
N SER A 19 9.57 -1.77 9.87
CA SER A 19 9.54 -2.97 10.70
C SER A 19 8.11 -3.39 11.00
N ARG A 20 7.83 -4.68 10.89
CA ARG A 20 6.50 -5.21 11.15
C ARG A 20 5.83 -4.46 12.30
N SER A 21 6.64 -3.99 13.25
CA SER A 21 6.12 -3.25 14.39
C SER A 21 5.76 -1.82 14.00
N GLN A 22 6.70 -1.13 13.36
CA GLN A 22 6.49 0.25 12.94
C GLN A 22 5.26 0.35 12.04
N SER A 23 5.25 -0.42 10.96
CA SER A 23 4.13 -0.41 10.02
C SER A 23 2.80 -0.34 10.76
N GLU A 24 2.58 -1.28 11.67
CA GLU A 24 1.35 -1.31 12.45
C GLU A 24 1.26 -0.11 13.38
N GLN A 25 2.17 -0.04 14.34
CA GLN A 25 2.20 1.05 15.31
C GLN A 25 1.77 2.36 14.64
N LEU A 26 2.46 2.74 13.59
CA LEU A 26 2.16 3.98 12.86
C LEU A 26 0.66 4.10 12.61
N LEU A 27 0.12 3.18 11.82
CA LEU A 27 -1.30 3.18 11.50
C LEU A 27 -2.14 3.23 12.77
N ARG A 28 -2.04 2.19 13.59
CA ARG A 28 -2.80 2.12 14.84
C ARG A 28 -2.84 3.48 15.52
N GLN A 29 -1.74 4.21 15.42
CA GLN A 29 -1.65 5.54 16.04
C GLN A 29 -2.29 6.60 15.15
N LYS A 30 -2.13 6.44 13.83
CA LYS A 30 -2.70 7.37 12.87
C LYS A 30 -4.12 7.76 13.25
N GLY A 31 -4.92 6.76 13.64
CA GLY A 31 -6.29 7.01 14.03
C GLY A 31 -7.12 7.58 12.89
N LYS A 32 -6.65 7.38 11.66
CA LYS A 32 -7.35 7.88 10.49
C LYS A 32 -7.94 6.74 9.67
N GLU A 33 -9.24 6.51 9.84
CA GLU A 33 -9.92 5.44 9.12
C GLU A 33 -9.68 5.56 7.61
N GLY A 34 -8.92 4.62 7.06
CA GLY A 34 -8.62 4.63 5.64
C GLY A 34 -7.15 4.76 5.36
N ALA A 35 -6.39 5.22 6.35
CA ALA A 35 -4.95 5.39 6.19
C ALA A 35 -4.33 4.20 5.47
N PHE A 36 -3.31 4.47 4.67
CA PHE A 36 -2.63 3.43 3.90
C PHE A 36 -1.14 3.74 3.77
N MET A 37 -0.38 2.75 3.30
CA MET A 37 1.05 2.92 3.12
C MET A 37 1.61 1.87 2.16
N VAL A 38 2.89 1.98 1.84
CA VAL A 38 3.54 1.03 0.93
C VAL A 38 4.98 0.76 1.36
N ARG A 39 5.28 -0.50 1.64
CA ARG A 39 6.63 -0.89 2.06
C ARG A 39 7.24 -1.86 1.07
N ASN A 40 8.50 -2.21 1.30
CA ASN A 40 9.20 -3.14 0.42
C ASN A 40 9.72 -4.35 1.20
N SER A 41 9.59 -5.53 0.62
CA SER A 41 10.02 -6.77 1.26
C SER A 41 11.42 -6.60 1.85
N SER A 42 11.76 -7.45 2.82
CA SER A 42 13.06 -7.39 3.46
C SER A 42 14.17 -7.80 2.49
N GLN A 43 14.20 -9.08 2.16
CA GLN A 43 15.21 -9.60 1.24
C GLN A 43 14.57 -10.17 -0.02
N VAL A 44 13.60 -9.44 -0.56
CA VAL A 44 12.90 -9.88 -1.77
C VAL A 44 12.51 -8.69 -2.63
N GLY A 45 12.57 -8.87 -3.95
CA GLY A 45 12.22 -7.81 -4.87
C GLY A 45 10.74 -7.50 -4.85
N MET A 46 9.99 -8.24 -4.05
CA MET A 46 8.55 -8.05 -3.95
C MET A 46 8.22 -6.84 -3.08
N TYR A 47 6.98 -6.40 -3.13
CA TYR A 47 6.54 -5.24 -2.35
C TYR A 47 5.34 -5.60 -1.47
N THR A 48 5.04 -4.74 -0.52
CA THR A 48 3.93 -4.96 0.39
C THR A 48 3.14 -3.67 0.63
N VAL A 49 1.84 -3.73 0.37
CA VAL A 49 0.98 -2.57 0.56
C VAL A 49 -0.05 -2.81 1.66
N SER A 50 0.21 -2.26 2.84
CA SER A 50 -0.69 -2.42 3.98
C SER A 50 -1.41 -1.11 4.28
N LEU A 51 -2.65 -1.23 4.78
CA LEU A 51 -3.45 -0.06 5.11
C LEU A 51 -4.38 -0.37 6.28
N PHE A 52 -4.79 0.69 7.00
CA PHE A 52 -5.68 0.54 8.14
C PHE A 52 -7.14 0.62 7.70
N SER A 53 -7.91 -0.40 8.06
CA SER A 53 -9.33 -0.45 7.71
C SER A 53 -10.15 -1.07 8.83
N LYS A 54 -11.35 -0.52 9.04
CA LYS A 54 -12.23 -1.02 10.09
C LYS A 54 -13.70 -0.87 9.67
N ALA A 55 -14.57 -1.68 10.28
CA ALA A 55 -15.99 -1.64 9.97
C ALA A 55 -16.76 -0.86 11.04
N VAL A 56 -17.95 -0.40 10.68
CA VAL A 56 -18.79 0.36 11.60
C VAL A 56 -19.13 -0.46 12.84
N ASN A 57 -19.16 -1.79 12.67
CA ASN A 57 -19.48 -2.68 13.77
C ASN A 57 -18.23 -3.03 14.57
N ASP A 58 -17.16 -3.36 13.88
CA ASP A 58 -15.90 -3.70 14.53
C ASP A 58 -15.49 -2.62 15.52
N LYS A 59 -15.12 -3.04 16.73
CA LYS A 59 -14.71 -2.10 17.77
C LYS A 59 -13.20 -1.88 17.73
N LYS A 60 -12.47 -2.87 17.22
CA LYS A 60 -11.03 -2.78 17.12
C LYS A 60 -10.55 -2.98 15.68
N GLY A 61 -10.20 -1.89 15.02
CA GLY A 61 -9.75 -1.98 13.65
C GLY A 61 -8.52 -2.86 13.49
N THR A 62 -8.44 -3.55 12.36
CA THR A 62 -7.32 -4.45 12.09
C THR A 62 -6.58 -4.05 10.83
N VAL A 63 -5.25 -4.05 10.89
CA VAL A 63 -4.43 -3.69 9.74
C VAL A 63 -4.38 -4.82 8.72
N LYS A 64 -4.64 -4.48 7.46
CA LYS A 64 -4.61 -5.47 6.39
C LYS A 64 -3.28 -5.44 5.64
N HIS A 65 -2.88 -6.59 5.11
CA HIS A 65 -1.63 -6.69 4.36
C HIS A 65 -1.86 -7.26 2.97
N TYR A 66 -1.32 -6.58 1.97
CA TYR A 66 -1.47 -7.02 0.58
C TYR A 66 -0.11 -7.14 -0.11
N HIS A 67 0.28 -8.37 -0.44
CA HIS A 67 1.55 -8.62 -1.10
C HIS A 67 1.43 -8.42 -2.61
N VAL A 68 2.27 -7.56 -3.17
CA VAL A 68 2.26 -7.29 -4.59
C VAL A 68 2.63 -8.53 -5.40
N HIS A 69 1.60 -9.19 -5.94
CA HIS A 69 1.82 -10.41 -6.72
C HIS A 69 2.23 -10.05 -8.16
N THR A 70 2.78 -11.02 -8.88
CA THR A 70 3.21 -10.81 -10.25
C THR A 70 2.68 -11.92 -11.16
N ASN A 71 2.32 -11.54 -12.39
CA ASN A 71 1.80 -12.50 -13.35
C ASN A 71 2.89 -12.93 -14.33
N ALA A 72 2.52 -13.77 -15.29
CA ALA A 72 3.47 -14.26 -16.28
C ALA A 72 4.13 -13.10 -17.02
N GLU A 73 3.35 -12.06 -17.31
CA GLU A 73 3.87 -10.89 -18.01
C GLU A 73 4.48 -9.89 -17.03
N ASN A 74 5.13 -10.41 -15.99
CA ASN A 74 5.76 -9.56 -14.98
C ASN A 74 4.88 -8.35 -14.67
N LYS A 75 3.60 -8.60 -14.44
CA LYS A 75 2.65 -7.53 -14.13
C LYS A 75 2.33 -7.50 -12.64
N LEU A 76 2.57 -6.35 -12.01
CA LEU A 76 2.30 -6.20 -10.59
C LEU A 76 0.84 -5.86 -10.33
N TYR A 77 0.31 -6.32 -9.21
CA TYR A 77 -1.08 -6.07 -8.85
C TYR A 77 -1.36 -6.50 -7.42
N LEU A 78 -2.35 -5.86 -6.80
CA LEU A 78 -2.72 -6.18 -5.43
C LEU A 78 -3.96 -7.07 -5.39
N ALA A 79 -4.86 -6.87 -6.36
CA ALA A 79 -6.08 -7.66 -6.44
C ALA A 79 -6.06 -8.57 -7.65
N GLU A 80 -6.61 -9.77 -7.49
CA GLU A 80 -6.66 -10.74 -8.58
C GLU A 80 -7.48 -10.21 -9.75
N ASN A 81 -7.34 -10.86 -10.90
CA ASN A 81 -8.06 -10.46 -12.10
C ASN A 81 -7.80 -8.99 -12.42
N TYR A 82 -6.64 -8.50 -12.00
CA TYR A 82 -6.27 -7.11 -12.24
C TYR A 82 -4.78 -6.98 -12.54
N CYS A 83 -4.42 -5.97 -13.31
CA CYS A 83 -3.03 -5.74 -13.67
C CYS A 83 -2.72 -4.24 -13.72
N PHE A 84 -1.53 -3.87 -13.22
CA PHE A 84 -1.12 -2.48 -13.20
C PHE A 84 0.21 -2.29 -13.93
N ASP A 85 0.71 -1.07 -13.93
CA ASP A 85 1.98 -0.76 -14.58
C ASP A 85 3.14 -0.80 -13.59
N SER A 86 2.92 -0.20 -12.42
CA SER A 86 3.94 -0.16 -11.38
C SER A 86 3.31 0.01 -10.01
N ILE A 87 4.15 0.10 -8.98
CA ILE A 87 3.67 0.26 -7.61
C ILE A 87 2.98 1.60 -7.43
N PRO A 88 3.70 2.70 -7.72
CA PRO A 88 3.17 4.05 -7.60
C PRO A 88 2.12 4.36 -8.66
N LYS A 89 2.08 3.53 -9.70
CA LYS A 89 1.11 3.72 -10.78
C LYS A 89 -0.22 3.07 -10.43
N LEU A 90 -0.22 2.23 -9.41
CA LEU A 90 -1.43 1.55 -8.97
C LEU A 90 -2.16 2.36 -7.90
N ILE A 91 -1.39 2.88 -6.94
CA ILE A 91 -1.96 3.68 -5.87
C ILE A 91 -2.66 4.92 -6.41
N HIS A 92 -2.05 5.54 -7.42
CA HIS A 92 -2.62 6.73 -8.02
C HIS A 92 -4.07 6.50 -8.45
N TYR A 93 -4.40 5.26 -8.75
CA TYR A 93 -5.75 4.90 -9.16
C TYR A 93 -6.64 4.64 -7.94
N HIS A 94 -6.11 3.90 -6.99
CA HIS A 94 -6.86 3.57 -5.77
C HIS A 94 -7.22 4.84 -5.00
N GLN A 95 -6.30 5.80 -4.98
CA GLN A 95 -6.51 7.05 -4.28
C GLN A 95 -7.89 7.64 -4.62
N HIS A 96 -8.25 7.57 -5.89
CA HIS A 96 -9.54 8.09 -6.34
C HIS A 96 -10.55 6.96 -6.52
N ASN A 97 -10.29 6.09 -7.50
CA ASN A 97 -11.18 4.97 -7.77
C ASN A 97 -10.68 3.70 -7.10
N SER A 98 -11.49 3.15 -6.21
CA SER A 98 -11.13 1.94 -5.49
C SER A 98 -11.37 0.70 -6.35
N ALA A 99 -10.54 -0.33 -6.14
CA ALA A 99 -10.67 -1.56 -6.90
C ALA A 99 -10.35 -2.78 -6.03
N GLY A 100 -10.76 -3.95 -6.48
CA GLY A 100 -10.51 -5.17 -5.73
C GLY A 100 -10.88 -5.04 -4.28
N MET A 101 -12.04 -4.43 -4.01
CA MET A 101 -12.52 -4.24 -2.64
C MET A 101 -11.46 -3.52 -1.80
N ILE A 102 -10.69 -2.65 -2.43
CA ILE A 102 -9.65 -1.90 -1.75
C ILE A 102 -10.14 -0.51 -1.35
N THR A 103 -10.53 -0.36 -0.09
CA THR A 103 -11.02 0.91 0.42
C THR A 103 -10.27 2.08 -0.21
N ARG A 104 -11.00 3.10 -0.60
CA ARG A 104 -10.40 4.29 -1.22
C ARG A 104 -9.35 4.90 -0.31
N LEU A 105 -8.09 4.62 -0.60
CA LEU A 105 -6.98 5.15 0.19
C LEU A 105 -7.30 6.54 0.71
N ARG A 106 -7.70 6.63 1.97
CA ARG A 106 -8.03 7.90 2.59
C ARG A 106 -6.83 8.84 2.59
N HIS A 107 -5.87 8.56 3.47
CA HIS A 107 -4.66 9.37 3.57
C HIS A 107 -3.42 8.50 3.67
N PRO A 108 -2.30 8.99 3.12
CA PRO A 108 -1.03 8.27 3.13
C PRO A 108 -0.42 8.19 4.53
N VAL A 109 0.33 7.13 4.79
CA VAL A 109 0.98 6.94 6.09
C VAL A 109 2.48 6.73 5.93
N SER A 110 3.26 7.56 6.61
CA SER A 110 4.72 7.48 6.55
C SER A 110 5.35 8.37 7.60
N GLY A 1 26.73 5.11 -13.29
CA GLY A 1 25.42 4.65 -12.87
C GLY A 1 24.34 5.04 -13.87
N SER A 2 23.31 5.72 -13.38
CA SER A 2 22.19 6.13 -14.22
C SER A 2 21.86 7.60 -13.99
N SER A 3 21.41 8.28 -15.04
CA SER A 3 21.04 9.69 -14.95
C SER A 3 19.54 9.87 -14.79
N GLY A 4 19.07 9.92 -13.55
CA GLY A 4 17.65 10.07 -13.29
C GLY A 4 17.35 10.34 -11.83
N SER A 5 16.42 11.25 -11.58
CA SER A 5 16.05 11.60 -10.21
C SER A 5 14.69 11.00 -9.85
N SER A 6 14.45 9.78 -10.32
CA SER A 6 13.19 9.10 -10.04
C SER A 6 13.33 8.15 -8.85
N GLY A 7 12.23 7.49 -8.49
CA GLY A 7 12.25 6.58 -7.37
C GLY A 7 10.94 6.57 -6.60
N LEU A 8 10.84 5.67 -5.63
CA LEU A 8 9.63 5.57 -4.81
C LEU A 8 9.70 6.51 -3.61
N ASP A 9 10.87 6.59 -3.00
CA ASP A 9 11.07 7.46 -1.85
C ASP A 9 10.37 8.79 -2.04
N ASP A 10 10.27 9.23 -3.29
CA ASP A 10 9.61 10.49 -3.60
C ASP A 10 8.25 10.59 -2.93
N TYR A 11 7.36 9.67 -3.27
CA TYR A 11 6.02 9.64 -2.70
C TYR A 11 6.08 9.69 -1.18
N ASP A 12 4.93 9.88 -0.56
CA ASP A 12 4.84 9.96 0.90
C ASP A 12 4.45 8.60 1.49
N TRP A 13 3.27 8.13 1.11
CA TRP A 13 2.77 6.84 1.59
C TRP A 13 3.91 5.83 1.71
N PHE A 14 4.74 5.75 0.67
CA PHE A 14 5.87 4.82 0.66
C PHE A 14 6.70 4.97 1.93
N ALA A 15 6.44 4.10 2.91
CA ALA A 15 7.17 4.13 4.17
C ALA A 15 8.58 3.58 4.00
N GLY A 16 8.73 2.62 3.09
CA GLY A 16 10.03 2.03 2.85
C GLY A 16 10.24 0.74 3.63
N ASN A 17 11.42 0.58 4.19
CA ASN A 17 11.75 -0.61 4.97
C ASN A 17 11.22 -0.49 6.40
N ILE A 18 10.17 -1.25 6.70
CA ILE A 18 9.57 -1.23 8.03
C ILE A 18 9.22 -2.64 8.50
N SER A 19 9.24 -2.84 9.81
CA SER A 19 8.92 -4.14 10.39
C SER A 19 7.42 -4.32 10.54
N ARG A 20 6.99 -5.56 10.77
CA ARG A 20 5.58 -5.87 10.93
C ARG A 20 4.98 -5.10 12.11
N SER A 21 5.75 -4.97 13.17
CA SER A 21 5.30 -4.27 14.37
C SER A 21 5.18 -2.77 14.09
N GLN A 22 6.19 -2.20 13.45
CA GLN A 22 6.18 -0.78 13.12
C GLN A 22 5.06 -0.44 12.16
N SER A 23 5.09 -1.04 10.97
CA SER A 23 4.08 -0.79 9.96
C SER A 23 2.71 -0.60 10.60
N GLU A 24 2.36 -1.49 11.52
CA GLU A 24 1.08 -1.42 12.21
C GLU A 24 1.05 -0.26 13.20
N GLN A 25 1.98 -0.29 14.15
CA GLN A 25 2.07 0.77 15.15
C GLN A 25 1.82 2.14 14.54
N LEU A 26 2.57 2.43 13.47
CA LEU A 26 2.43 3.71 12.79
C LEU A 26 0.97 4.01 12.45
N LEU A 27 0.39 3.19 11.59
CA LEU A 27 -1.00 3.37 11.19
C LEU A 27 -1.88 3.70 12.40
N ARG A 28 -1.79 2.88 13.43
CA ARG A 28 -2.57 3.09 14.65
C ARG A 28 -2.22 4.43 15.29
N GLN A 29 -0.99 4.88 15.07
CA GLN A 29 -0.54 6.15 15.63
C GLN A 29 -1.10 7.33 14.83
N LYS A 30 -1.08 7.20 13.51
CA LYS A 30 -1.58 8.25 12.62
C LYS A 30 -3.01 8.63 13.00
N GLY A 31 -3.90 7.64 13.00
CA GLY A 31 -5.28 7.89 13.35
C GLY A 31 -6.09 8.39 12.16
N LYS A 32 -5.49 8.33 10.97
CA LYS A 32 -6.16 8.78 9.76
C LYS A 32 -7.08 7.69 9.21
N GLU A 33 -8.24 8.10 8.73
CA GLU A 33 -9.21 7.16 8.17
C GLU A 33 -8.74 6.63 6.82
N GLY A 34 -9.08 5.38 6.53
CA GLY A 34 -8.68 4.77 5.27
C GLY A 34 -7.20 4.94 4.98
N ALA A 35 -6.43 5.23 6.03
CA ALA A 35 -4.99 5.43 5.89
C ALA A 35 -4.36 4.24 5.16
N PHE A 36 -3.27 4.51 4.44
CA PHE A 36 -2.56 3.49 3.71
C PHE A 36 -1.08 3.83 3.56
N MET A 37 -0.26 2.81 3.30
CA MET A 37 1.18 3.00 3.14
C MET A 37 1.78 1.91 2.27
N VAL A 38 3.08 2.01 2.02
CA VAL A 38 3.78 1.02 1.20
C VAL A 38 5.20 0.80 1.70
N ARG A 39 5.60 -0.47 1.78
CA ARG A 39 6.94 -0.81 2.25
C ARG A 39 7.63 -1.74 1.25
N ASN A 40 8.97 -1.74 1.28
CA ASN A 40 9.75 -2.58 0.38
C ASN A 40 10.36 -3.75 1.13
N SER A 41 10.03 -4.96 0.71
CA SER A 41 10.54 -6.16 1.35
C SER A 41 12.06 -6.23 1.23
N SER A 42 12.66 -7.23 1.89
CA SER A 42 14.10 -7.39 1.87
C SER A 42 14.59 -7.68 0.45
N GLN A 43 15.74 -7.09 0.09
CA GLN A 43 16.31 -7.29 -1.22
C GLN A 43 15.36 -6.79 -2.31
N VAL A 44 14.61 -5.74 -2.00
CA VAL A 44 13.67 -5.17 -2.95
C VAL A 44 13.01 -6.25 -3.79
N GLY A 45 12.84 -7.43 -3.20
CA GLY A 45 12.23 -8.54 -3.92
C GLY A 45 10.75 -8.32 -4.17
N MET A 46 9.97 -8.21 -3.10
CA MET A 46 8.54 -8.00 -3.22
C MET A 46 8.12 -6.75 -2.45
N TYR A 47 6.83 -6.42 -2.52
CA TYR A 47 6.30 -5.26 -1.83
C TYR A 47 5.01 -5.60 -1.09
N THR A 48 4.72 -4.86 -0.03
CA THR A 48 3.52 -5.09 0.76
C THR A 48 2.76 -3.79 1.00
N VAL A 49 1.45 -3.89 1.19
CA VAL A 49 0.61 -2.73 1.42
C VAL A 49 -0.16 -2.86 2.73
N SER A 50 0.26 -2.10 3.74
CA SER A 50 -0.39 -2.14 5.04
C SER A 50 -1.31 -0.93 5.22
N LEU A 51 -2.59 -1.12 4.92
CA LEU A 51 -3.58 -0.05 5.04
C LEU A 51 -4.53 -0.33 6.20
N PHE A 52 -4.86 0.71 6.95
CA PHE A 52 -5.77 0.58 8.09
C PHE A 52 -7.21 0.75 7.64
N SER A 53 -8.10 -0.08 8.21
CA SER A 53 -9.51 -0.02 7.86
C SER A 53 -10.35 0.32 9.09
N LYS A 54 -11.63 0.60 8.87
CA LYS A 54 -12.55 0.94 9.95
C LYS A 54 -14.00 0.77 9.51
N ALA A 55 -14.82 0.19 10.38
CA ALA A 55 -16.24 -0.02 10.09
C ALA A 55 -17.06 1.22 10.42
N VAL A 56 -18.35 1.16 10.13
CA VAL A 56 -19.25 2.28 10.41
C VAL A 56 -19.56 2.38 11.90
N ASN A 57 -19.29 1.31 12.63
CA ASN A 57 -19.54 1.28 14.07
C ASN A 57 -18.24 1.06 14.84
N ASP A 58 -17.61 -0.08 14.62
CA ASP A 58 -16.36 -0.41 15.29
C ASP A 58 -15.46 0.82 15.39
N LYS A 59 -14.87 1.02 16.56
CA LYS A 59 -13.99 2.16 16.79
C LYS A 59 -12.53 1.77 16.58
N LYS A 60 -12.18 0.55 17.01
CA LYS A 60 -10.82 0.05 16.87
C LYS A 60 -10.68 -0.80 15.61
N GLY A 61 -10.36 -0.15 14.50
CA GLY A 61 -10.19 -0.87 13.24
C GLY A 61 -9.00 -1.79 13.25
N THR A 62 -8.83 -2.56 12.18
CA THR A 62 -7.71 -3.48 12.06
C THR A 62 -6.90 -3.22 10.80
N VAL A 63 -5.62 -3.60 10.83
CA VAL A 63 -4.74 -3.41 9.68
C VAL A 63 -4.77 -4.62 8.76
N LYS A 64 -4.88 -4.37 7.46
CA LYS A 64 -4.93 -5.43 6.47
C LYS A 64 -3.61 -5.53 5.71
N HIS A 65 -3.03 -6.73 5.67
CA HIS A 65 -1.77 -6.95 4.98
C HIS A 65 -2.00 -7.53 3.59
N TYR A 66 -1.52 -6.83 2.58
CA TYR A 66 -1.67 -7.27 1.20
C TYR A 66 -0.33 -7.42 0.51
N HIS A 67 -0.08 -8.60 -0.06
CA HIS A 67 1.18 -8.88 -0.74
C HIS A 67 1.03 -8.65 -2.25
N VAL A 68 1.91 -7.80 -2.78
CA VAL A 68 1.88 -7.49 -4.21
C VAL A 68 2.56 -8.58 -5.02
N HIS A 69 1.78 -9.25 -5.87
CA HIS A 69 2.30 -10.32 -6.71
C HIS A 69 2.89 -9.77 -8.00
N THR A 70 3.48 -10.64 -8.80
CA THR A 70 4.09 -10.24 -10.06
C THR A 70 3.65 -11.15 -11.21
N ASN A 71 2.99 -10.57 -12.19
CA ASN A 71 2.50 -11.32 -13.35
C ASN A 71 3.67 -11.73 -14.25
N ALA A 72 3.45 -12.75 -15.07
CA ALA A 72 4.47 -13.23 -15.99
C ALA A 72 5.04 -12.08 -16.83
N GLU A 73 4.28 -10.99 -16.92
CA GLU A 73 4.71 -9.84 -17.69
C GLU A 73 5.29 -8.76 -16.77
N ASN A 74 5.76 -9.18 -15.60
CA ASN A 74 6.34 -8.25 -14.64
C ASN A 74 5.34 -7.17 -14.25
N LYS A 75 4.05 -7.51 -14.31
CA LYS A 75 2.99 -6.57 -13.96
C LYS A 75 2.73 -6.58 -12.47
N LEU A 76 2.84 -5.40 -11.85
CA LEU A 76 2.61 -5.28 -10.41
C LEU A 76 1.17 -4.89 -10.12
N TYR A 77 0.53 -5.62 -9.22
CA TYR A 77 -0.86 -5.36 -8.85
C TYR A 77 -1.15 -5.82 -7.43
N LEU A 78 -2.36 -5.56 -6.97
CA LEU A 78 -2.76 -5.95 -5.62
C LEU A 78 -3.87 -7.00 -5.66
N ALA A 79 -4.71 -6.92 -6.68
CA ALA A 79 -5.81 -7.88 -6.85
C ALA A 79 -5.67 -8.65 -8.16
N GLU A 80 -5.55 -9.97 -8.06
CA GLU A 80 -5.42 -10.82 -9.24
C GLU A 80 -6.45 -10.44 -10.29
N ASN A 81 -7.72 -10.46 -9.91
CA ASN A 81 -8.80 -10.12 -10.82
C ASN A 81 -8.46 -8.89 -11.64
N TYR A 82 -7.63 -8.02 -11.07
CA TYR A 82 -7.23 -6.79 -11.75
C TYR A 82 -5.71 -6.78 -11.99
N CYS A 83 -5.24 -5.72 -12.64
CA CYS A 83 -3.82 -5.59 -12.95
C CYS A 83 -3.46 -4.14 -13.24
N PHE A 84 -2.25 -3.74 -12.86
CA PHE A 84 -1.79 -2.37 -13.09
C PHE A 84 -0.47 -2.36 -13.84
N ASP A 85 0.09 -1.18 -14.04
CA ASP A 85 1.36 -1.03 -14.74
C ASP A 85 2.53 -1.07 -13.77
N SER A 86 2.39 -0.38 -12.64
CA SER A 86 3.44 -0.34 -11.64
C SER A 86 2.85 -0.14 -10.24
N ILE A 87 3.71 -0.15 -9.23
CA ILE A 87 3.28 0.02 -7.85
C ILE A 87 2.68 1.41 -7.63
N PRO A 88 3.48 2.44 -7.92
CA PRO A 88 3.05 3.84 -7.75
C PRO A 88 2.00 4.24 -8.78
N LYS A 89 1.85 3.42 -9.82
CA LYS A 89 0.88 3.70 -10.87
C LYS A 89 -0.51 3.17 -10.49
N LEU A 90 -0.53 2.27 -9.51
CA LEU A 90 -1.80 1.69 -9.04
C LEU A 90 -2.43 2.57 -7.97
N ILE A 91 -1.59 3.15 -7.12
CA ILE A 91 -2.08 4.01 -6.05
C ILE A 91 -2.71 5.28 -6.60
N HIS A 92 -2.35 5.63 -7.83
CA HIS A 92 -2.89 6.82 -8.49
C HIS A 92 -4.34 6.59 -8.90
N TYR A 93 -4.72 5.33 -9.04
CA TYR A 93 -6.09 4.98 -9.45
C TYR A 93 -6.98 4.80 -8.23
N HIS A 94 -6.67 3.78 -7.42
CA HIS A 94 -7.45 3.50 -6.22
C HIS A 94 -7.80 4.79 -5.48
N GLN A 95 -6.77 5.53 -5.08
CA GLN A 95 -6.97 6.78 -4.37
C GLN A 95 -8.22 7.51 -4.86
N HIS A 96 -8.44 7.46 -6.17
CA HIS A 96 -9.60 8.11 -6.77
C HIS A 96 -10.82 7.21 -6.70
N ASN A 97 -10.63 5.93 -6.97
CA ASN A 97 -11.72 4.96 -6.94
C ASN A 97 -11.19 3.54 -6.78
N SER A 98 -11.61 2.88 -5.70
CA SER A 98 -11.17 1.51 -5.43
C SER A 98 -11.36 0.63 -6.65
N ALA A 99 -10.89 -0.62 -6.56
CA ALA A 99 -11.00 -1.56 -7.67
C ALA A 99 -11.91 -2.72 -7.29
N GLY A 100 -11.44 -3.58 -6.39
CA GLY A 100 -12.23 -4.72 -5.97
C GLY A 100 -12.53 -4.71 -4.48
N MET A 101 -11.98 -5.69 -3.77
CA MET A 101 -12.18 -5.79 -2.32
C MET A 101 -11.32 -4.78 -1.59
N ILE A 102 -10.04 -4.72 -1.94
CA ILE A 102 -9.10 -3.80 -1.31
C ILE A 102 -9.79 -2.48 -0.96
N THR A 103 -9.86 -2.19 0.34
CA THR A 103 -10.50 -0.97 0.81
C THR A 103 -9.87 0.25 0.16
N ARG A 104 -10.73 1.16 -0.31
CA ARG A 104 -10.27 2.38 -0.97
C ARG A 104 -9.20 3.07 -0.13
N LEU A 105 -8.46 3.98 -0.75
CA LEU A 105 -7.40 4.72 -0.06
C LEU A 105 -7.86 6.14 0.27
N ARG A 106 -7.57 6.57 1.49
CA ARG A 106 -7.94 7.92 1.92
C ARG A 106 -6.73 8.82 2.00
N HIS A 107 -5.86 8.59 2.97
CA HIS A 107 -4.65 9.39 3.15
C HIS A 107 -3.42 8.49 3.27
N PRO A 108 -2.29 8.98 2.75
CA PRO A 108 -1.02 8.24 2.79
C PRO A 108 -0.45 8.14 4.19
N VAL A 109 0.45 7.17 4.40
CA VAL A 109 1.07 6.98 5.70
C VAL A 109 2.49 6.46 5.55
N SER A 110 3.43 7.14 6.21
CA SER A 110 4.84 6.76 6.15
C SER A 110 5.20 5.85 7.32
N GLY A 1 8.95 8.70 -26.08
CA GLY A 1 7.59 9.15 -25.81
C GLY A 1 7.55 10.17 -24.68
N SER A 2 7.66 9.69 -23.45
CA SER A 2 7.61 10.57 -22.28
C SER A 2 8.79 10.29 -21.35
N SER A 3 9.05 11.22 -20.45
CA SER A 3 10.16 11.08 -19.50
C SER A 3 10.03 12.09 -18.37
N GLY A 4 10.50 11.71 -17.18
CA GLY A 4 10.43 12.60 -16.03
C GLY A 4 11.04 11.98 -14.79
N SER A 5 10.76 12.57 -13.64
CA SER A 5 11.28 12.08 -12.37
C SER A 5 10.88 10.63 -12.15
N SER A 6 11.68 9.91 -11.36
CA SER A 6 11.40 8.51 -11.05
C SER A 6 11.89 8.15 -9.66
N GLY A 7 11.04 7.44 -8.92
CA GLY A 7 11.40 7.05 -7.56
C GLY A 7 10.19 6.71 -6.71
N LEU A 8 10.41 6.58 -5.41
CA LEU A 8 9.32 6.26 -4.49
C LEU A 8 9.36 7.18 -3.27
N ASP A 9 10.56 7.38 -2.73
CA ASP A 9 10.72 8.24 -1.56
C ASP A 9 9.94 9.55 -1.72
N ASP A 10 9.93 10.08 -2.94
CA ASP A 10 9.22 11.32 -3.23
C ASP A 10 7.81 11.29 -2.64
N TYR A 11 7.08 10.22 -2.92
CA TYR A 11 5.72 10.08 -2.42
C TYR A 11 5.70 10.05 -0.90
N ASP A 12 4.50 10.11 -0.33
CA ASP A 12 4.34 10.09 1.12
C ASP A 12 3.96 8.70 1.61
N TRP A 13 2.88 8.16 1.07
CA TRP A 13 2.41 6.83 1.45
C TRP A 13 3.57 5.85 1.55
N PHE A 14 4.56 6.03 0.69
CA PHE A 14 5.73 5.16 0.69
C PHE A 14 6.60 5.40 1.92
N ALA A 15 6.40 4.57 2.94
CA ALA A 15 7.15 4.69 4.18
C ALA A 15 8.54 4.07 4.04
N GLY A 16 8.62 2.97 3.30
CA GLY A 16 9.89 2.30 3.10
C GLY A 16 10.08 1.11 4.02
N ASN A 17 11.33 0.75 4.28
CA ASN A 17 11.64 -0.37 5.15
C ASN A 17 11.09 -0.13 6.56
N ILE A 18 10.19 -1.02 6.99
CA ILE A 18 9.59 -0.90 8.31
C ILE A 18 9.32 -2.28 8.92
N SER A 19 9.24 -2.33 10.24
CA SER A 19 8.99 -3.59 10.93
C SER A 19 7.51 -3.72 11.33
N ARG A 20 7.00 -4.94 11.30
CA ARG A 20 5.61 -5.20 11.64
C ARG A 20 5.15 -4.26 12.76
N SER A 21 6.01 -4.06 13.75
CA SER A 21 5.70 -3.20 14.88
C SER A 21 5.55 -1.75 14.44
N GLN A 22 6.50 -1.29 13.63
CA GLN A 22 6.49 0.08 13.14
C GLN A 22 5.30 0.31 12.21
N SER A 23 5.24 -0.47 11.14
CA SER A 23 4.15 -0.36 10.17
C SER A 23 2.81 -0.19 10.87
N GLU A 24 2.58 -0.99 11.90
CA GLU A 24 1.34 -0.95 12.66
C GLU A 24 1.29 0.30 13.54
N GLN A 25 2.31 0.45 14.40
CA GLN A 25 2.39 1.60 15.29
C GLN A 25 1.98 2.88 14.58
N LEU A 26 2.59 3.12 13.42
CA LEU A 26 2.30 4.31 12.63
C LEU A 26 0.81 4.39 12.29
N LEU A 27 0.36 3.49 11.42
CA LEU A 27 -1.05 3.46 11.03
C LEU A 27 -1.96 3.74 12.21
N ARG A 28 -1.81 2.94 13.27
CA ARG A 28 -2.62 3.11 14.47
C ARG A 28 -2.70 4.57 14.88
N GLN A 29 -1.54 5.17 15.12
CA GLN A 29 -1.48 6.58 15.52
C GLN A 29 -2.46 7.42 14.70
N LYS A 30 -2.40 7.27 13.38
CA LYS A 30 -3.27 8.01 12.49
C LYS A 30 -4.74 7.90 12.93
N GLY A 31 -5.16 6.68 13.23
CA GLY A 31 -6.53 6.45 13.67
C GLY A 31 -7.54 7.00 12.69
N LYS A 32 -7.22 6.93 11.40
CA LYS A 32 -8.11 7.42 10.36
C LYS A 32 -8.48 6.30 9.39
N GLU A 33 -9.54 5.57 9.73
CA GLU A 33 -10.00 4.47 8.89
C GLU A 33 -9.86 4.81 7.41
N GLY A 34 -8.86 4.21 6.77
CA GLY A 34 -8.63 4.46 5.36
C GLY A 34 -7.16 4.63 5.03
N ALA A 35 -6.39 5.11 6.02
CA ALA A 35 -4.96 5.33 5.83
C ALA A 35 -4.33 4.18 5.04
N PHE A 36 -3.16 4.44 4.45
CA PHE A 36 -2.46 3.44 3.67
C PHE A 36 -0.98 3.79 3.54
N MET A 37 -0.16 2.77 3.30
CA MET A 37 1.28 2.97 3.15
C MET A 37 1.91 1.80 2.40
N VAL A 38 3.07 2.05 1.81
CA VAL A 38 3.78 1.02 1.06
C VAL A 38 5.20 0.83 1.60
N ARG A 39 5.48 -0.36 2.12
CA ARG A 39 6.80 -0.67 2.66
C ARG A 39 7.55 -1.62 1.74
N ASN A 40 8.80 -1.93 2.12
CA ASN A 40 9.62 -2.83 1.33
C ASN A 40 9.54 -4.27 1.86
N SER A 41 9.28 -5.21 0.97
CA SER A 41 9.16 -6.61 1.35
C SER A 41 10.50 -7.15 1.84
N SER A 42 10.48 -8.36 2.40
CA SER A 42 11.68 -8.98 2.92
C SER A 42 12.79 -8.97 1.88
N GLN A 43 12.49 -9.50 0.70
CA GLN A 43 13.46 -9.56 -0.39
C GLN A 43 13.24 -8.41 -1.37
N VAL A 44 14.18 -8.25 -2.30
CA VAL A 44 14.09 -7.19 -3.30
C VAL A 44 13.16 -7.60 -4.44
N GLY A 45 12.54 -6.60 -5.07
CA GLY A 45 11.63 -6.87 -6.18
C GLY A 45 10.18 -6.75 -5.77
N MET A 46 9.73 -7.66 -4.91
CA MET A 46 8.36 -7.65 -4.44
C MET A 46 8.08 -6.42 -3.58
N TYR A 47 6.79 -6.18 -3.29
CA TYR A 47 6.40 -5.03 -2.49
C TYR A 47 5.17 -5.37 -1.65
N THR A 48 5.06 -4.71 -0.50
CA THR A 48 3.94 -4.92 0.40
C THR A 48 3.16 -3.63 0.63
N VAL A 49 1.83 -3.72 0.53
CA VAL A 49 0.97 -2.56 0.72
C VAL A 49 0.08 -2.74 1.94
N SER A 50 0.46 -2.12 3.05
CA SER A 50 -0.29 -2.21 4.28
C SER A 50 -1.16 -0.97 4.49
N LEU A 51 -2.44 -1.18 4.76
CA LEU A 51 -3.38 -0.08 4.97
C LEU A 51 -4.36 -0.41 6.09
N PHE A 52 -4.71 0.60 6.87
CA PHE A 52 -5.64 0.43 7.98
C PHE A 52 -7.08 0.60 7.51
N SER A 53 -7.98 -0.23 8.05
CA SER A 53 -9.38 -0.17 7.69
C SER A 53 -10.24 -0.88 8.74
N LYS A 54 -11.36 -0.26 9.09
CA LYS A 54 -12.28 -0.83 10.08
C LYS A 54 -13.63 -1.13 9.44
N ALA A 55 -14.36 -2.07 10.04
CA ALA A 55 -15.67 -2.46 9.55
C ALA A 55 -16.55 -2.99 10.68
N VAL A 56 -17.74 -3.47 10.32
CA VAL A 56 -18.67 -4.02 11.30
C VAL A 56 -18.13 -5.30 11.91
N ASN A 57 -17.61 -6.18 11.07
CA ASN A 57 -17.05 -7.46 11.54
C ASN A 57 -15.71 -7.24 12.22
N ASP A 58 -14.86 -6.44 11.59
CA ASP A 58 -13.53 -6.15 12.13
C ASP A 58 -13.64 -5.63 13.56
N LYS A 59 -12.59 -5.85 14.35
CA LYS A 59 -12.56 -5.40 15.74
C LYS A 59 -11.75 -4.11 15.88
N LYS A 60 -12.42 -3.04 16.29
CA LYS A 60 -11.76 -1.75 16.47
C LYS A 60 -10.74 -1.51 15.37
N GLY A 61 -11.02 -2.02 14.17
CA GLY A 61 -10.12 -1.84 13.05
C GLY A 61 -8.88 -2.70 13.17
N THR A 62 -8.26 -3.01 12.04
CA THR A 62 -7.05 -3.83 12.02
C THR A 62 -6.24 -3.59 10.77
N VAL A 63 -4.93 -3.41 10.93
CA VAL A 63 -4.03 -3.17 9.81
C VAL A 63 -4.18 -4.27 8.75
N LYS A 64 -4.07 -3.88 7.49
CA LYS A 64 -4.18 -4.82 6.38
C LYS A 64 -2.81 -5.16 5.81
N HIS A 65 -2.75 -6.23 5.03
CA HIS A 65 -1.49 -6.65 4.42
C HIS A 65 -1.73 -7.28 3.05
N TYR A 66 -1.15 -6.67 2.02
CA TYR A 66 -1.31 -7.18 0.65
C TYR A 66 0.05 -7.38 -0.02
N HIS A 67 0.23 -8.55 -0.63
CA HIS A 67 1.48 -8.86 -1.31
C HIS A 67 1.36 -8.61 -2.81
N VAL A 68 2.20 -7.72 -3.32
CA VAL A 68 2.19 -7.40 -4.75
C VAL A 68 2.63 -8.59 -5.58
N HIS A 69 1.66 -9.27 -6.19
CA HIS A 69 1.95 -10.43 -7.02
C HIS A 69 2.38 -10.00 -8.43
N THR A 70 2.68 -10.98 -9.27
CA THR A 70 3.10 -10.70 -10.64
C THR A 70 2.30 -11.54 -11.64
N ASN A 71 1.92 -10.92 -12.75
CA ASN A 71 1.15 -11.61 -13.78
C ASN A 71 2.08 -12.16 -14.87
N ALA A 72 1.50 -12.89 -15.82
CA ALA A 72 2.27 -13.47 -16.91
C ALA A 72 3.11 -12.40 -17.62
N GLU A 73 2.54 -11.21 -17.76
CA GLU A 73 3.22 -10.10 -18.42
C GLU A 73 4.02 -9.29 -17.41
N ASN A 74 4.54 -9.96 -16.40
CA ASN A 74 5.33 -9.28 -15.36
C ASN A 74 4.58 -8.08 -14.81
N LYS A 75 3.25 -8.14 -14.85
CA LYS A 75 2.41 -7.06 -14.35
C LYS A 75 2.17 -7.21 -12.85
N LEU A 76 2.53 -6.20 -12.09
CA LEU A 76 2.35 -6.22 -10.64
C LEU A 76 0.93 -5.79 -10.27
N TYR A 77 0.42 -6.35 -9.18
CA TYR A 77 -0.93 -6.02 -8.72
C TYR A 77 -1.22 -6.68 -7.37
N LEU A 78 -2.37 -6.35 -6.79
CA LEU A 78 -2.76 -6.92 -5.51
C LEU A 78 -4.06 -7.71 -5.62
N ALA A 79 -4.77 -7.50 -6.72
CA ALA A 79 -6.03 -8.20 -6.97
C ALA A 79 -6.13 -8.64 -8.43
N GLU A 80 -6.20 -9.95 -8.64
CA GLU A 80 -6.30 -10.50 -9.99
C GLU A 80 -7.37 -9.76 -10.80
N ASN A 81 -8.35 -9.19 -10.09
CA ASN A 81 -9.43 -8.46 -10.74
C ASN A 81 -8.89 -7.25 -11.49
N TYR A 82 -7.90 -6.58 -10.89
CA TYR A 82 -7.29 -5.40 -11.50
C TYR A 82 -5.86 -5.67 -11.90
N CYS A 83 -5.21 -4.67 -12.50
CA CYS A 83 -3.82 -4.80 -12.92
C CYS A 83 -3.16 -3.43 -13.04
N PHE A 84 -1.84 -3.41 -12.94
CA PHE A 84 -1.09 -2.16 -13.04
C PHE A 84 0.25 -2.39 -13.74
N ASP A 85 1.07 -1.34 -13.80
CA ASP A 85 2.38 -1.42 -14.43
C ASP A 85 3.49 -1.37 -13.39
N SER A 86 3.48 -0.32 -12.57
CA SER A 86 4.49 -0.14 -11.54
C SER A 86 3.85 -0.07 -10.16
N ILE A 87 4.68 -0.05 -9.12
CA ILE A 87 4.20 0.02 -7.75
C ILE A 87 3.49 1.34 -7.48
N PRO A 88 4.20 2.46 -7.73
CA PRO A 88 3.66 3.80 -7.53
C PRO A 88 2.56 4.14 -8.54
N LYS A 89 2.36 3.25 -9.51
CA LYS A 89 1.35 3.46 -10.54
C LYS A 89 0.01 2.85 -10.12
N LEU A 90 0.08 1.87 -9.23
CA LEU A 90 -1.13 1.20 -8.75
C LEU A 90 -1.84 2.05 -7.71
N ILE A 91 -1.06 2.70 -6.84
CA ILE A 91 -1.63 3.55 -5.80
C ILE A 91 -2.17 4.85 -6.39
N HIS A 92 -1.69 5.21 -7.57
CA HIS A 92 -2.13 6.43 -8.24
C HIS A 92 -3.48 6.20 -8.92
N TYR A 93 -3.84 4.95 -9.10
CA TYR A 93 -5.12 4.59 -9.74
C TYR A 93 -6.20 4.34 -8.70
N HIS A 94 -5.79 3.87 -7.54
CA HIS A 94 -6.72 3.58 -6.45
C HIS A 94 -7.29 4.86 -5.86
N GLN A 95 -6.40 5.78 -5.50
CA GLN A 95 -6.81 7.06 -4.93
C GLN A 95 -8.04 7.61 -5.64
N HIS A 96 -8.05 7.51 -6.97
CA HIS A 96 -9.16 7.99 -7.77
C HIS A 96 -10.37 7.07 -7.63
N ASN A 97 -10.14 5.78 -7.83
CA ASN A 97 -11.21 4.79 -7.73
C ASN A 97 -10.73 3.51 -7.06
N SER A 98 -11.49 3.02 -6.09
CA SER A 98 -11.13 1.81 -5.37
C SER A 98 -10.96 0.64 -6.32
N ALA A 99 -10.50 -0.49 -5.79
CA ALA A 99 -10.30 -1.69 -6.59
C ALA A 99 -10.28 -2.93 -5.71
N GLY A 100 -11.33 -3.75 -5.80
CA GLY A 100 -11.39 -4.96 -5.01
C GLY A 100 -11.61 -4.68 -3.53
N MET A 101 -11.81 -5.73 -2.75
CA MET A 101 -12.03 -5.60 -1.32
C MET A 101 -11.05 -4.59 -0.72
N ILE A 102 -9.89 -4.46 -1.34
CA ILE A 102 -8.87 -3.53 -0.86
C ILE A 102 -9.46 -2.16 -0.61
N THR A 103 -9.88 -1.91 0.63
CA THR A 103 -10.46 -0.64 1.01
C THR A 103 -9.76 0.52 0.30
N ARG A 104 -10.54 1.41 -0.31
CA ARG A 104 -10.00 2.55 -1.03
C ARG A 104 -9.01 3.31 -0.14
N LEU A 105 -7.96 3.84 -0.76
CA LEU A 105 -6.94 4.60 -0.04
C LEU A 105 -7.48 5.96 0.39
N ARG A 106 -7.36 6.25 1.68
CA ARG A 106 -7.84 7.52 2.22
C ARG A 106 -6.71 8.55 2.26
N HIS A 107 -5.70 8.29 3.08
CA HIS A 107 -4.56 9.19 3.21
C HIS A 107 -3.27 8.39 3.39
N PRO A 108 -2.16 8.95 2.85
CA PRO A 108 -0.84 8.31 2.94
C PRO A 108 -0.28 8.33 4.35
N VAL A 109 0.38 7.24 4.74
CA VAL A 109 0.97 7.13 6.07
C VAL A 109 2.44 6.76 5.99
N SER A 110 3.23 7.28 6.92
CA SER A 110 4.66 7.00 6.95
C SER A 110 5.28 7.50 8.25
N GLY A 1 22.99 7.10 -22.45
CA GLY A 1 21.86 7.81 -23.03
C GLY A 1 20.98 8.44 -21.97
N SER A 2 19.69 8.12 -22.02
CA SER A 2 18.73 8.67 -21.07
C SER A 2 18.22 7.57 -20.12
N SER A 3 18.74 7.56 -18.90
CA SER A 3 18.35 6.56 -17.91
C SER A 3 16.98 6.90 -17.33
N GLY A 4 16.06 5.93 -17.37
CA GLY A 4 14.73 6.15 -16.84
C GLY A 4 14.74 6.43 -15.35
N SER A 5 14.98 7.70 -15.00
CA SER A 5 15.01 8.11 -13.60
C SER A 5 13.62 8.05 -12.98
N SER A 6 13.35 6.99 -12.22
CA SER A 6 12.07 6.81 -11.57
C SER A 6 12.24 6.55 -10.08
N GLY A 7 11.77 7.48 -9.26
CA GLY A 7 11.88 7.35 -7.82
C GLY A 7 10.55 7.04 -7.16
N LEU A 8 10.54 6.08 -6.24
CA LEU A 8 9.33 5.70 -5.54
C LEU A 8 9.25 6.39 -4.18
N ASP A 9 10.40 6.74 -3.63
CA ASP A 9 10.46 7.41 -2.33
C ASP A 9 9.81 8.79 -2.40
N ASP A 10 9.56 9.26 -3.62
CA ASP A 10 8.95 10.57 -3.82
C ASP A 10 7.58 10.63 -3.14
N TYR A 11 6.84 9.53 -3.18
CA TYR A 11 5.53 9.46 -2.57
C TYR A 11 5.62 9.55 -1.05
N ASP A 12 4.48 9.67 -0.39
CA ASP A 12 4.43 9.75 1.06
C ASP A 12 4.00 8.42 1.67
N TRP A 13 2.86 7.91 1.22
CA TRP A 13 2.33 6.65 1.71
C TRP A 13 3.44 5.61 1.83
N PHE A 14 4.36 5.62 0.86
CA PHE A 14 5.47 4.68 0.85
C PHE A 14 6.37 4.88 2.07
N ALA A 15 6.11 4.13 3.12
CA ALA A 15 6.88 4.22 4.35
C ALA A 15 8.33 3.78 4.11
N GLY A 16 8.49 2.58 3.56
CA GLY A 16 9.82 2.06 3.29
C GLY A 16 10.12 0.81 4.08
N ASN A 17 11.31 0.76 4.69
CA ASN A 17 11.72 -0.40 5.48
C ASN A 17 11.09 -0.36 6.87
N ILE A 18 10.03 -1.14 7.06
CA ILE A 18 9.35 -1.19 8.35
C ILE A 18 9.04 -2.63 8.74
N SER A 19 8.76 -2.84 10.02
CA SER A 19 8.45 -4.17 10.53
C SER A 19 6.97 -4.29 10.87
N ARG A 20 6.53 -5.51 11.16
CA ARG A 20 5.13 -5.76 11.50
C ARG A 20 4.67 -4.84 12.62
N SER A 21 5.59 -4.52 13.53
CA SER A 21 5.28 -3.64 14.66
C SER A 21 5.14 -2.20 14.20
N GLN A 22 6.23 -1.63 13.71
CA GLN A 22 6.23 -0.25 13.24
C GLN A 22 5.04 0.02 12.33
N SER A 23 4.95 -0.75 11.24
CA SER A 23 3.86 -0.61 10.29
C SER A 23 2.53 -0.38 11.00
N GLU A 24 2.33 -1.12 12.09
CA GLU A 24 1.09 -1.01 12.87
C GLU A 24 1.11 0.25 13.72
N GLN A 25 2.16 0.40 14.53
CA GLN A 25 2.29 1.56 15.40
C GLN A 25 2.03 2.85 14.63
N LEU A 26 2.77 3.06 13.56
CA LEU A 26 2.62 4.25 12.74
C LEU A 26 1.19 4.39 12.23
N LEU A 27 0.76 3.41 11.42
CA LEU A 27 -0.59 3.42 10.88
C LEU A 27 -1.58 3.99 11.87
N ARG A 28 -1.48 3.55 13.12
CA ARG A 28 -2.37 4.02 14.17
C ARG A 28 -2.02 5.44 14.59
N GLN A 29 -0.77 5.64 15.02
CA GLN A 29 -0.31 6.95 15.45
C GLN A 29 -0.91 8.05 14.58
N LYS A 30 -0.85 7.87 13.27
CA LYS A 30 -1.39 8.85 12.34
C LYS A 30 -2.73 9.39 12.83
N GLY A 31 -3.71 8.51 12.94
CA GLY A 31 -5.02 8.92 13.40
C GLY A 31 -5.94 9.33 12.26
N LYS A 32 -5.65 8.82 11.07
CA LYS A 32 -6.46 9.14 9.90
C LYS A 32 -7.18 7.91 9.38
N GLU A 33 -8.50 7.89 9.53
CA GLU A 33 -9.32 6.77 9.09
C GLU A 33 -8.91 6.34 7.68
N GLY A 34 -9.15 5.07 7.36
CA GLY A 34 -8.80 4.55 6.05
C GLY A 34 -7.36 4.83 5.69
N ALA A 35 -6.49 4.89 6.68
CA ALA A 35 -5.08 5.15 6.46
C ALA A 35 -4.42 4.00 5.70
N PHE A 36 -3.53 4.34 4.78
CA PHE A 36 -2.82 3.33 3.98
C PHE A 36 -1.34 3.67 3.86
N MET A 37 -0.53 2.65 3.63
CA MET A 37 0.91 2.84 3.50
C MET A 37 1.52 1.74 2.64
N VAL A 38 2.85 1.78 2.47
CA VAL A 38 3.55 0.80 1.68
C VAL A 38 4.98 0.62 2.16
N ARG A 39 5.52 -0.58 1.99
CA ARG A 39 6.89 -0.88 2.41
C ARG A 39 7.60 -1.74 1.37
N ASN A 40 8.93 -1.69 1.37
CA ASN A 40 9.73 -2.47 0.44
C ASN A 40 9.97 -3.87 0.97
N SER A 41 10.04 -4.85 0.07
CA SER A 41 10.26 -6.23 0.45
C SER A 41 11.73 -6.62 0.25
N SER A 42 12.20 -7.58 1.04
CA SER A 42 13.58 -8.03 0.96
C SER A 42 13.93 -8.46 -0.46
N GLN A 43 12.97 -9.08 -1.14
CA GLN A 43 13.18 -9.53 -2.51
C GLN A 43 13.09 -8.36 -3.49
N VAL A 44 14.24 -7.91 -3.98
CA VAL A 44 14.28 -6.80 -4.93
C VAL A 44 13.18 -6.93 -5.97
N GLY A 45 12.12 -6.14 -5.80
CA GLY A 45 11.01 -6.17 -6.74
C GLY A 45 9.67 -6.25 -6.04
N MET A 46 9.49 -7.29 -5.22
CA MET A 46 8.24 -7.48 -4.50
C MET A 46 7.94 -6.28 -3.60
N TYR A 47 6.66 -6.08 -3.29
CA TYR A 47 6.24 -4.97 -2.44
C TYR A 47 5.05 -5.37 -1.57
N THR A 48 4.95 -4.73 -0.41
CA THR A 48 3.86 -5.02 0.52
C THR A 48 3.06 -3.75 0.83
N VAL A 49 1.77 -3.79 0.52
CA VAL A 49 0.89 -2.65 0.77
C VAL A 49 -0.01 -2.90 1.97
N SER A 50 0.41 -2.41 3.14
CA SER A 50 -0.36 -2.59 4.36
C SER A 50 -1.15 -1.32 4.69
N LEU A 51 -2.47 -1.45 4.71
CA LEU A 51 -3.34 -0.33 5.00
C LEU A 51 -4.21 -0.61 6.23
N PHE A 52 -4.42 0.42 7.05
CA PHE A 52 -5.22 0.27 8.25
C PHE A 52 -6.70 0.57 7.96
N SER A 53 -7.54 -0.45 8.16
CA SER A 53 -8.97 -0.30 7.92
C SER A 53 -9.75 -0.34 9.23
N LYS A 54 -11.03 -0.01 9.15
CA LYS A 54 -11.89 -0.01 10.33
C LYS A 54 -13.16 -0.82 10.08
N ALA A 55 -13.63 -1.52 11.10
CA ALA A 55 -14.83 -2.34 10.99
C ALA A 55 -15.68 -2.23 12.25
N VAL A 56 -16.91 -2.74 12.17
CA VAL A 56 -17.82 -2.71 13.31
C VAL A 56 -17.43 -3.73 14.36
N ASN A 57 -17.45 -5.02 13.98
CA ASN A 57 -17.11 -6.09 14.89
C ASN A 57 -15.73 -5.85 15.52
N ASP A 58 -14.81 -5.35 14.71
CA ASP A 58 -13.45 -5.06 15.19
C ASP A 58 -13.47 -4.00 16.28
N LYS A 59 -12.70 -4.24 17.33
CA LYS A 59 -12.62 -3.31 18.45
C LYS A 59 -11.72 -2.13 18.11
N LYS A 60 -10.44 -2.40 17.92
CA LYS A 60 -9.47 -1.37 17.58
C LYS A 60 -9.07 -1.44 16.11
N GLY A 61 -10.00 -1.11 15.24
CA GLY A 61 -9.74 -1.13 13.81
C GLY A 61 -9.09 -2.44 13.38
N THR A 62 -8.32 -2.38 12.30
CA THR A 62 -7.64 -3.57 11.78
C THR A 62 -6.64 -3.20 10.69
N VAL A 63 -5.61 -4.01 10.53
CA VAL A 63 -4.58 -3.77 9.53
C VAL A 63 -4.51 -4.93 8.54
N LYS A 64 -4.83 -4.65 7.28
CA LYS A 64 -4.79 -5.66 6.24
C LYS A 64 -3.51 -5.55 5.41
N HIS A 65 -2.75 -6.63 5.35
CA HIS A 65 -1.51 -6.65 4.59
C HIS A 65 -1.70 -7.32 3.23
N TYR A 66 -1.21 -6.67 2.19
CA TYR A 66 -1.34 -7.20 0.83
C TYR A 66 0.03 -7.34 0.18
N HIS A 67 0.18 -8.40 -0.63
CA HIS A 67 1.43 -8.65 -1.32
C HIS A 67 1.28 -8.43 -2.82
N VAL A 68 2.16 -7.61 -3.39
CA VAL A 68 2.13 -7.31 -4.82
C VAL A 68 2.64 -8.49 -5.63
N HIS A 69 1.72 -9.20 -6.28
CA HIS A 69 2.09 -10.35 -7.10
C HIS A 69 2.47 -9.91 -8.51
N THR A 70 3.31 -10.71 -9.16
CA THR A 70 3.76 -10.41 -10.52
C THR A 70 3.19 -11.41 -11.52
N ASN A 71 2.86 -10.92 -12.72
CA ASN A 71 2.30 -11.76 -13.77
C ASN A 71 3.41 -12.33 -14.65
N ALA A 72 3.02 -13.04 -15.70
CA ALA A 72 3.98 -13.64 -16.62
C ALA A 72 4.79 -12.57 -17.33
N GLU A 73 4.16 -11.44 -17.63
CA GLU A 73 4.82 -10.34 -18.32
C GLU A 73 5.40 -9.35 -17.31
N ASN A 74 5.80 -9.85 -16.15
CA ASN A 74 6.37 -9.01 -15.11
C ASN A 74 5.41 -7.89 -14.74
N LYS A 75 4.12 -8.17 -14.81
CA LYS A 75 3.09 -7.19 -14.48
C LYS A 75 2.74 -7.25 -12.99
N LEU A 76 2.88 -6.13 -12.31
CA LEU A 76 2.56 -6.05 -10.88
C LEU A 76 1.10 -5.67 -10.66
N TYR A 77 0.50 -6.22 -9.61
CA TYR A 77 -0.88 -5.94 -9.29
C TYR A 77 -1.23 -6.42 -7.89
N LEU A 78 -2.32 -5.90 -7.34
CA LEU A 78 -2.77 -6.26 -6.00
C LEU A 78 -3.98 -7.18 -6.06
N ALA A 79 -4.76 -7.04 -7.13
CA ALA A 79 -5.96 -7.86 -7.30
C ALA A 79 -5.86 -8.71 -8.56
N GLU A 80 -6.07 -10.02 -8.40
CA GLU A 80 -6.00 -10.95 -9.53
C GLU A 80 -6.92 -10.49 -10.66
N ASN A 81 -7.98 -9.77 -10.31
CA ASN A 81 -8.93 -9.28 -11.30
C ASN A 81 -8.52 -7.91 -11.81
N TYR A 82 -7.23 -7.59 -11.67
CA TYR A 82 -6.71 -6.30 -12.11
C TYR A 82 -5.25 -6.43 -12.55
N CYS A 83 -4.77 -5.43 -13.28
CA CYS A 83 -3.39 -5.42 -13.75
C CYS A 83 -2.87 -4.00 -13.88
N PHE A 84 -1.57 -3.83 -13.64
CA PHE A 84 -0.94 -2.51 -13.72
C PHE A 84 0.45 -2.62 -14.32
N ASP A 85 1.16 -1.49 -14.35
CA ASP A 85 2.51 -1.45 -14.90
C ASP A 85 3.54 -1.25 -13.79
N SER A 86 3.19 -0.42 -12.81
CA SER A 86 4.09 -0.15 -11.69
C SER A 86 3.34 -0.18 -10.36
N ILE A 87 4.08 -0.14 -9.27
CA ILE A 87 3.48 -0.16 -7.94
C ILE A 87 2.69 1.13 -7.67
N PRO A 88 3.37 2.27 -7.79
CA PRO A 88 2.76 3.58 -7.56
C PRO A 88 1.76 3.95 -8.65
N LYS A 89 1.63 3.08 -9.65
CA LYS A 89 0.71 3.31 -10.76
C LYS A 89 -0.65 2.68 -10.47
N LEU A 90 -0.69 1.78 -9.49
CA LEU A 90 -1.92 1.11 -9.12
C LEU A 90 -2.64 1.87 -8.01
N ILE A 91 -1.86 2.46 -7.10
CA ILE A 91 -2.42 3.23 -6.00
C ILE A 91 -3.08 4.51 -6.48
N HIS A 92 -2.34 5.26 -7.29
CA HIS A 92 -2.84 6.52 -7.83
C HIS A 92 -4.34 6.42 -8.14
N TYR A 93 -4.76 5.27 -8.65
CA TYR A 93 -6.16 5.04 -8.99
C TYR A 93 -7.00 4.84 -7.73
N HIS A 94 -6.52 3.98 -6.84
CA HIS A 94 -7.22 3.71 -5.59
C HIS A 94 -7.55 5.00 -4.85
N GLN A 95 -6.54 5.86 -4.72
CA GLN A 95 -6.72 7.14 -4.02
C GLN A 95 -8.10 7.74 -4.33
N HIS A 96 -8.48 7.69 -5.60
CA HIS A 96 -9.78 8.23 -6.03
C HIS A 96 -10.84 7.13 -6.03
N ASN A 97 -10.71 6.19 -6.96
CA ASN A 97 -11.67 5.09 -7.07
C ASN A 97 -11.01 3.76 -6.69
N SER A 98 -11.61 3.08 -5.72
CA SER A 98 -11.09 1.79 -5.27
C SER A 98 -11.34 0.70 -6.31
N ALA A 99 -10.56 -0.37 -6.23
CA ALA A 99 -10.70 -1.48 -7.16
C ALA A 99 -10.90 -2.80 -6.41
N GLY A 100 -11.78 -3.64 -6.93
CA GLY A 100 -12.05 -4.93 -6.30
C GLY A 100 -12.28 -4.79 -4.81
N MET A 101 -12.01 -5.87 -4.07
CA MET A 101 -12.19 -5.88 -2.62
C MET A 101 -11.01 -5.22 -1.92
N ILE A 102 -10.68 -4.00 -2.33
CA ILE A 102 -9.57 -3.26 -1.74
C ILE A 102 -10.05 -1.94 -1.14
N THR A 103 -10.04 -1.87 0.19
CA THR A 103 -10.47 -0.66 0.89
C THR A 103 -10.06 0.58 0.13
N ARG A 104 -10.87 1.63 0.22
CA ARG A 104 -10.59 2.89 -0.45
C ARG A 104 -9.58 3.73 0.35
N LEU A 105 -8.32 3.62 -0.02
CA LEU A 105 -7.27 4.37 0.66
C LEU A 105 -7.68 5.81 0.88
N ARG A 106 -8.06 6.14 2.12
CA ARG A 106 -8.48 7.49 2.47
C ARG A 106 -7.29 8.44 2.48
N HIS A 107 -6.38 8.23 3.42
CA HIS A 107 -5.19 9.07 3.54
C HIS A 107 -3.93 8.21 3.67
N PRO A 108 -2.82 8.72 3.12
CA PRO A 108 -1.53 8.02 3.16
C PRO A 108 -0.93 7.98 4.55
N VAL A 109 0.14 7.22 4.71
CA VAL A 109 0.81 7.09 6.01
C VAL A 109 2.26 6.63 5.83
N SER A 110 3.14 7.18 6.66
CA SER A 110 4.56 6.83 6.59
C SER A 110 5.19 6.87 7.98
N GLY A 1 16.61 22.80 -17.43
CA GLY A 1 16.98 21.48 -16.95
C GLY A 1 15.78 20.65 -16.53
N SER A 2 16.04 19.42 -16.09
CA SER A 2 14.97 18.52 -15.67
C SER A 2 15.49 17.50 -14.66
N SER A 3 15.08 17.65 -13.41
CA SER A 3 15.51 16.74 -12.35
C SER A 3 14.89 15.36 -12.55
N GLY A 4 15.74 14.36 -12.72
CA GLY A 4 15.27 13.01 -12.91
C GLY A 4 15.55 12.11 -11.72
N SER A 5 15.03 12.50 -10.56
CA SER A 5 15.23 11.74 -9.33
C SER A 5 13.95 10.99 -8.94
N SER A 6 13.76 9.82 -9.54
CA SER A 6 12.59 9.00 -9.26
C SER A 6 12.79 8.17 -8.00
N GLY A 7 11.70 7.61 -7.48
CA GLY A 7 11.78 6.79 -6.29
C GLY A 7 10.44 6.66 -5.59
N LEU A 8 10.35 5.71 -4.67
CA LEU A 8 9.12 5.48 -3.92
C LEU A 8 9.14 6.23 -2.60
N ASP A 9 10.28 6.22 -1.93
CA ASP A 9 10.43 6.90 -0.64
C ASP A 9 10.00 8.36 -0.77
N ASP A 10 9.97 8.88 -1.99
CA ASP A 10 9.58 10.26 -2.24
C ASP A 10 8.12 10.48 -1.87
N TYR A 11 7.25 9.56 -2.29
CA TYR A 11 5.83 9.67 -2.00
C TYR A 11 5.59 9.86 -0.51
N ASP A 12 4.32 9.91 -0.13
CA ASP A 12 3.95 10.09 1.28
C ASP A 12 3.34 8.82 1.85
N TRP A 13 2.98 7.90 0.97
CA TRP A 13 2.40 6.63 1.39
C TRP A 13 3.44 5.52 1.42
N PHE A 14 4.72 5.91 1.38
CA PHE A 14 5.81 4.95 1.40
C PHE A 14 6.68 5.15 2.63
N ALA A 15 6.55 4.23 3.60
CA ALA A 15 7.33 4.30 4.82
C ALA A 15 8.72 3.71 4.64
N GLY A 16 8.78 2.54 4.00
CA GLY A 16 10.06 1.89 3.77
C GLY A 16 10.33 0.77 4.75
N ASN A 17 11.49 0.80 5.38
CA ASN A 17 11.87 -0.23 6.35
C ASN A 17 11.00 -0.14 7.60
N ILE A 18 10.00 -1.01 7.69
CA ILE A 18 9.11 -1.02 8.84
C ILE A 18 8.95 -2.44 9.39
N SER A 19 8.92 -2.55 10.71
CA SER A 19 8.77 -3.85 11.36
C SER A 19 7.30 -4.23 11.47
N ARG A 20 7.05 -5.53 11.59
CA ARG A 20 5.69 -6.04 11.71
C ARG A 20 4.84 -5.11 12.58
N SER A 21 5.42 -4.65 13.67
CA SER A 21 4.72 -3.76 14.60
C SER A 21 4.58 -2.36 14.00
N GLN A 22 5.71 -1.73 13.72
CA GLN A 22 5.71 -0.38 13.16
C GLN A 22 4.58 -0.22 12.14
N SER A 23 4.58 -1.09 11.13
CA SER A 23 3.56 -1.05 10.09
C SER A 23 2.20 -0.64 10.67
N GLU A 24 1.88 -1.19 11.84
CA GLU A 24 0.61 -0.89 12.50
C GLU A 24 0.73 0.38 13.34
N GLN A 25 1.79 0.46 14.14
CA GLN A 25 2.02 1.62 14.99
C GLN A 25 1.88 2.92 14.19
N LEU A 26 2.68 3.04 13.13
CA LEU A 26 2.65 4.24 12.29
C LEU A 26 1.23 4.49 11.77
N LEU A 27 0.66 3.49 11.11
CA LEU A 27 -0.68 3.61 10.56
C LEU A 27 -1.65 4.16 11.61
N ARG A 28 -1.81 3.43 12.70
CA ARG A 28 -2.70 3.84 13.78
C ARG A 28 -2.34 5.23 14.29
N GLN A 29 -1.11 5.37 14.78
CA GLN A 29 -0.64 6.64 15.30
C GLN A 29 -1.10 7.79 14.41
N LYS A 30 -0.83 7.69 13.12
CA LYS A 30 -1.21 8.73 12.17
C LYS A 30 -2.61 9.24 12.47
N GLY A 31 -3.53 8.34 12.77
CA GLY A 31 -4.89 8.73 13.07
C GLY A 31 -5.65 9.20 11.85
N LYS A 32 -5.37 8.56 10.71
CA LYS A 32 -6.03 8.92 9.45
C LYS A 32 -6.91 7.78 8.96
N GLU A 33 -8.22 7.94 9.10
CA GLU A 33 -9.16 6.92 8.67
C GLU A 33 -8.83 6.42 7.27
N GLY A 34 -9.01 5.13 7.04
CA GLY A 34 -8.71 4.55 5.75
C GLY A 34 -7.29 4.80 5.31
N ALA A 35 -6.40 5.01 6.27
CA ALA A 35 -5.00 5.27 5.98
C ALA A 35 -4.38 4.10 5.21
N PHE A 36 -3.23 4.37 4.58
CA PHE A 36 -2.54 3.34 3.81
C PHE A 36 -1.06 3.68 3.66
N MET A 37 -0.22 2.65 3.57
CA MET A 37 1.21 2.85 3.41
C MET A 37 1.83 1.73 2.58
N VAL A 38 3.09 1.91 2.20
CA VAL A 38 3.79 0.91 1.40
C VAL A 38 5.25 0.77 1.85
N ARG A 39 5.62 -0.44 2.24
CA ARG A 39 6.99 -0.71 2.69
C ARG A 39 7.81 -1.35 1.58
N ASN A 40 9.08 -1.62 1.87
CA ASN A 40 9.97 -2.24 0.90
C ASN A 40 10.34 -3.65 1.33
N SER A 41 9.57 -4.63 0.84
CA SER A 41 9.82 -6.03 1.17
C SER A 41 11.26 -6.42 0.88
N SER A 42 11.59 -7.69 1.07
CA SER A 42 12.93 -8.18 0.84
C SER A 42 13.55 -7.51 -0.39
N GLN A 43 14.88 -7.44 -0.40
CA GLN A 43 15.59 -6.82 -1.52
C GLN A 43 15.63 -7.75 -2.72
N VAL A 44 14.46 -8.14 -3.20
CA VAL A 44 14.35 -9.02 -4.35
C VAL A 44 13.33 -8.50 -5.37
N GLY A 45 13.05 -7.21 -5.28
CA GLY A 45 12.08 -6.61 -6.19
C GLY A 45 10.68 -6.58 -5.63
N MET A 46 10.28 -7.68 -5.00
CA MET A 46 8.95 -7.80 -4.41
C MET A 46 8.65 -6.59 -3.53
N TYR A 47 7.45 -6.57 -2.96
CA TYR A 47 7.04 -5.47 -2.08
C TYR A 47 5.92 -5.92 -1.14
N THR A 48 5.41 -4.98 -0.35
CA THR A 48 4.34 -5.27 0.59
C THR A 48 3.45 -4.05 0.80
N VAL A 49 2.23 -4.11 0.26
CA VAL A 49 1.28 -3.01 0.39
C VAL A 49 0.40 -3.19 1.62
N SER A 50 0.79 -2.54 2.72
CA SER A 50 0.04 -2.63 3.96
C SER A 50 -0.77 -1.36 4.21
N LEU A 51 -2.05 -1.52 4.53
CA LEU A 51 -2.93 -0.40 4.77
C LEU A 51 -3.74 -0.61 6.06
N PHE A 52 -4.29 0.48 6.58
CA PHE A 52 -5.09 0.41 7.80
C PHE A 52 -6.59 0.44 7.47
N SER A 53 -7.38 -0.20 8.31
CA SER A 53 -8.83 -0.25 8.12
C SER A 53 -9.56 -0.42 9.44
N LYS A 54 -10.85 -0.09 9.45
CA LYS A 54 -11.65 -0.21 10.66
C LYS A 54 -13.15 -0.21 10.31
N ALA A 55 -13.97 -0.61 11.29
CA ALA A 55 -15.41 -0.65 11.09
C ALA A 55 -16.15 -0.07 12.28
N VAL A 56 -17.33 0.48 12.04
CA VAL A 56 -18.14 1.06 13.10
C VAL A 56 -18.60 0.01 14.09
N ASN A 57 -18.43 -1.26 13.73
CA ASN A 57 -18.82 -2.36 14.59
C ASN A 57 -17.66 -2.84 15.45
N ASP A 58 -16.56 -3.20 14.80
CA ASP A 58 -15.36 -3.66 15.51
C ASP A 58 -14.87 -2.61 16.49
N LYS A 59 -14.13 -3.05 17.50
CA LYS A 59 -13.61 -2.16 18.51
C LYS A 59 -12.28 -1.54 18.05
N LYS A 60 -11.28 -2.40 17.87
CA LYS A 60 -9.96 -1.94 17.43
C LYS A 60 -9.72 -2.31 15.97
N GLY A 61 -9.59 -1.30 15.12
CA GLY A 61 -9.35 -1.54 13.71
C GLY A 61 -8.18 -2.48 13.47
N THR A 62 -8.33 -3.37 12.49
CA THR A 62 -7.28 -4.33 12.17
C THR A 62 -6.49 -3.88 10.94
N VAL A 63 -5.22 -4.25 10.90
CA VAL A 63 -4.36 -3.89 9.77
C VAL A 63 -4.22 -5.05 8.79
N LYS A 64 -4.50 -4.78 7.52
CA LYS A 64 -4.41 -5.80 6.49
C LYS A 64 -3.08 -5.69 5.73
N HIS A 65 -2.63 -6.81 5.17
CA HIS A 65 -1.38 -6.85 4.42
C HIS A 65 -1.59 -7.45 3.04
N TYR A 66 -1.17 -6.71 2.01
CA TYR A 66 -1.30 -7.18 0.64
C TYR A 66 0.05 -7.26 -0.05
N HIS A 67 0.59 -8.47 -0.13
CA HIS A 67 1.90 -8.68 -0.77
C HIS A 67 1.77 -8.57 -2.29
N VAL A 68 2.33 -7.49 -2.83
CA VAL A 68 2.29 -7.27 -4.28
C VAL A 68 2.44 -8.57 -5.04
N HIS A 69 1.68 -8.72 -6.12
CA HIS A 69 1.73 -9.93 -6.94
C HIS A 69 2.34 -9.63 -8.31
N THR A 70 3.12 -10.58 -8.81
CA THR A 70 3.77 -10.41 -10.11
C THR A 70 3.22 -11.40 -11.13
N ASN A 71 2.79 -10.87 -12.28
CA ASN A 71 2.24 -11.71 -13.33
C ASN A 71 3.31 -12.07 -14.36
N ALA A 72 2.92 -12.86 -15.36
CA ALA A 72 3.85 -13.28 -16.40
C ALA A 72 4.64 -12.08 -16.95
N GLU A 73 3.92 -11.05 -17.38
CA GLU A 73 4.55 -9.85 -17.93
C GLU A 73 5.00 -8.92 -16.81
N ASN A 74 5.55 -9.50 -15.75
CA ASN A 74 6.01 -8.72 -14.61
C ASN A 74 5.03 -7.62 -14.26
N LYS A 75 3.73 -7.92 -14.38
CA LYS A 75 2.69 -6.95 -14.08
C LYS A 75 2.33 -6.97 -12.59
N LEU A 76 2.42 -5.83 -11.96
CA LEU A 76 2.10 -5.71 -10.53
C LEU A 76 0.62 -5.39 -10.32
N TYR A 77 -0.07 -6.26 -9.60
CA TYR A 77 -1.49 -6.07 -9.34
C TYR A 77 -1.92 -6.79 -8.06
N LEU A 78 -2.74 -6.13 -7.26
CA LEU A 78 -3.21 -6.72 -6.01
C LEU A 78 -4.56 -7.40 -6.20
N ALA A 79 -5.35 -6.87 -7.13
CA ALA A 79 -6.67 -7.43 -7.42
C ALA A 79 -6.78 -7.85 -8.88
N GLU A 80 -7.00 -9.14 -9.11
CA GLU A 80 -7.13 -9.65 -10.47
C GLU A 80 -7.96 -8.72 -11.34
N ASN A 81 -9.11 -8.31 -10.82
CA ASN A 81 -10.02 -7.42 -11.53
C ASN A 81 -9.22 -6.30 -12.22
N TYR A 82 -8.19 -5.80 -11.55
CA TYR A 82 -7.36 -4.73 -12.09
C TYR A 82 -5.96 -5.24 -12.37
N CYS A 83 -5.22 -4.48 -13.18
CA CYS A 83 -3.85 -4.85 -13.53
C CYS A 83 -3.03 -3.60 -13.87
N PHE A 84 -1.89 -3.45 -13.21
CA PHE A 84 -1.01 -2.31 -13.45
C PHE A 84 0.40 -2.77 -13.78
N ASP A 85 1.28 -1.81 -14.04
CA ASP A 85 2.67 -2.11 -14.37
C ASP A 85 3.63 -1.32 -13.49
N SER A 86 3.08 -0.64 -12.48
CA SER A 86 3.88 0.16 -11.57
C SER A 86 3.25 0.22 -10.18
N ILE A 87 4.08 0.38 -9.16
CA ILE A 87 3.60 0.44 -7.78
C ILE A 87 2.80 1.72 -7.55
N PRO A 88 3.43 2.88 -7.83
CA PRO A 88 2.79 4.18 -7.65
C PRO A 88 1.69 4.43 -8.67
N LYS A 89 1.52 3.50 -9.60
CA LYS A 89 0.50 3.61 -10.63
C LYS A 89 -0.80 2.95 -10.18
N LEU A 90 -0.68 1.75 -9.62
CA LEU A 90 -1.84 1.01 -9.15
C LEU A 90 -2.49 1.71 -7.95
N ILE A 91 -1.64 2.22 -7.05
CA ILE A 91 -2.13 2.91 -5.86
C ILE A 91 -2.77 4.26 -6.23
N HIS A 92 -2.26 4.86 -7.31
CA HIS A 92 -2.78 6.15 -7.77
C HIS A 92 -4.23 6.02 -8.23
N TYR A 93 -4.58 4.84 -8.76
CA TYR A 93 -5.93 4.59 -9.24
C TYR A 93 -6.89 4.36 -8.06
N HIS A 94 -6.42 3.63 -7.05
CA HIS A 94 -7.23 3.34 -5.88
C HIS A 94 -7.72 4.63 -5.23
N GLN A 95 -6.82 5.58 -5.06
CA GLN A 95 -7.17 6.86 -4.44
C GLN A 95 -8.57 7.32 -4.88
N HIS A 96 -8.79 7.34 -6.18
CA HIS A 96 -10.08 7.76 -6.73
C HIS A 96 -11.14 6.68 -6.49
N ASN A 97 -10.80 5.44 -6.84
CA ASN A 97 -11.73 4.32 -6.66
C ASN A 97 -10.96 3.01 -6.56
N SER A 98 -11.21 2.27 -5.47
CA SER A 98 -10.55 0.99 -5.25
C SER A 98 -10.70 0.08 -6.46
N ALA A 99 -10.09 -1.10 -6.39
CA ALA A 99 -10.15 -2.06 -7.49
C ALA A 99 -11.18 -3.15 -7.20
N GLY A 100 -10.95 -3.90 -6.13
CA GLY A 100 -11.87 -4.97 -5.76
C GLY A 100 -11.41 -5.73 -4.54
N MET A 101 -12.32 -5.95 -3.60
CA MET A 101 -12.00 -6.67 -2.38
C MET A 101 -10.84 -6.02 -1.65
N ILE A 102 -10.76 -4.69 -1.73
CA ILE A 102 -9.70 -3.94 -1.08
C ILE A 102 -10.20 -2.60 -0.56
N THR A 103 -9.90 -2.30 0.69
CA THR A 103 -10.32 -1.06 1.32
C THR A 103 -9.87 0.14 0.48
N ARG A 104 -10.77 1.12 0.34
CA ARG A 104 -10.47 2.31 -0.43
C ARG A 104 -9.48 3.20 0.31
N LEU A 105 -8.29 3.37 -0.27
CA LEU A 105 -7.25 4.20 0.34
C LEU A 105 -7.75 5.63 0.53
N ARG A 106 -7.89 6.04 1.80
CA ARG A 106 -8.35 7.38 2.12
C ARG A 106 -7.20 8.38 2.09
N HIS A 107 -6.28 8.24 3.04
CA HIS A 107 -5.12 9.12 3.12
C HIS A 107 -3.83 8.32 3.20
N PRO A 108 -2.75 8.86 2.62
CA PRO A 108 -1.43 8.21 2.61
C PRO A 108 -0.79 8.20 4.00
N VAL A 109 0.16 7.30 4.19
CA VAL A 109 0.86 7.20 5.47
C VAL A 109 2.29 6.70 5.28
N SER A 110 3.21 7.25 6.08
CA SER A 110 4.62 6.87 5.98
C SER A 110 5.10 6.29 7.31
N GLY A 1 15.72 16.99 -12.53
CA GLY A 1 15.48 15.71 -11.90
C GLY A 1 16.19 14.57 -12.62
N SER A 2 15.56 13.39 -12.62
CA SER A 2 16.14 12.23 -13.26
C SER A 2 15.06 11.40 -13.94
N SER A 3 15.48 10.36 -14.65
CA SER A 3 14.54 9.48 -15.36
C SER A 3 14.75 8.03 -14.96
N GLY A 4 13.83 7.51 -14.13
CA GLY A 4 13.94 6.14 -13.69
C GLY A 4 12.61 5.61 -13.16
N SER A 5 12.56 4.30 -12.92
CA SER A 5 11.34 3.65 -12.43
C SER A 5 11.51 3.26 -10.96
N SER A 6 12.69 2.75 -10.63
CA SER A 6 12.97 2.32 -9.26
C SER A 6 13.17 3.52 -8.34
N GLY A 7 12.11 3.91 -7.64
CA GLY A 7 12.19 5.04 -6.74
C GLY A 7 11.50 4.78 -5.41
N LEU A 8 10.21 5.08 -5.35
CA LEU A 8 9.43 4.87 -4.14
C LEU A 8 10.15 5.47 -2.92
N ASP A 9 10.84 6.57 -3.14
CA ASP A 9 11.57 7.25 -2.06
C ASP A 9 11.08 8.67 -1.88
N ASP A 10 10.41 9.19 -2.90
CA ASP A 10 9.88 10.56 -2.85
C ASP A 10 8.44 10.56 -2.35
N TYR A 11 7.71 9.49 -2.63
CA TYR A 11 6.32 9.38 -2.21
C TYR A 11 6.19 9.45 -0.69
N ASP A 12 5.02 9.84 -0.22
CA ASP A 12 4.78 9.95 1.22
C ASP A 12 4.11 8.69 1.75
N TRP A 13 3.37 8.00 0.89
CA TRP A 13 2.67 6.78 1.28
C TRP A 13 3.64 5.59 1.29
N PHE A 14 4.92 5.87 1.09
CA PHE A 14 5.94 4.82 1.08
C PHE A 14 6.75 4.83 2.37
N ALA A 15 6.58 3.79 3.18
CA ALA A 15 7.30 3.68 4.44
C ALA A 15 8.62 2.93 4.26
N GLY A 16 8.52 1.65 3.92
CA GLY A 16 9.70 0.83 3.72
C GLY A 16 10.58 0.77 4.96
N ASN A 17 11.51 -0.17 4.98
CA ASN A 17 12.42 -0.33 6.12
C ASN A 17 11.64 -0.36 7.43
N ILE A 18 10.49 -1.02 7.41
CA ILE A 18 9.65 -1.13 8.60
C ILE A 18 9.30 -2.58 8.90
N SER A 19 8.92 -2.86 10.15
CA SER A 19 8.57 -4.21 10.56
C SER A 19 7.06 -4.32 10.79
N ARG A 20 6.59 -5.55 10.97
CA ARG A 20 5.17 -5.79 11.20
C ARG A 20 4.65 -4.92 12.34
N SER A 21 5.50 -4.64 13.31
CA SER A 21 5.12 -3.83 14.46
C SER A 21 4.88 -2.38 14.04
N GLN A 22 5.94 -1.71 13.61
CA GLN A 22 5.84 -0.32 13.18
C GLN A 22 4.73 -0.15 12.15
N SER A 23 4.88 -0.82 11.02
CA SER A 23 3.89 -0.74 9.95
C SER A 23 2.48 -0.60 10.52
N GLU A 24 2.21 -1.31 11.61
CA GLU A 24 0.91 -1.27 12.26
C GLU A 24 0.77 -0.02 13.12
N GLN A 25 1.75 0.20 13.99
CA GLN A 25 1.73 1.37 14.88
C GLN A 25 1.62 2.65 14.08
N LEU A 26 2.66 2.95 13.30
CA LEU A 26 2.67 4.17 12.48
C LEU A 26 1.29 4.47 11.93
N LEU A 27 0.64 3.45 11.36
CA LEU A 27 -0.69 3.62 10.80
C LEU A 27 -1.67 4.16 11.84
N ARG A 28 -1.58 3.61 13.06
CA ARG A 28 -2.44 4.04 14.15
C ARG A 28 -2.25 5.52 14.46
N GLN A 29 -1.00 5.94 14.51
CA GLN A 29 -0.67 7.34 14.80
C GLN A 29 -1.64 8.28 14.08
N LYS A 30 -1.81 8.05 12.78
CA LYS A 30 -2.71 8.88 11.97
C LYS A 30 -4.02 9.14 12.71
N GLY A 31 -4.77 8.08 12.98
CA GLY A 31 -6.04 8.23 13.68
C GLY A 31 -7.21 8.38 12.73
N LYS A 32 -7.12 7.74 11.57
CA LYS A 32 -8.18 7.82 10.56
C LYS A 32 -8.36 6.47 9.88
N GLU A 33 -9.53 5.85 10.09
CA GLU A 33 -9.83 4.56 9.49
C GLU A 33 -9.75 4.64 7.97
N GLY A 34 -8.53 4.54 7.44
CA GLY A 34 -8.34 4.61 6.00
C GLY A 34 -6.88 4.77 5.62
N ALA A 35 -6.10 5.35 6.52
CA ALA A 35 -4.67 5.57 6.28
C ALA A 35 -4.05 4.36 5.58
N PHE A 36 -3.13 4.64 4.67
CA PHE A 36 -2.45 3.57 3.92
C PHE A 36 -0.96 3.87 3.79
N MET A 37 -0.19 2.85 3.45
CA MET A 37 1.26 3.00 3.29
C MET A 37 1.82 1.91 2.37
N VAL A 38 3.14 1.90 2.23
CA VAL A 38 3.80 0.90 1.38
C VAL A 38 5.17 0.53 1.93
N ARG A 39 5.42 -0.77 2.04
CA ARG A 39 6.69 -1.26 2.55
C ARG A 39 7.23 -2.38 1.67
N ASN A 40 8.48 -2.79 1.94
CA ASN A 40 9.12 -3.85 1.17
C ASN A 40 9.21 -5.13 1.99
N SER A 41 9.22 -6.27 1.30
CA SER A 41 9.30 -7.56 1.97
C SER A 41 10.68 -7.75 2.61
N SER A 42 10.92 -8.94 3.15
CA SER A 42 12.18 -9.26 3.80
C SER A 42 12.73 -10.58 3.29
N GLN A 43 11.93 -11.63 3.38
CA GLN A 43 12.34 -12.95 2.93
C GLN A 43 12.11 -13.11 1.43
N VAL A 44 12.15 -11.99 0.70
CA VAL A 44 11.94 -12.01 -0.73
C VAL A 44 12.15 -10.63 -1.34
N GLY A 45 12.40 -10.59 -2.65
CA GLY A 45 12.62 -9.33 -3.32
C GLY A 45 11.34 -8.74 -3.89
N MET A 46 10.33 -8.60 -3.03
CA MET A 46 9.05 -8.03 -3.44
C MET A 46 8.63 -6.88 -2.53
N TYR A 47 7.44 -6.35 -2.76
CA TYR A 47 6.94 -5.24 -1.97
C TYR A 47 5.76 -5.68 -1.11
N THR A 48 5.19 -4.74 -0.36
CA THR A 48 4.06 -5.03 0.50
C THR A 48 3.28 -3.76 0.85
N VAL A 49 2.08 -3.64 0.29
CA VAL A 49 1.24 -2.48 0.52
C VAL A 49 0.26 -2.74 1.66
N SER A 50 0.48 -2.07 2.80
CA SER A 50 -0.38 -2.23 3.96
C SER A 50 -1.16 -0.95 4.24
N LEU A 51 -2.32 -1.10 4.86
CA LEU A 51 -3.17 0.05 5.19
C LEU A 51 -4.08 -0.26 6.37
N PHE A 52 -4.51 0.78 7.07
CA PHE A 52 -5.38 0.62 8.23
C PHE A 52 -6.84 0.61 7.80
N SER A 53 -7.62 -0.30 8.40
CA SER A 53 -9.04 -0.42 8.08
C SER A 53 -9.86 -0.68 9.35
N LYS A 54 -11.16 -0.85 9.17
CA LYS A 54 -12.05 -1.10 10.29
C LYS A 54 -13.30 -1.86 9.83
N ALA A 55 -13.86 -2.67 10.73
CA ALA A 55 -15.06 -3.44 10.42
C ALA A 55 -15.83 -3.80 11.69
N VAL A 56 -17.02 -4.38 11.51
CA VAL A 56 -17.84 -4.77 12.64
C VAL A 56 -17.08 -5.68 13.60
N ASN A 57 -16.50 -6.74 13.06
CA ASN A 57 -15.74 -7.69 13.87
C ASN A 57 -14.34 -7.16 14.16
N ASP A 58 -13.64 -6.75 13.10
CA ASP A 58 -12.29 -6.21 13.24
C ASP A 58 -12.15 -5.41 14.53
N LYS A 59 -11.42 -5.95 15.49
CA LYS A 59 -11.20 -5.29 16.76
C LYS A 59 -10.28 -4.07 16.60
N LYS A 60 -10.67 -2.96 17.20
CA LYS A 60 -9.89 -1.73 17.13
C LYS A 60 -9.25 -1.58 15.75
N GLY A 61 -9.98 -2.00 14.72
CA GLY A 61 -9.47 -1.90 13.36
C GLY A 61 -8.25 -2.77 13.14
N THR A 62 -8.34 -3.65 12.14
CA THR A 62 -7.24 -4.55 11.83
C THR A 62 -6.46 -4.07 10.60
N VAL A 63 -5.15 -4.22 10.65
CA VAL A 63 -4.29 -3.80 9.54
C VAL A 63 -4.17 -4.89 8.49
N LYS A 64 -4.39 -4.53 7.23
CA LYS A 64 -4.31 -5.48 6.13
C LYS A 64 -2.96 -5.37 5.42
N HIS A 65 -2.42 -6.51 5.02
CA HIS A 65 -1.13 -6.54 4.33
C HIS A 65 -1.27 -7.20 2.97
N TYR A 66 -1.21 -6.38 1.91
CA TYR A 66 -1.34 -6.88 0.55
C TYR A 66 0.04 -7.00 -0.11
N HIS A 67 0.46 -8.24 -0.34
CA HIS A 67 1.75 -8.50 -0.97
C HIS A 67 1.67 -8.31 -2.48
N VAL A 68 2.48 -7.41 -3.01
CA VAL A 68 2.50 -7.12 -4.44
C VAL A 68 3.14 -8.27 -5.21
N HIS A 69 2.34 -8.97 -6.02
CA HIS A 69 2.82 -10.08 -6.80
C HIS A 69 3.10 -9.66 -8.25
N THR A 70 3.45 -10.62 -9.09
CA THR A 70 3.74 -10.34 -10.50
C THR A 70 3.17 -11.43 -11.40
N ASN A 71 2.47 -11.00 -12.45
CA ASN A 71 1.87 -11.94 -13.39
C ASN A 71 2.87 -12.34 -14.47
N ALA A 72 2.42 -13.16 -15.42
CA ALA A 72 3.27 -13.61 -16.50
C ALA A 72 3.85 -12.44 -17.29
N GLU A 73 3.05 -11.39 -17.42
CA GLU A 73 3.47 -10.20 -18.16
C GLU A 73 4.26 -9.25 -17.24
N ASN A 74 5.03 -9.83 -16.33
CA ASN A 74 5.84 -9.05 -15.40
C ASN A 74 5.09 -7.81 -14.95
N LYS A 75 3.80 -7.97 -14.65
CA LYS A 75 2.97 -6.86 -14.20
C LYS A 75 2.61 -7.02 -12.73
N LEU A 76 2.67 -5.90 -11.99
CA LEU A 76 2.35 -5.91 -10.57
C LEU A 76 0.85 -5.76 -10.35
N TYR A 77 0.39 -6.20 -9.19
CA TYR A 77 -1.03 -6.12 -8.86
C TYR A 77 -1.28 -6.52 -7.40
N LEU A 78 -2.14 -5.77 -6.73
CA LEU A 78 -2.46 -6.05 -5.33
C LEU A 78 -3.71 -6.92 -5.22
N ALA A 79 -4.63 -6.74 -6.16
CA ALA A 79 -5.86 -7.52 -6.19
C ALA A 79 -5.82 -8.60 -7.26
N GLU A 80 -6.32 -9.78 -6.92
CA GLU A 80 -6.33 -10.90 -7.85
C GLU A 80 -7.23 -10.60 -9.05
N ASN A 81 -6.93 -11.22 -10.18
CA ASN A 81 -7.72 -11.03 -11.39
C ASN A 81 -7.64 -9.57 -11.85
N TYR A 82 -6.56 -8.90 -11.50
CA TYR A 82 -6.36 -7.50 -11.87
C TYR A 82 -4.91 -7.24 -12.29
N CYS A 83 -4.70 -6.11 -12.95
CA CYS A 83 -3.37 -5.73 -13.41
C CYS A 83 -3.20 -4.23 -13.44
N PHE A 84 -1.96 -3.76 -13.38
CA PHE A 84 -1.66 -2.34 -13.39
C PHE A 84 -0.39 -2.05 -14.19
N ASP A 85 0.01 -0.79 -14.21
CA ASP A 85 1.21 -0.38 -14.93
C ASP A 85 2.43 -0.38 -14.01
N SER A 86 2.21 -0.04 -12.75
CA SER A 86 3.29 0.00 -11.77
C SER A 86 2.74 0.21 -10.37
N ILE A 87 3.62 0.10 -9.37
CA ILE A 87 3.22 0.27 -7.97
C ILE A 87 2.55 1.62 -7.76
N PRO A 88 3.28 2.70 -8.07
CA PRO A 88 2.78 4.07 -7.93
C PRO A 88 1.68 4.40 -8.94
N LYS A 89 1.49 3.50 -9.90
CA LYS A 89 0.47 3.70 -10.92
C LYS A 89 -0.87 3.09 -10.49
N LEU A 90 -0.81 2.20 -9.50
CA LEU A 90 -2.01 1.55 -8.99
C LEU A 90 -2.62 2.36 -7.86
N ILE A 91 -1.77 2.92 -7.01
CA ILE A 91 -2.23 3.72 -5.88
C ILE A 91 -2.92 5.00 -6.35
N HIS A 92 -2.38 5.59 -7.41
CA HIS A 92 -2.95 6.81 -7.97
C HIS A 92 -4.41 6.62 -8.33
N TYR A 93 -4.73 5.48 -8.93
CA TYR A 93 -6.10 5.18 -9.33
C TYR A 93 -6.99 4.99 -8.12
N HIS A 94 -6.50 4.22 -7.15
CA HIS A 94 -7.26 3.95 -5.92
C HIS A 94 -7.67 5.26 -5.25
N GLN A 95 -6.71 6.17 -5.10
CA GLN A 95 -6.97 7.46 -4.47
C GLN A 95 -8.34 8.00 -4.88
N HIS A 96 -8.70 7.77 -6.14
CA HIS A 96 -9.98 8.24 -6.66
C HIS A 96 -11.05 7.16 -6.52
N ASN A 97 -10.94 6.12 -7.34
CA ASN A 97 -11.89 5.02 -7.31
C ASN A 97 -11.19 3.70 -7.00
N SER A 98 -11.74 2.96 -6.03
CA SER A 98 -11.16 1.68 -5.63
C SER A 98 -11.47 0.60 -6.67
N ALA A 99 -10.56 -0.36 -6.79
CA ALA A 99 -10.74 -1.45 -7.75
C ALA A 99 -10.95 -2.78 -7.03
N GLY A 100 -11.58 -3.72 -7.72
CA GLY A 100 -11.84 -5.03 -7.13
C GLY A 100 -12.25 -4.94 -5.67
N MET A 101 -11.37 -5.39 -4.78
CA MET A 101 -11.65 -5.36 -3.35
C MET A 101 -10.49 -4.75 -2.59
N ILE A 102 -10.38 -3.43 -2.64
CA ILE A 102 -9.31 -2.72 -1.95
C ILE A 102 -9.84 -1.51 -1.19
N THR A 103 -9.43 -1.37 0.06
CA THR A 103 -9.86 -0.26 0.90
C THR A 103 -9.62 1.08 0.20
N ARG A 104 -10.48 2.05 0.49
CA ARG A 104 -10.37 3.38 -0.11
C ARG A 104 -9.26 4.18 0.56
N LEU A 105 -8.06 4.13 -0.01
CA LEU A 105 -6.92 4.84 0.54
C LEU A 105 -7.32 6.26 0.95
N ARG A 106 -7.43 6.47 2.26
CA ARG A 106 -7.81 7.77 2.79
C ARG A 106 -6.63 8.75 2.72
N HIS A 107 -5.64 8.54 3.58
CA HIS A 107 -4.47 9.40 3.62
C HIS A 107 -3.19 8.56 3.60
N PRO A 108 -2.13 9.12 2.99
CA PRO A 108 -0.82 8.45 2.90
C PRO A 108 -0.12 8.36 4.25
N VAL A 109 0.62 7.28 4.45
CA VAL A 109 1.35 7.07 5.70
C VAL A 109 2.76 6.57 5.43
N SER A 110 3.67 6.83 6.36
CA SER A 110 5.07 6.41 6.23
C SER A 110 5.47 5.52 7.40
#